data_3VGP
# 
_entry.id   3VGP 
# 
_audit_conform.dict_name       mmcif_pdbx.dic 
_audit_conform.dict_version    5.398 
_audit_conform.dict_location   http://mmcif.pdb.org/dictionaries/ascii/mmcif_pdbx.dic 
# 
loop_
_database_2.database_id 
_database_2.database_code 
_database_2.pdbx_database_accession 
_database_2.pdbx_DOI 
PDB   3VGP         pdb_00003vgp 10.2210/pdb3vgp/pdb 
RCSB  RCSB095022   ?            ?                   
WWPDB D_1000095022 ?            ?                   
# 
loop_
_pdbx_audit_revision_history.ordinal 
_pdbx_audit_revision_history.data_content_type 
_pdbx_audit_revision_history.major_revision 
_pdbx_audit_revision_history.minor_revision 
_pdbx_audit_revision_history.revision_date 
1 'Structure model' 1 0 2012-07-04 
2 'Structure model' 1 1 2024-10-30 
# 
_pdbx_audit_revision_details.ordinal             1 
_pdbx_audit_revision_details.revision_ordinal    1 
_pdbx_audit_revision_details.data_content_type   'Structure model' 
_pdbx_audit_revision_details.provider            repository 
_pdbx_audit_revision_details.type                'Initial release' 
_pdbx_audit_revision_details.description         ? 
_pdbx_audit_revision_details.details             ? 
# 
loop_
_pdbx_audit_revision_group.ordinal 
_pdbx_audit_revision_group.revision_ordinal 
_pdbx_audit_revision_group.data_content_type 
_pdbx_audit_revision_group.group 
1 2 'Structure model' 'Data collection'      
2 2 'Structure model' 'Database references'  
3 2 'Structure model' 'Derived calculations' 
4 2 'Structure model' 'Structure summary'    
# 
loop_
_pdbx_audit_revision_category.ordinal 
_pdbx_audit_revision_category.revision_ordinal 
_pdbx_audit_revision_category.data_content_type 
_pdbx_audit_revision_category.category 
1 2 'Structure model' chem_comp_atom            
2 2 'Structure model' chem_comp_bond            
3 2 'Structure model' database_2                
4 2 'Structure model' pdbx_entry_details        
5 2 'Structure model' pdbx_modification_feature 
6 2 'Structure model' struct_conn               
7 2 'Structure model' struct_ref_seq_dif        
# 
loop_
_pdbx_audit_revision_item.ordinal 
_pdbx_audit_revision_item.revision_ordinal 
_pdbx_audit_revision_item.data_content_type 
_pdbx_audit_revision_item.item 
1 2 'Structure model' '_database_2.pdbx_DOI'                
2 2 'Structure model' '_database_2.pdbx_database_accession' 
3 2 'Structure model' '_struct_conn.pdbx_leaving_atom_flag' 
4 2 'Structure model' '_struct_ref_seq_dif.details'         
# 
_pdbx_database_status.status_code                     REL 
_pdbx_database_status.entry_id                        3VGP 
_pdbx_database_status.recvd_initial_deposition_date   2011-08-18 
_pdbx_database_status.deposit_site                    PDBJ 
_pdbx_database_status.process_site                    PDBJ 
_pdbx_database_status.status_code_sf                  REL 
_pdbx_database_status.status_code_mr                  ? 
_pdbx_database_status.SG_entry                        ? 
_pdbx_database_status.status_code_cs                  ? 
_pdbx_database_status.methods_development_category    ? 
_pdbx_database_status.pdb_format_compatible           Y 
_pdbx_database_status.status_code_nmr_data            ? 
# 
loop_
_audit_author.name 
_audit_author.pdbx_ordinal 
'Matsumoto, S.' 1 
'Igura, M.'     2 
'Nyirenda, J.'  3 
'Yuzawa, S.'    4 
'Noda, N.N.'    5 
'Inagaki, F.'   6 
'Kohda, D.'     7 
# 
_citation.id                        primary 
_citation.title                     
'Crystal Structure of the C-Terminal Globular Domain of Oligosaccharyltransferase from Archaeoglobus fulgidus at 1.75 A Resolution' 
_citation.journal_abbrev            Biochemistry 
_citation.journal_volume            51 
_citation.page_first                4157 
_citation.page_last                 4166 
_citation.year                      2012 
_citation.journal_id_ASTM           BICHAW 
_citation.country                   US 
_citation.journal_id_ISSN           0006-2960 
_citation.journal_id_CSD            0033 
_citation.book_publisher            ? 
_citation.pdbx_database_id_PubMed   22559858 
_citation.pdbx_database_id_DOI      10.1021/bi300076u 
# 
loop_
_citation_author.citation_id 
_citation_author.name 
_citation_author.ordinal 
_citation_author.identifier_ORCID 
primary 'Matsumoto, S.' 1 ? 
primary 'Igura, M.'     2 ? 
primary 'Nyirenda, J.'  3 ? 
primary 'Matsumoto, M.' 4 ? 
primary 'Yuzawa, S.'    5 ? 
primary 'Noda, N.N.'    6 ? 
primary 'Inagaki, F.'   7 ? 
primary 'Kohda, D.'     8 ? 
# 
loop_
_entity.id 
_entity.type 
_entity.src_method 
_entity.pdbx_description 
_entity.formula_weight 
_entity.pdbx_number_of_molecules 
_entity.pdbx_ec 
_entity.pdbx_mutation 
_entity.pdbx_fragment 
_entity.details 
1 polymer man 'Transmembrane oligosaccharyl transferase, putative' 19292.887 1   2.4.1.119 C482A 'C-terminal globular domain' ? 
2 water   nat water                                                18.015    154 ?         ?     ?                            ? 
# 
_entity_poly.entity_id                      1 
_entity_poly.type                           'polypeptide(L)' 
_entity_poly.nstd_linkage                   no 
_entity_poly.nstd_monomer                   yes 
_entity_poly.pdbx_seq_one_letter_code       
;GPDLTEDWKEALEW(MSE)RTSLEEQNYLNPYEKPEYSV(MSE)SWWDYGNWILYVSKKAVVANNFQAGAVDAAKFFTAK
SEDEAIKIAKKRGVRYVVTADEIT(MSE)KDANNTKFPAI(MSE)RIAGYNVDL(MSE)TEGEILNFFNHTVLYRLH
(MSE)ENAENLTHFRLVKEFGDVKIFEVVGS
;
_entity_poly.pdbx_seq_one_letter_code_can   
;GPDLTEDWKEALEWMRTSLEEQNYLNPYEKPEYSVMSWWDYGNWILYVSKKAVVANNFQAGAVDAAKFFTAKSEDEAIKI
AKKRGVRYVVTADEITMKDANNTKFPAIMRIAGYNVDLMTEGEILNFFNHTVLYRLHMENAENLTHFRLVKEFGDVKIFE
VVGS
;
_entity_poly.pdbx_strand_id                 A 
_entity_poly.pdbx_target_identifier         ? 
# 
_pdbx_entity_nonpoly.entity_id   2 
_pdbx_entity_nonpoly.name        water 
_pdbx_entity_nonpoly.comp_id     HOH 
# 
loop_
_entity_poly_seq.entity_id 
_entity_poly_seq.num 
_entity_poly_seq.mon_id 
_entity_poly_seq.hetero 
1 1   GLY n 
1 2   PRO n 
1 3   ASP n 
1 4   LEU n 
1 5   THR n 
1 6   GLU n 
1 7   ASP n 
1 8   TRP n 
1 9   LYS n 
1 10  GLU n 
1 11  ALA n 
1 12  LEU n 
1 13  GLU n 
1 14  TRP n 
1 15  MSE n 
1 16  ARG n 
1 17  THR n 
1 18  SER n 
1 19  LEU n 
1 20  GLU n 
1 21  GLU n 
1 22  GLN n 
1 23  ASN n 
1 24  TYR n 
1 25  LEU n 
1 26  ASN n 
1 27  PRO n 
1 28  TYR n 
1 29  GLU n 
1 30  LYS n 
1 31  PRO n 
1 32  GLU n 
1 33  TYR n 
1 34  SER n 
1 35  VAL n 
1 36  MSE n 
1 37  SER n 
1 38  TRP n 
1 39  TRP n 
1 40  ASP n 
1 41  TYR n 
1 42  GLY n 
1 43  ASN n 
1 44  TRP n 
1 45  ILE n 
1 46  LEU n 
1 47  TYR n 
1 48  VAL n 
1 49  SER n 
1 50  LYS n 
1 51  LYS n 
1 52  ALA n 
1 53  VAL n 
1 54  VAL n 
1 55  ALA n 
1 56  ASN n 
1 57  ASN n 
1 58  PHE n 
1 59  GLN n 
1 60  ALA n 
1 61  GLY n 
1 62  ALA n 
1 63  VAL n 
1 64  ASP n 
1 65  ALA n 
1 66  ALA n 
1 67  LYS n 
1 68  PHE n 
1 69  PHE n 
1 70  THR n 
1 71  ALA n 
1 72  LYS n 
1 73  SER n 
1 74  GLU n 
1 75  ASP n 
1 76  GLU n 
1 77  ALA n 
1 78  ILE n 
1 79  LYS n 
1 80  ILE n 
1 81  ALA n 
1 82  LYS n 
1 83  LYS n 
1 84  ARG n 
1 85  GLY n 
1 86  VAL n 
1 87  ARG n 
1 88  TYR n 
1 89  VAL n 
1 90  VAL n 
1 91  THR n 
1 92  ALA n 
1 93  ASP n 
1 94  GLU n 
1 95  ILE n 
1 96  THR n 
1 97  MSE n 
1 98  LYS n 
1 99  ASP n 
1 100 ALA n 
1 101 ASN n 
1 102 ASN n 
1 103 THR n 
1 104 LYS n 
1 105 PHE n 
1 106 PRO n 
1 107 ALA n 
1 108 ILE n 
1 109 MSE n 
1 110 ARG n 
1 111 ILE n 
1 112 ALA n 
1 113 GLY n 
1 114 TYR n 
1 115 ASN n 
1 116 VAL n 
1 117 ASP n 
1 118 LEU n 
1 119 MSE n 
1 120 THR n 
1 121 GLU n 
1 122 GLY n 
1 123 GLU n 
1 124 ILE n 
1 125 LEU n 
1 126 ASN n 
1 127 PHE n 
1 128 PHE n 
1 129 ASN n 
1 130 HIS n 
1 131 THR n 
1 132 VAL n 
1 133 LEU n 
1 134 TYR n 
1 135 ARG n 
1 136 LEU n 
1 137 HIS n 
1 138 MSE n 
1 139 GLU n 
1 140 ASN n 
1 141 ALA n 
1 142 GLU n 
1 143 ASN n 
1 144 LEU n 
1 145 THR n 
1 146 HIS n 
1 147 PHE n 
1 148 ARG n 
1 149 LEU n 
1 150 VAL n 
1 151 LYS n 
1 152 GLU n 
1 153 PHE n 
1 154 GLY n 
1 155 ASP n 
1 156 VAL n 
1 157 LYS n 
1 158 ILE n 
1 159 PHE n 
1 160 GLU n 
1 161 VAL n 
1 162 VAL n 
1 163 GLY n 
1 164 SER n 
# 
_entity_src_gen.entity_id                          1 
_entity_src_gen.pdbx_src_id                        1 
_entity_src_gen.pdbx_alt_source_flag               sample 
_entity_src_gen.pdbx_seq_type                      ? 
_entity_src_gen.pdbx_beg_seq_num                   ? 
_entity_src_gen.pdbx_end_seq_num                   ? 
_entity_src_gen.gene_src_common_name               ? 
_entity_src_gen.gene_src_genus                     ? 
_entity_src_gen.pdbx_gene_src_gene                 AF_0329 
_entity_src_gen.gene_src_species                   ? 
_entity_src_gen.gene_src_strain                    'DSM 4304' 
_entity_src_gen.gene_src_tissue                    ? 
_entity_src_gen.gene_src_tissue_fraction           ? 
_entity_src_gen.gene_src_details                   ? 
_entity_src_gen.pdbx_gene_src_fragment             ? 
_entity_src_gen.pdbx_gene_src_scientific_name      'Archaeoglobus fulgidus' 
_entity_src_gen.pdbx_gene_src_ncbi_taxonomy_id     224325 
_entity_src_gen.pdbx_gene_src_variant              ? 
_entity_src_gen.pdbx_gene_src_cell_line            ? 
_entity_src_gen.pdbx_gene_src_atcc                 ? 
_entity_src_gen.pdbx_gene_src_organ                ? 
_entity_src_gen.pdbx_gene_src_organelle            ? 
_entity_src_gen.pdbx_gene_src_cell                 ? 
_entity_src_gen.pdbx_gene_src_cellular_location    ? 
_entity_src_gen.host_org_common_name               ? 
_entity_src_gen.pdbx_host_org_scientific_name      'Escherichia coli' 
_entity_src_gen.pdbx_host_org_ncbi_taxonomy_id     562 
_entity_src_gen.host_org_genus                     ? 
_entity_src_gen.pdbx_host_org_gene                 ? 
_entity_src_gen.pdbx_host_org_organ                ? 
_entity_src_gen.host_org_species                   ? 
_entity_src_gen.pdbx_host_org_tissue               ? 
_entity_src_gen.pdbx_host_org_tissue_fraction      ? 
_entity_src_gen.pdbx_host_org_strain               'BL21 Gold (DE3)' 
_entity_src_gen.pdbx_host_org_variant              ? 
_entity_src_gen.pdbx_host_org_cell_line            ? 
_entity_src_gen.pdbx_host_org_atcc                 ? 
_entity_src_gen.pdbx_host_org_culture_collection   ? 
_entity_src_gen.pdbx_host_org_cell                 ? 
_entity_src_gen.pdbx_host_org_organelle            ? 
_entity_src_gen.pdbx_host_org_cellular_location    ? 
_entity_src_gen.pdbx_host_org_vector_type          PLASMID 
_entity_src_gen.pdbx_host_org_vector               ? 
_entity_src_gen.host_org_details                   ? 
_entity_src_gen.expression_system_id               ? 
_entity_src_gen.plasmid_name                       pET-47b 
_entity_src_gen.plasmid_details                    ? 
_entity_src_gen.pdbx_description                   ? 
# 
loop_
_chem_comp.id 
_chem_comp.type 
_chem_comp.mon_nstd_flag 
_chem_comp.name 
_chem_comp.pdbx_synonyms 
_chem_comp.formula 
_chem_comp.formula_weight 
ALA 'L-peptide linking' y ALANINE          ? 'C3 H7 N O2'     89.093  
ARG 'L-peptide linking' y ARGININE         ? 'C6 H15 N4 O2 1' 175.209 
ASN 'L-peptide linking' y ASPARAGINE       ? 'C4 H8 N2 O3'    132.118 
ASP 'L-peptide linking' y 'ASPARTIC ACID'  ? 'C4 H7 N O4'     133.103 
CYS 'L-peptide linking' y CYSTEINE         ? 'C3 H7 N O2 S'   121.158 
GLN 'L-peptide linking' y GLUTAMINE        ? 'C5 H10 N2 O3'   146.144 
GLU 'L-peptide linking' y 'GLUTAMIC ACID'  ? 'C5 H9 N O4'     147.129 
GLY 'peptide linking'   y GLYCINE          ? 'C2 H5 N O2'     75.067  
HIS 'L-peptide linking' y HISTIDINE        ? 'C6 H10 N3 O2 1' 156.162 
HOH non-polymer         . WATER            ? 'H2 O'           18.015  
ILE 'L-peptide linking' y ISOLEUCINE       ? 'C6 H13 N O2'    131.173 
LEU 'L-peptide linking' y LEUCINE          ? 'C6 H13 N O2'    131.173 
LYS 'L-peptide linking' y LYSINE           ? 'C6 H15 N2 O2 1' 147.195 
MSE 'L-peptide linking' n SELENOMETHIONINE ? 'C5 H11 N O2 Se' 196.106 
PHE 'L-peptide linking' y PHENYLALANINE    ? 'C9 H11 N O2'    165.189 
PRO 'L-peptide linking' y PROLINE          ? 'C5 H9 N O2'     115.130 
SER 'L-peptide linking' y SERINE           ? 'C3 H7 N O3'     105.093 
THR 'L-peptide linking' y THREONINE        ? 'C4 H9 N O3'     119.119 
TRP 'L-peptide linking' y TRYPTOPHAN       ? 'C11 H12 N2 O2'  204.225 
TYR 'L-peptide linking' y TYROSINE         ? 'C9 H11 N O3'    181.189 
VAL 'L-peptide linking' y VALINE           ? 'C5 H11 N O2'    117.146 
# 
loop_
_pdbx_poly_seq_scheme.asym_id 
_pdbx_poly_seq_scheme.entity_id 
_pdbx_poly_seq_scheme.seq_id 
_pdbx_poly_seq_scheme.mon_id 
_pdbx_poly_seq_scheme.ndb_seq_num 
_pdbx_poly_seq_scheme.pdb_seq_num 
_pdbx_poly_seq_scheme.auth_seq_num 
_pdbx_poly_seq_scheme.pdb_mon_id 
_pdbx_poly_seq_scheme.auth_mon_id 
_pdbx_poly_seq_scheme.pdb_strand_id 
_pdbx_poly_seq_scheme.pdb_ins_code 
_pdbx_poly_seq_scheme.hetero 
A 1 1   GLY 1   428 428 GLY GLY A . n 
A 1 2   PRO 2   429 429 PRO PRO A . n 
A 1 3   ASP 3   430 430 ASP ASP A . n 
A 1 4   LEU 4   431 431 LEU LEU A . n 
A 1 5   THR 5   432 432 THR THR A . n 
A 1 6   GLU 6   433 433 GLU GLU A . n 
A 1 7   ASP 7   434 434 ASP ASP A . n 
A 1 8   TRP 8   435 435 TRP TRP A . n 
A 1 9   LYS 9   436 436 LYS LYS A . n 
A 1 10  GLU 10  437 437 GLU GLU A . n 
A 1 11  ALA 11  438 438 ALA ALA A . n 
A 1 12  LEU 12  439 439 LEU LEU A . n 
A 1 13  GLU 13  440 440 GLU GLU A . n 
A 1 14  TRP 14  441 441 TRP TRP A . n 
A 1 15  MSE 15  442 442 MSE MSE A . n 
A 1 16  ARG 16  443 443 ARG ARG A . n 
A 1 17  THR 17  444 444 THR THR A . n 
A 1 18  SER 18  445 445 SER SER A . n 
A 1 19  LEU 19  446 446 LEU LEU A . n 
A 1 20  GLU 20  447 447 GLU GLU A . n 
A 1 21  GLU 21  448 448 GLU GLU A . n 
A 1 22  GLN 22  449 449 GLN GLN A . n 
A 1 23  ASN 23  450 450 ASN ASN A . n 
A 1 24  TYR 24  451 451 TYR TYR A . n 
A 1 25  LEU 25  452 ?   ?   ?   A . n 
A 1 26  ASN 26  453 453 ASN ASN A . n 
A 1 27  PRO 27  454 454 PRO PRO A . n 
A 1 28  TYR 28  455 455 TYR TYR A . n 
A 1 29  GLU 29  456 456 GLU GLU A . n 
A 1 30  LYS 30  457 457 LYS LYS A . n 
A 1 31  PRO 31  458 458 PRO PRO A . n 
A 1 32  GLU 32  459 459 GLU GLU A . n 
A 1 33  TYR 33  460 460 TYR TYR A . n 
A 1 34  SER 34  461 461 SER SER A . n 
A 1 35  VAL 35  462 462 VAL VAL A . n 
A 1 36  MSE 36  463 463 MSE MSE A . n 
A 1 37  SER 37  464 464 SER SER A . n 
A 1 38  TRP 38  465 465 TRP TRP A . n 
A 1 39  TRP 39  466 466 TRP TRP A . n 
A 1 40  ASP 40  467 467 ASP ASP A . n 
A 1 41  TYR 41  468 468 TYR TYR A . n 
A 1 42  GLY 42  469 469 GLY GLY A . n 
A 1 43  ASN 43  470 470 ASN ASN A . n 
A 1 44  TRP 44  471 471 TRP TRP A . n 
A 1 45  ILE 45  472 472 ILE ILE A . n 
A 1 46  LEU 46  473 473 LEU LEU A . n 
A 1 47  TYR 47  474 474 TYR TYR A . n 
A 1 48  VAL 48  475 475 VAL VAL A . n 
A 1 49  SER 49  476 476 SER SER A . n 
A 1 50  LYS 50  477 477 LYS LYS A . n 
A 1 51  LYS 51  478 478 LYS LYS A . n 
A 1 52  ALA 52  479 479 ALA ALA A . n 
A 1 53  VAL 53  480 480 VAL VAL A . n 
A 1 54  VAL 54  481 481 VAL VAL A . n 
A 1 55  ALA 55  482 482 ALA ALA A . n 
A 1 56  ASN 56  483 483 ASN ASN A . n 
A 1 57  ASN 57  484 484 ASN ASN A . n 
A 1 58  PHE 58  485 485 PHE PHE A . n 
A 1 59  GLN 59  486 486 GLN GLN A . n 
A 1 60  ALA 60  487 487 ALA ALA A . n 
A 1 61  GLY 61  488 488 GLY GLY A . n 
A 1 62  ALA 62  489 489 ALA ALA A . n 
A 1 63  VAL 63  490 490 VAL VAL A . n 
A 1 64  ASP 64  491 491 ASP ASP A . n 
A 1 65  ALA 65  492 492 ALA ALA A . n 
A 1 66  ALA 66  493 493 ALA ALA A . n 
A 1 67  LYS 67  494 494 LYS LYS A . n 
A 1 68  PHE 68  495 495 PHE PHE A . n 
A 1 69  PHE 69  496 496 PHE PHE A . n 
A 1 70  THR 70  497 497 THR THR A . n 
A 1 71  ALA 71  498 498 ALA ALA A . n 
A 1 72  LYS 72  499 499 LYS LYS A . n 
A 1 73  SER 73  500 500 SER SER A . n 
A 1 74  GLU 74  501 501 GLU GLU A . n 
A 1 75  ASP 75  502 502 ASP ASP A . n 
A 1 76  GLU 76  503 503 GLU GLU A . n 
A 1 77  ALA 77  504 504 ALA ALA A . n 
A 1 78  ILE 78  505 505 ILE ILE A . n 
A 1 79  LYS 79  506 506 LYS LYS A . n 
A 1 80  ILE 80  507 507 ILE ILE A . n 
A 1 81  ALA 81  508 508 ALA ALA A . n 
A 1 82  LYS 82  509 509 LYS LYS A . n 
A 1 83  LYS 83  510 510 LYS LYS A . n 
A 1 84  ARG 84  511 511 ARG ARG A . n 
A 1 85  GLY 85  512 512 GLY GLY A . n 
A 1 86  VAL 86  513 513 VAL VAL A . n 
A 1 87  ARG 87  514 514 ARG ARG A . n 
A 1 88  TYR 88  515 515 TYR TYR A . n 
A 1 89  VAL 89  516 516 VAL VAL A . n 
A 1 90  VAL 90  517 517 VAL VAL A . n 
A 1 91  THR 91  518 518 THR THR A . n 
A 1 92  ALA 92  519 519 ALA ALA A . n 
A 1 93  ASP 93  520 520 ASP ASP A . n 
A 1 94  GLU 94  521 521 GLU GLU A . n 
A 1 95  ILE 95  522 522 ILE ILE A . n 
A 1 96  THR 96  523 523 THR THR A . n 
A 1 97  MSE 97  524 524 MSE MSE A . n 
A 1 98  LYS 98  525 525 LYS LYS A . n 
A 1 99  ASP 99  526 526 ASP ASP A . n 
A 1 100 ALA 100 527 527 ALA ALA A . n 
A 1 101 ASN 101 528 528 ASN ASN A . n 
A 1 102 ASN 102 529 529 ASN ASN A . n 
A 1 103 THR 103 530 530 THR THR A . n 
A 1 104 LYS 104 531 531 LYS LYS A . n 
A 1 105 PHE 105 532 532 PHE PHE A . n 
A 1 106 PRO 106 533 533 PRO PRO A . n 
A 1 107 ALA 107 534 534 ALA ALA A . n 
A 1 108 ILE 108 535 535 ILE ILE A . n 
A 1 109 MSE 109 536 536 MSE MSE A . n 
A 1 110 ARG 110 537 537 ARG ARG A . n 
A 1 111 ILE 111 538 538 ILE ILE A . n 
A 1 112 ALA 112 539 539 ALA ALA A . n 
A 1 113 GLY 113 540 540 GLY GLY A . n 
A 1 114 TYR 114 541 541 TYR TYR A . n 
A 1 115 ASN 115 542 542 ASN ASN A . n 
A 1 116 VAL 116 543 543 VAL VAL A . n 
A 1 117 ASP 117 544 544 ASP ASP A . n 
A 1 118 LEU 118 545 545 LEU LEU A . n 
A 1 119 MSE 119 546 546 MSE MSE A . n 
A 1 120 THR 120 547 547 THR THR A . n 
A 1 121 GLU 121 548 548 GLU GLU A . n 
A 1 122 GLY 122 549 549 GLY GLY A . n 
A 1 123 GLU 123 550 550 GLU GLU A . n 
A 1 124 ILE 124 551 551 ILE ILE A . n 
A 1 125 LEU 125 552 552 LEU LEU A . n 
A 1 126 ASN 126 553 553 ASN ASN A . n 
A 1 127 PHE 127 554 554 PHE PHE A . n 
A 1 128 PHE 128 555 555 PHE PHE A . n 
A 1 129 ASN 129 556 556 ASN ASN A . n 
A 1 130 HIS 130 557 557 HIS HIS A . n 
A 1 131 THR 131 558 558 THR THR A . n 
A 1 132 VAL 132 559 559 VAL VAL A . n 
A 1 133 LEU 133 560 560 LEU LEU A . n 
A 1 134 TYR 134 561 561 TYR TYR A . n 
A 1 135 ARG 135 562 562 ARG ARG A . n 
A 1 136 LEU 136 563 563 LEU LEU A . n 
A 1 137 HIS 137 564 564 HIS HIS A . n 
A 1 138 MSE 138 565 565 MSE MSE A . n 
A 1 139 GLU 139 566 566 GLU GLU A . n 
A 1 140 ASN 140 567 567 ASN ASN A . n 
A 1 141 ALA 141 568 568 ALA ALA A . n 
A 1 142 GLU 142 569 569 GLU GLU A . n 
A 1 143 ASN 143 570 570 ASN ASN A . n 
A 1 144 LEU 144 571 571 LEU LEU A . n 
A 1 145 THR 145 572 572 THR THR A . n 
A 1 146 HIS 146 573 573 HIS HIS A . n 
A 1 147 PHE 147 574 574 PHE PHE A . n 
A 1 148 ARG 148 575 575 ARG ARG A . n 
A 1 149 LEU 149 576 576 LEU LEU A . n 
A 1 150 VAL 150 577 577 VAL VAL A . n 
A 1 151 LYS 151 578 578 LYS LYS A . n 
A 1 152 GLU 152 579 579 GLU GLU A . n 
A 1 153 PHE 153 580 580 PHE PHE A . n 
A 1 154 GLY 154 581 581 GLY GLY A . n 
A 1 155 ASP 155 582 582 ASP ASP A . n 
A 1 156 VAL 156 583 583 VAL VAL A . n 
A 1 157 LYS 157 584 584 LYS LYS A . n 
A 1 158 ILE 158 585 585 ILE ILE A . n 
A 1 159 PHE 159 586 586 PHE PHE A . n 
A 1 160 GLU 160 587 587 GLU GLU A . n 
A 1 161 VAL 161 588 588 VAL VAL A . n 
A 1 162 VAL 162 589 589 VAL VAL A . n 
A 1 163 GLY 163 590 590 GLY GLY A . n 
A 1 164 SER 164 591 591 SER SER A . n 
# 
loop_
_pdbx_nonpoly_scheme.asym_id 
_pdbx_nonpoly_scheme.entity_id 
_pdbx_nonpoly_scheme.mon_id 
_pdbx_nonpoly_scheme.ndb_seq_num 
_pdbx_nonpoly_scheme.pdb_seq_num 
_pdbx_nonpoly_scheme.auth_seq_num 
_pdbx_nonpoly_scheme.pdb_mon_id 
_pdbx_nonpoly_scheme.auth_mon_id 
_pdbx_nonpoly_scheme.pdb_strand_id 
_pdbx_nonpoly_scheme.pdb_ins_code 
B 2 HOH 1   1   1   HOH HOH A . 
B 2 HOH 2   2   2   HOH HOH A . 
B 2 HOH 3   3   3   HOH HOH A . 
B 2 HOH 4   4   4   HOH HOH A . 
B 2 HOH 5   5   5   HOH HOH A . 
B 2 HOH 6   6   6   HOH HOH A . 
B 2 HOH 7   7   7   HOH HOH A . 
B 2 HOH 8   8   8   HOH HOH A . 
B 2 HOH 9   9   9   HOH HOH A . 
B 2 HOH 10  10  10  HOH HOH A . 
B 2 HOH 11  11  11  HOH HOH A . 
B 2 HOH 12  12  12  HOH HOH A . 
B 2 HOH 13  13  13  HOH HOH A . 
B 2 HOH 14  14  14  HOH HOH A . 
B 2 HOH 15  15  15  HOH HOH A . 
B 2 HOH 16  16  16  HOH HOH A . 
B 2 HOH 17  17  17  HOH HOH A . 
B 2 HOH 18  18  18  HOH HOH A . 
B 2 HOH 19  19  19  HOH HOH A . 
B 2 HOH 20  20  20  HOH HOH A . 
B 2 HOH 21  21  21  HOH HOH A . 
B 2 HOH 22  22  22  HOH HOH A . 
B 2 HOH 23  23  23  HOH HOH A . 
B 2 HOH 24  24  24  HOH HOH A . 
B 2 HOH 25  25  25  HOH HOH A . 
B 2 HOH 26  26  26  HOH HOH A . 
B 2 HOH 27  27  27  HOH HOH A . 
B 2 HOH 28  28  28  HOH HOH A . 
B 2 HOH 29  29  29  HOH HOH A . 
B 2 HOH 30  30  30  HOH HOH A . 
B 2 HOH 31  31  31  HOH HOH A . 
B 2 HOH 32  32  32  HOH HOH A . 
B 2 HOH 33  33  33  HOH HOH A . 
B 2 HOH 34  34  34  HOH HOH A . 
B 2 HOH 35  35  35  HOH HOH A . 
B 2 HOH 36  36  36  HOH HOH A . 
B 2 HOH 37  37  37  HOH HOH A . 
B 2 HOH 38  38  38  HOH HOH A . 
B 2 HOH 39  39  39  HOH HOH A . 
B 2 HOH 40  40  40  HOH HOH A . 
B 2 HOH 41  41  41  HOH HOH A . 
B 2 HOH 42  42  42  HOH HOH A . 
B 2 HOH 43  43  43  HOH HOH A . 
B 2 HOH 44  44  44  HOH HOH A . 
B 2 HOH 45  45  45  HOH HOH A . 
B 2 HOH 46  46  46  HOH HOH A . 
B 2 HOH 47  47  47  HOH HOH A . 
B 2 HOH 48  48  48  HOH HOH A . 
B 2 HOH 49  49  49  HOH HOH A . 
B 2 HOH 50  50  50  HOH HOH A . 
B 2 HOH 51  51  51  HOH HOH A . 
B 2 HOH 52  52  52  HOH HOH A . 
B 2 HOH 53  53  53  HOH HOH A . 
B 2 HOH 54  54  54  HOH HOH A . 
B 2 HOH 55  55  55  HOH HOH A . 
B 2 HOH 56  56  56  HOH HOH A . 
B 2 HOH 57  57  57  HOH HOH A . 
B 2 HOH 58  58  58  HOH HOH A . 
B 2 HOH 59  59  59  HOH HOH A . 
B 2 HOH 60  60  60  HOH HOH A . 
B 2 HOH 61  61  61  HOH HOH A . 
B 2 HOH 62  62  62  HOH HOH A . 
B 2 HOH 63  63  63  HOH HOH A . 
B 2 HOH 64  64  64  HOH HOH A . 
B 2 HOH 65  65  65  HOH HOH A . 
B 2 HOH 66  66  66  HOH HOH A . 
B 2 HOH 67  67  67  HOH HOH A . 
B 2 HOH 68  68  68  HOH HOH A . 
B 2 HOH 69  69  69  HOH HOH A . 
B 2 HOH 70  70  70  HOH HOH A . 
B 2 HOH 71  71  71  HOH HOH A . 
B 2 HOH 72  72  72  HOH HOH A . 
B 2 HOH 73  73  73  HOH HOH A . 
B 2 HOH 74  74  74  HOH HOH A . 
B 2 HOH 75  75  75  HOH HOH A . 
B 2 HOH 76  76  76  HOH HOH A . 
B 2 HOH 77  77  77  HOH HOH A . 
B 2 HOH 78  78  78  HOH HOH A . 
B 2 HOH 79  79  79  HOH HOH A . 
B 2 HOH 80  80  80  HOH HOH A . 
B 2 HOH 81  81  81  HOH HOH A . 
B 2 HOH 82  82  82  HOH HOH A . 
B 2 HOH 83  83  83  HOH HOH A . 
B 2 HOH 84  84  84  HOH HOH A . 
B 2 HOH 85  85  85  HOH HOH A . 
B 2 HOH 86  86  86  HOH HOH A . 
B 2 HOH 87  87  87  HOH HOH A . 
B 2 HOH 88  88  88  HOH HOH A . 
B 2 HOH 89  89  89  HOH HOH A . 
B 2 HOH 90  90  90  HOH HOH A . 
B 2 HOH 91  91  91  HOH HOH A . 
B 2 HOH 92  92  92  HOH HOH A . 
B 2 HOH 93  93  93  HOH HOH A . 
B 2 HOH 94  94  94  HOH HOH A . 
B 2 HOH 95  95  95  HOH HOH A . 
B 2 HOH 96  96  96  HOH HOH A . 
B 2 HOH 97  97  97  HOH HOH A . 
B 2 HOH 98  98  98  HOH HOH A . 
B 2 HOH 99  99  99  HOH HOH A . 
B 2 HOH 100 100 100 HOH HOH A . 
B 2 HOH 101 101 101 HOH HOH A . 
B 2 HOH 102 102 102 HOH HOH A . 
B 2 HOH 103 103 103 HOH HOH A . 
B 2 HOH 104 104 104 HOH HOH A . 
B 2 HOH 105 105 105 HOH HOH A . 
B 2 HOH 106 106 106 HOH HOH A . 
B 2 HOH 107 107 107 HOH HOH A . 
B 2 HOH 108 108 108 HOH HOH A . 
B 2 HOH 109 109 109 HOH HOH A . 
B 2 HOH 110 110 110 HOH HOH A . 
B 2 HOH 111 111 111 HOH HOH A . 
B 2 HOH 112 112 112 HOH HOH A . 
B 2 HOH 113 113 113 HOH HOH A . 
B 2 HOH 114 114 114 HOH HOH A . 
B 2 HOH 115 115 115 HOH HOH A . 
B 2 HOH 116 116 116 HOH HOH A . 
B 2 HOH 117 117 117 HOH HOH A . 
B 2 HOH 118 118 118 HOH HOH A . 
B 2 HOH 119 119 119 HOH HOH A . 
B 2 HOH 120 120 120 HOH HOH A . 
B 2 HOH 121 121 121 HOH HOH A . 
B 2 HOH 122 122 122 HOH HOH A . 
B 2 HOH 123 123 123 HOH HOH A . 
B 2 HOH 124 124 124 HOH HOH A . 
B 2 HOH 125 125 125 HOH HOH A . 
B 2 HOH 126 126 126 HOH HOH A . 
B 2 HOH 127 127 127 HOH HOH A . 
B 2 HOH 128 128 128 HOH HOH A . 
B 2 HOH 129 129 129 HOH HOH A . 
B 2 HOH 130 130 130 HOH HOH A . 
B 2 HOH 131 131 131 HOH HOH A . 
B 2 HOH 132 132 132 HOH HOH A . 
B 2 HOH 133 133 133 HOH HOH A . 
B 2 HOH 134 134 134 HOH HOH A . 
B 2 HOH 135 135 135 HOH HOH A . 
B 2 HOH 136 136 136 HOH HOH A . 
B 2 HOH 137 137 137 HOH HOH A . 
B 2 HOH 138 138 138 HOH HOH A . 
B 2 HOH 139 139 139 HOH HOH A . 
B 2 HOH 140 140 140 HOH HOH A . 
B 2 HOH 141 141 141 HOH HOH A . 
B 2 HOH 142 142 142 HOH HOH A . 
B 2 HOH 143 143 143 HOH HOH A . 
B 2 HOH 144 144 144 HOH HOH A . 
B 2 HOH 145 145 145 HOH HOH A . 
B 2 HOH 146 146 146 HOH HOH A . 
B 2 HOH 147 147 147 HOH HOH A . 
B 2 HOH 148 148 148 HOH HOH A . 
B 2 HOH 149 149 149 HOH HOH A . 
B 2 HOH 150 150 150 HOH HOH A . 
B 2 HOH 151 151 151 HOH HOH A . 
B 2 HOH 152 152 152 HOH HOH A . 
B 2 HOH 153 153 153 HOH HOH A . 
B 2 HOH 154 154 154 HOH HOH A . 
# 
loop_
_pdbx_unobs_or_zero_occ_atoms.id 
_pdbx_unobs_or_zero_occ_atoms.PDB_model_num 
_pdbx_unobs_or_zero_occ_atoms.polymer_flag 
_pdbx_unobs_or_zero_occ_atoms.occupancy_flag 
_pdbx_unobs_or_zero_occ_atoms.auth_asym_id 
_pdbx_unobs_or_zero_occ_atoms.auth_comp_id 
_pdbx_unobs_or_zero_occ_atoms.auth_seq_id 
_pdbx_unobs_or_zero_occ_atoms.PDB_ins_code 
_pdbx_unobs_or_zero_occ_atoms.auth_atom_id 
_pdbx_unobs_or_zero_occ_atoms.label_alt_id 
_pdbx_unobs_or_zero_occ_atoms.label_asym_id 
_pdbx_unobs_or_zero_occ_atoms.label_comp_id 
_pdbx_unobs_or_zero_occ_atoms.label_seq_id 
_pdbx_unobs_or_zero_occ_atoms.label_atom_id 
1  1 Y 1 A ASP 430 ? CG  ? A ASP 3   CG  
2  1 Y 1 A ASP 430 ? OD1 ? A ASP 3   OD1 
3  1 Y 1 A ASP 430 ? OD2 ? A ASP 3   OD2 
4  1 Y 1 A ARG 443 ? CG  ? A ARG 16  CG  
5  1 Y 1 A ARG 443 ? CD  ? A ARG 16  CD  
6  1 Y 1 A ARG 443 ? NE  ? A ARG 16  NE  
7  1 Y 1 A ARG 443 ? CZ  ? A ARG 16  CZ  
8  1 Y 1 A ARG 443 ? NH1 ? A ARG 16  NH1 
9  1 Y 1 A ARG 443 ? NH2 ? A ARG 16  NH2 
10 1 Y 1 A GLN 449 ? CG  ? A GLN 22  CG  
11 1 Y 1 A GLN 449 ? CD  ? A GLN 22  CD  
12 1 Y 1 A GLN 449 ? OE1 ? A GLN 22  OE1 
13 1 Y 1 A GLN 449 ? NE2 ? A GLN 22  NE2 
14 1 Y 1 A ASN 453 ? CG  ? A ASN 26  CG  
15 1 Y 1 A ASN 453 ? OD1 ? A ASN 26  OD1 
16 1 Y 1 A ASN 453 ? ND2 ? A ASN 26  ND2 
17 1 Y 1 A GLU 456 ? CG  ? A GLU 29  CG  
18 1 Y 1 A GLU 456 ? CD  ? A GLU 29  CD  
19 1 Y 1 A GLU 456 ? OE1 ? A GLU 29  OE1 
20 1 Y 1 A GLU 456 ? OE2 ? A GLU 29  OE2 
21 1 Y 1 A LYS 478 ? CG  ? A LYS 51  CG  
22 1 Y 1 A LYS 478 ? CD  ? A LYS 51  CD  
23 1 Y 1 A LYS 478 ? CE  ? A LYS 51  CE  
24 1 Y 1 A LYS 478 ? NZ  ? A LYS 51  NZ  
25 1 Y 1 A GLU 503 ? CG  ? A GLU 76  CG  
26 1 Y 1 A GLU 503 ? CD  ? A GLU 76  CD  
27 1 Y 1 A GLU 503 ? OE1 ? A GLU 76  OE1 
28 1 Y 1 A GLU 503 ? OE2 ? A GLU 76  OE2 
29 1 Y 1 A GLU 569 ? CG  ? A GLU 142 CG  
30 1 Y 1 A GLU 569 ? CD  ? A GLU 142 CD  
31 1 Y 1 A GLU 569 ? OE1 ? A GLU 142 OE1 
32 1 Y 1 A GLU 569 ? OE2 ? A GLU 142 OE2 
# 
loop_
_software.name 
_software.classification 
_software.version 
_software.citation_id 
_software.pdbx_ordinal 
HKL-2000 'data collection' . ? 1 
SHARP    phasing           . ? 2 
CNS      refinement        . ? 3 
HKL-2000 'data reduction'  . ? 4 
HKL-2000 'data scaling'    . ? 5 
# 
_cell.entry_id           3VGP 
_cell.length_a           47.046 
_cell.length_b           47.046 
_cell.length_c           159.822 
_cell.angle_alpha        90.00 
_cell.angle_beta         90.00 
_cell.angle_gamma        90.00 
_cell.Z_PDB              8 
_cell.pdbx_unique_axis   ? 
_cell.length_a_esd       ? 
_cell.length_b_esd       ? 
_cell.length_c_esd       ? 
_cell.angle_alpha_esd    ? 
_cell.angle_beta_esd     ? 
_cell.angle_gamma_esd    ? 
# 
_symmetry.entry_id                         3VGP 
_symmetry.space_group_name_H-M             'P 41 21 2' 
_symmetry.pdbx_full_space_group_name_H-M   ? 
_symmetry.cell_setting                     ? 
_symmetry.Int_Tables_number                92 
_symmetry.space_group_name_Hall            ? 
# 
_exptl.entry_id          3VGP 
_exptl.method            'X-RAY DIFFRACTION' 
_exptl.crystals_number   1 
# 
_exptl_crystal.id                    1 
_exptl_crystal.density_meas          ? 
_exptl_crystal.density_Matthews      2.29 
_exptl_crystal.density_percent_sol   46.33 
_exptl_crystal.description           ? 
_exptl_crystal.F_000                 ? 
_exptl_crystal.preparation           ? 
# 
_exptl_crystal_grow.crystal_id      1 
_exptl_crystal_grow.method          'VAPOR DIFFUSION, HANGING DROP' 
_exptl_crystal_grow.temp            293 
_exptl_crystal_grow.temp_details    ? 
_exptl_crystal_grow.pH              6.5 
_exptl_crystal_grow.pdbx_details    '12.5% PEG 3350, 0.1M bis-Tris, pH 6.5, VAPOR DIFFUSION, HANGING DROP, temperature 293K' 
_exptl_crystal_grow.pdbx_pH_range   . 
# 
_diffrn.id                     1 
_diffrn.ambient_temp           ? 
_diffrn.ambient_temp_details   ? 
_diffrn.crystal_id             1 
# 
_diffrn_detector.diffrn_id              1 
_diffrn_detector.detector               CCD 
_diffrn_detector.type                   'BRUKER SMART 6500' 
_diffrn_detector.pdbx_collection_date   2010-07-22 
_diffrn_detector.details                ? 
# 
_diffrn_radiation.diffrn_id                        1 
_diffrn_radiation.wavelength_id                    1 
_diffrn_radiation.pdbx_monochromatic_or_laue_m_l   M 
_diffrn_radiation.monochromator                    'a double-crystal monochromator and a horizontal focusing mirror' 
_diffrn_radiation.pdbx_diffrn_protocol             'SINGLE WAVELENGTH' 
_diffrn_radiation.pdbx_scattering_type             x-ray 
# 
_diffrn_radiation_wavelength.id           1 
_diffrn_radiation_wavelength.wavelength   0.9798 
_diffrn_radiation_wavelength.wt           1.0 
# 
_diffrn_source.diffrn_id                   1 
_diffrn_source.source                      SYNCHROTRON 
_diffrn_source.type                        'SPRING-8 BEAMLINE BL44XU' 
_diffrn_source.pdbx_synchrotron_site       SPring-8 
_diffrn_source.pdbx_synchrotron_beamline   BL44XU 
_diffrn_source.pdbx_wavelength             ? 
_diffrn_source.pdbx_wavelength_list        0.9798 
# 
_reflns.entry_id                     3VGP 
_reflns.observed_criterion_sigma_I   3 
_reflns.observed_criterion_sigma_F   0 
_reflns.d_resolution_low             50 
_reflns.d_resolution_high            1.75 
_reflns.number_obs                   18986 
_reflns.number_all                   19197 
_reflns.percent_possible_obs         98.9 
_reflns.pdbx_Rmerge_I_obs            0.062 
_reflns.pdbx_Rsym_value              ? 
_reflns.pdbx_netI_over_sigmaI        98.6 
_reflns.B_iso_Wilson_estimate        23.0 
_reflns.pdbx_redundancy              27.0 
_reflns.R_free_details               ? 
_reflns.limit_h_max                  ? 
_reflns.limit_h_min                  ? 
_reflns.limit_k_max                  ? 
_reflns.limit_k_min                  ? 
_reflns.limit_l_max                  ? 
_reflns.limit_l_min                  ? 
_reflns.observed_criterion_F_max     ? 
_reflns.observed_criterion_F_min     ? 
_reflns.pdbx_chi_squared             ? 
_reflns.pdbx_scaling_rejects         ? 
_reflns.pdbx_ordinal                 1 
_reflns.pdbx_diffrn_id               1 
# 
_reflns_shell.d_res_high                  1.75 
_reflns_shell.d_res_low                   1.78 
_reflns_shell.percent_possible_all        93.9 
_reflns_shell.Rmerge_I_obs                0.399 
_reflns_shell.pdbx_Rsym_value             ? 
_reflns_shell.meanI_over_sigI_obs         13.0 
_reflns_shell.pdbx_redundancy             24.8 
_reflns_shell.percent_possible_obs        ? 
_reflns_shell.number_unique_all           853 
_reflns_shell.number_measured_all         ? 
_reflns_shell.number_measured_obs         ? 
_reflns_shell.number_unique_obs           ? 
_reflns_shell.pdbx_chi_squared            ? 
_reflns_shell.pdbx_rejects                ? 
_reflns_shell.pdbx_netI_over_sigmaI_obs   ? 
_reflns_shell.number_possible             ? 
_reflns_shell.Rmerge_F_all                ? 
_reflns_shell.Rmerge_F_obs                ? 
_reflns_shell.Rmerge_I_all                ? 
_reflns_shell.meanI_over_sigI_all         ? 
_reflns_shell.pdbx_Rrim_I_all             ? 
_reflns_shell.pdbx_Rpim_I_all             ? 
_reflns_shell.pdbx_ordinal                1 
_reflns_shell.pdbx_diffrn_id              1 
# 
_refine.entry_id                                 3VGP 
_refine.ls_number_reflns_obs                     18598 
_refine.ls_number_reflns_all                     19016 
_refine.pdbx_ls_sigma_I                          ? 
_refine.pdbx_ls_sigma_F                          0.0 
_refine.pdbx_data_cutoff_high_absF               234062.63 
_refine.pdbx_data_cutoff_low_absF                0.000000 
_refine.pdbx_data_cutoff_high_rms_absF           ? 
_refine.ls_d_res_low                             40.54 
_refine.ls_d_res_high                            1.75 
_refine.ls_percent_reflns_obs                    97.8 
_refine.ls_R_factor_obs                          0.223 
_refine.ls_R_factor_all                          0.226 
_refine.ls_R_factor_R_work                       0.223 
_refine.ls_R_factor_R_free                       0.254 
_refine.ls_R_factor_R_free_error                 0.006 
_refine.ls_R_factor_R_free_error_details         ? 
_refine.ls_percent_reflns_R_free                 9.9 
_refine.ls_number_reflns_R_free                  1838 
_refine.ls_number_parameters                     ? 
_refine.ls_number_restraints                     ? 
_refine.occupancy_min                            ? 
_refine.occupancy_max                            ? 
_refine.correlation_coeff_Fo_to_Fc               ? 
_refine.correlation_coeff_Fo_to_Fc_free          ? 
_refine.B_iso_mean                               26.6 
_refine.aniso_B[1][1]                            1.54 
_refine.aniso_B[2][2]                            1.54 
_refine.aniso_B[3][3]                            -3.08 
_refine.aniso_B[1][2]                            0.00 
_refine.aniso_B[1][3]                            0.00 
_refine.aniso_B[2][3]                            0.00 
_refine.solvent_model_details                    'FLAT MODEL' 
_refine.solvent_model_param_ksol                 0.45 
_refine.solvent_model_param_bsol                 55.7233 
_refine.pdbx_solvent_vdw_probe_radii             ? 
_refine.pdbx_solvent_ion_probe_radii             ? 
_refine.pdbx_solvent_shrinkage_radii             ? 
_refine.pdbx_ls_cross_valid_method               THROUGHOUT 
_refine.details                                  'BULK SOLVENT MODEL USED' 
_refine.pdbx_starting_model                      ? 
_refine.pdbx_method_to_determine_struct          SAD 
_refine.pdbx_isotropic_thermal_model             RESTRAINED 
_refine.pdbx_stereochemistry_target_values       'Engh & Huber' 
_refine.pdbx_stereochem_target_val_spec_case     ? 
_refine.pdbx_R_Free_selection_details            RANDOM 
_refine.pdbx_overall_ESU_R_Free                  ? 
_refine.overall_SU_ML                            ? 
_refine.pdbx_overall_phase_error                 ? 
_refine.overall_SU_B                             ? 
_refine.overall_SU_R_Cruickshank_DPI             ? 
_refine.ls_redundancy_reflns_obs                 ? 
_refine.B_iso_min                                ? 
_refine.B_iso_max                                ? 
_refine.overall_SU_R_free                        ? 
_refine.ls_wR_factor_R_free                      ? 
_refine.ls_wR_factor_R_work                      ? 
_refine.overall_FOM_free_R_set                   ? 
_refine.overall_FOM_work_R_set                   ? 
_refine.pdbx_diffrn_id                           1 
_refine.pdbx_refine_id                           'X-RAY DIFFRACTION' 
_refine.pdbx_overall_ESU_R                       ? 
_refine.pdbx_TLS_residual_ADP_flag               ? 
_refine.pdbx_overall_SU_R_free_Cruickshank_DPI   ? 
_refine.pdbx_overall_SU_R_Blow_DPI               ? 
_refine.pdbx_overall_SU_R_free_Blow_DPI          ? 
# 
_refine_analyze.entry_id                        3VGP 
_refine_analyze.Luzzati_coordinate_error_obs    0.21 
_refine_analyze.Luzzati_sigma_a_obs             0.07 
_refine_analyze.Luzzati_d_res_low_obs           5.00 
_refine_analyze.Luzzati_coordinate_error_free   0.25 
_refine_analyze.Luzzati_sigma_a_free            0.13 
_refine_analyze.Luzzati_d_res_low_free          ? 
_refine_analyze.number_disordered_residues      ? 
_refine_analyze.occupancy_sum_hydrogen          ? 
_refine_analyze.occupancy_sum_non_hydrogen      ? 
_refine_analyze.pdbx_Luzzati_d_res_high_obs     ? 
_refine_analyze.pdbx_refine_id                  'X-RAY DIFFRACTION' 
# 
_refine_hist.pdbx_refine_id                   'X-RAY DIFFRACTION' 
_refine_hist.cycle_id                         LAST 
_refine_hist.pdbx_number_atoms_protein        1301 
_refine_hist.pdbx_number_atoms_nucleic_acid   0 
_refine_hist.pdbx_number_atoms_ligand         0 
_refine_hist.number_atoms_solvent             154 
_refine_hist.number_atoms_total               1455 
_refine_hist.d_res_high                       1.75 
_refine_hist.d_res_low                        40.54 
# 
loop_
_refine_ls_restr.type 
_refine_ls_restr.dev_ideal 
_refine_ls_restr.dev_ideal_target 
_refine_ls_restr.weight 
_refine_ls_restr.number 
_refine_ls_restr.pdbx_restraint_function 
_refine_ls_restr.pdbx_refine_id 
c_bond_d                0.005 ?    ? ? ? 'X-RAY DIFFRACTION' 
c_bond_d_na             ?     ?    ? ? ? 'X-RAY DIFFRACTION' 
c_bond_d_prot           ?     ?    ? ? ? 'X-RAY DIFFRACTION' 
c_angle_d               ?     ?    ? ? ? 'X-RAY DIFFRACTION' 
c_angle_d_na            ?     ?    ? ? ? 'X-RAY DIFFRACTION' 
c_angle_d_prot          ?     ?    ? ? ? 'X-RAY DIFFRACTION' 
c_angle_deg             1.1   ?    ? ? ? 'X-RAY DIFFRACTION' 
c_angle_deg_na          ?     ?    ? ? ? 'X-RAY DIFFRACTION' 
c_angle_deg_prot        ?     ?    ? ? ? 'X-RAY DIFFRACTION' 
c_dihedral_angle_d      21.9  ?    ? ? ? 'X-RAY DIFFRACTION' 
c_dihedral_angle_d_na   ?     ?    ? ? ? 'X-RAY DIFFRACTION' 
c_dihedral_angle_d_prot ?     ?    ? ? ? 'X-RAY DIFFRACTION' 
c_improper_angle_d      0.67  ?    ? ? ? 'X-RAY DIFFRACTION' 
c_improper_angle_d_na   ?     ?    ? ? ? 'X-RAY DIFFRACTION' 
c_improper_angle_d_prot ?     ?    ? ? ? 'X-RAY DIFFRACTION' 
c_mcbond_it             1.21  1.50 ? ? ? 'X-RAY DIFFRACTION' 
c_mcangle_it            1.75  2.00 ? ? ? 'X-RAY DIFFRACTION' 
c_scbond_it             2.61  2.00 ? ? ? 'X-RAY DIFFRACTION' 
c_scangle_it            3.50  2.50 ? ? ? 'X-RAY DIFFRACTION' 
# 
_refine_ls_shell.pdbx_refine_id                   'X-RAY DIFFRACTION' 
_refine_ls_shell.pdbx_total_number_of_bins_used   6 
_refine_ls_shell.d_res_high                       1.75 
_refine_ls_shell.d_res_low                        1.86 
_refine_ls_shell.number_reflns_R_work             2654 
_refine_ls_shell.R_factor_R_work                  0.240 
_refine_ls_shell.percent_reflns_obs               95.5 
_refine_ls_shell.R_factor_R_free                  0.298 
_refine_ls_shell.R_factor_R_free_error            0.018 
_refine_ls_shell.percent_reflns_R_free            9.2 
_refine_ls_shell.number_reflns_R_free             268 
_refine_ls_shell.number_reflns_all                ? 
_refine_ls_shell.R_factor_all                     ? 
_refine_ls_shell.number_reflns_obs                2922 
_refine_ls_shell.redundancy_reflns_obs            ? 
# 
loop_
_pdbx_xplor_file.pdbx_refine_id 
_pdbx_xplor_file.serial_no 
_pdbx_xplor_file.param_file 
_pdbx_xplor_file.topol_file 
'X-RAY DIFFRACTION' 1 protein_rep.param  protein.top      
'X-RAY DIFFRACTION' 2 dna-rna_rep.param  dna-rna.top      
'X-RAY DIFFRACTION' 3 water_rep.param    water.top        
'X-RAY DIFFRACTION' 4 ion.param          ion.top          
'X-RAY DIFFRACTION' 5 carbohydrate.param carbohydrate.top 
# 
_struct.entry_id                  3VGP 
_struct.title                     
'Crystal structure of the C-terminal globular domain of oligosaccharyltransferase (AF_0329) from Archaeoglobus fulgidus' 
_struct.pdbx_model_details        ? 
_struct.pdbx_CASP_flag            ? 
_struct.pdbx_model_type_details   ? 
# 
_struct_keywords.entry_id        3VGP 
_struct_keywords.pdbx_keywords   TRANSFERASE 
_struct_keywords.text            'glycosyltransferase, cell membrane, TRANSFERASE' 
# 
loop_
_struct_asym.id 
_struct_asym.pdbx_blank_PDB_chainid_flag 
_struct_asym.pdbx_modified 
_struct_asym.entity_id 
_struct_asym.details 
A N N 1 ? 
B N N 2 ? 
# 
_struct_ref.id                         1 
_struct_ref.db_name                    UNP 
_struct_ref.db_code                    O29918_ARCFU 
_struct_ref.pdbx_db_accession          O29918 
_struct_ref.entity_id                  1 
_struct_ref.pdbx_seq_one_letter_code   
;DLTEDWKEALEWMRTSLEEQNYLNPYEKPEYSVMSWWDYGNWILYVSKKAVVCNNFQAGAVDAAKFFTAKSEDEAIKIAK
KRGVRYVVTADEITMKDANNTKFPAIMRIAGYNVDLMTEGEILNFFNHTVLYRLHMENAENLTHFRLVKEFGDVKIFEVV
GS
;
_struct_ref.pdbx_align_begin           430 
_struct_ref.pdbx_db_isoform            ? 
# 
_struct_ref_seq.align_id                      1 
_struct_ref_seq.ref_id                        1 
_struct_ref_seq.pdbx_PDB_id_code              3VGP 
_struct_ref_seq.pdbx_strand_id                A 
_struct_ref_seq.seq_align_beg                 3 
_struct_ref_seq.pdbx_seq_align_beg_ins_code   ? 
_struct_ref_seq.seq_align_end                 164 
_struct_ref_seq.pdbx_seq_align_end_ins_code   ? 
_struct_ref_seq.pdbx_db_accession             O29918 
_struct_ref_seq.db_align_beg                  430 
_struct_ref_seq.pdbx_db_align_beg_ins_code    ? 
_struct_ref_seq.db_align_end                  591 
_struct_ref_seq.pdbx_db_align_end_ins_code    ? 
_struct_ref_seq.pdbx_auth_seq_align_beg       430 
_struct_ref_seq.pdbx_auth_seq_align_end       591 
# 
loop_
_struct_ref_seq_dif.align_id 
_struct_ref_seq_dif.pdbx_pdb_id_code 
_struct_ref_seq_dif.mon_id 
_struct_ref_seq_dif.pdbx_pdb_strand_id 
_struct_ref_seq_dif.seq_num 
_struct_ref_seq_dif.pdbx_pdb_ins_code 
_struct_ref_seq_dif.pdbx_seq_db_name 
_struct_ref_seq_dif.pdbx_seq_db_accession_code 
_struct_ref_seq_dif.db_mon_id 
_struct_ref_seq_dif.pdbx_seq_db_seq_num 
_struct_ref_seq_dif.details 
_struct_ref_seq_dif.pdbx_auth_seq_num 
_struct_ref_seq_dif.pdbx_ordinal 
1 3VGP GLY A 1  ? UNP O29918 ?   ?   'expression tag'      428 1 
1 3VGP PRO A 2  ? UNP O29918 ?   ?   'expression tag'      429 2 
1 3VGP ALA A 55 ? UNP O29918 CYS 482 'engineered mutation' 482 3 
# 
_pdbx_struct_assembly.id                   1 
_pdbx_struct_assembly.details              author_and_software_defined_assembly 
_pdbx_struct_assembly.method_details       PISA 
_pdbx_struct_assembly.oligomeric_details   monomeric 
_pdbx_struct_assembly.oligomeric_count     1 
# 
_pdbx_struct_assembly_gen.assembly_id       1 
_pdbx_struct_assembly_gen.oper_expression   1 
_pdbx_struct_assembly_gen.asym_id_list      A,B 
# 
_pdbx_struct_oper_list.id                   1 
_pdbx_struct_oper_list.type                 'identity operation' 
_pdbx_struct_oper_list.name                 1_555 
_pdbx_struct_oper_list.symmetry_operation   x,y,z 
_pdbx_struct_oper_list.matrix[1][1]         1.0000000000 
_pdbx_struct_oper_list.matrix[1][2]         0.0000000000 
_pdbx_struct_oper_list.matrix[1][3]         0.0000000000 
_pdbx_struct_oper_list.vector[1]            0.0000000000 
_pdbx_struct_oper_list.matrix[2][1]         0.0000000000 
_pdbx_struct_oper_list.matrix[2][2]         1.0000000000 
_pdbx_struct_oper_list.matrix[2][3]         0.0000000000 
_pdbx_struct_oper_list.vector[2]            0.0000000000 
_pdbx_struct_oper_list.matrix[3][1]         0.0000000000 
_pdbx_struct_oper_list.matrix[3][2]         0.0000000000 
_pdbx_struct_oper_list.matrix[3][3]         1.0000000000 
_pdbx_struct_oper_list.vector[3]            0.0000000000 
# 
_struct_biol.id        1 
_struct_biol.details   ? 
# 
loop_
_struct_conf.conf_type_id 
_struct_conf.id 
_struct_conf.pdbx_PDB_helix_id 
_struct_conf.beg_label_comp_id 
_struct_conf.beg_label_asym_id 
_struct_conf.beg_label_seq_id 
_struct_conf.pdbx_beg_PDB_ins_code 
_struct_conf.end_label_comp_id 
_struct_conf.end_label_asym_id 
_struct_conf.end_label_seq_id 
_struct_conf.pdbx_end_PDB_ins_code 
_struct_conf.beg_auth_comp_id 
_struct_conf.beg_auth_asym_id 
_struct_conf.beg_auth_seq_id 
_struct_conf.end_auth_comp_id 
_struct_conf.end_auth_asym_id 
_struct_conf.end_auth_seq_id 
_struct_conf.pdbx_PDB_helix_class 
_struct_conf.details 
_struct_conf.pdbx_PDB_helix_length 
HELX_P HELX_P1 1 THR A 5   ? GLU A 21  ? THR A 432 GLU A 448 1 ? 17 
HELX_P HELX_P2 2 ASP A 40  ? ILE A 45  ? ASP A 467 ILE A 472 1 ? 6  
HELX_P HELX_P3 3 ASN A 57  ? THR A 70  ? ASN A 484 THR A 497 1 ? 14 
HELX_P HELX_P4 4 SER A 73  ? GLY A 85  ? SER A 500 GLY A 512 1 ? 13 
HELX_P HELX_P5 5 ALA A 92  ? THR A 96  ? ALA A 519 THR A 523 5 ? 5  
HELX_P HELX_P6 6 LYS A 104 ? ALA A 112 ? LYS A 531 ALA A 539 1 ? 9  
HELX_P HELX_P7 7 ASN A 115 ? MSE A 119 ? ASN A 542 MSE A 546 5 ? 5  
HELX_P HELX_P8 8 THR A 120 ? HIS A 130 ? THR A 547 HIS A 557 1 ? 11 
HELX_P HELX_P9 9 THR A 131 ? MSE A 138 ? THR A 558 MSE A 565 1 ? 8  
# 
_struct_conf_type.id          HELX_P 
_struct_conf_type.criteria    ? 
_struct_conf_type.reference   ? 
# 
loop_
_struct_conn.id 
_struct_conn.conn_type_id 
_struct_conn.pdbx_leaving_atom_flag 
_struct_conn.pdbx_PDB_id 
_struct_conn.ptnr1_label_asym_id 
_struct_conn.ptnr1_label_comp_id 
_struct_conn.ptnr1_label_seq_id 
_struct_conn.ptnr1_label_atom_id 
_struct_conn.pdbx_ptnr1_label_alt_id 
_struct_conn.pdbx_ptnr1_PDB_ins_code 
_struct_conn.pdbx_ptnr1_standard_comp_id 
_struct_conn.ptnr1_symmetry 
_struct_conn.ptnr2_label_asym_id 
_struct_conn.ptnr2_label_comp_id 
_struct_conn.ptnr2_label_seq_id 
_struct_conn.ptnr2_label_atom_id 
_struct_conn.pdbx_ptnr2_label_alt_id 
_struct_conn.pdbx_ptnr2_PDB_ins_code 
_struct_conn.ptnr1_auth_asym_id 
_struct_conn.ptnr1_auth_comp_id 
_struct_conn.ptnr1_auth_seq_id 
_struct_conn.ptnr2_auth_asym_id 
_struct_conn.ptnr2_auth_comp_id 
_struct_conn.ptnr2_auth_seq_id 
_struct_conn.ptnr2_symmetry 
_struct_conn.pdbx_ptnr3_label_atom_id 
_struct_conn.pdbx_ptnr3_label_seq_id 
_struct_conn.pdbx_ptnr3_label_comp_id 
_struct_conn.pdbx_ptnr3_label_asym_id 
_struct_conn.pdbx_ptnr3_label_alt_id 
_struct_conn.pdbx_ptnr3_PDB_ins_code 
_struct_conn.details 
_struct_conn.pdbx_dist_value 
_struct_conn.pdbx_value_order 
_struct_conn.pdbx_role 
covale1  covale both ? A TRP 14  C ? ? ? 1_555 A MSE 15  N ? ? A TRP 441 A MSE 442 1_555 ? ? ? ? ? ? ? 1.330 ? ? 
covale2  covale both ? A MSE 15  C ? ? ? 1_555 A ARG 16  N ? ? A MSE 442 A ARG 443 1_555 ? ? ? ? ? ? ? 1.328 ? ? 
covale3  covale both ? A VAL 35  C ? ? ? 1_555 A MSE 36  N ? ? A VAL 462 A MSE 463 1_555 ? ? ? ? ? ? ? 1.327 ? ? 
covale4  covale both ? A MSE 36  C ? ? ? 1_555 A SER 37  N ? ? A MSE 463 A SER 464 1_555 ? ? ? ? ? ? ? 1.327 ? ? 
covale5  covale both ? A THR 96  C ? ? ? 1_555 A MSE 97  N ? ? A THR 523 A MSE 524 1_555 ? ? ? ? ? ? ? 1.329 ? ? 
covale6  covale both ? A MSE 97  C ? ? ? 1_555 A LYS 98  N ? ? A MSE 524 A LYS 525 1_555 ? ? ? ? ? ? ? 1.330 ? ? 
covale7  covale both ? A ILE 108 C ? ? ? 1_555 A MSE 109 N ? ? A ILE 535 A MSE 536 1_555 ? ? ? ? ? ? ? 1.330 ? ? 
covale8  covale both ? A MSE 109 C ? ? ? 1_555 A ARG 110 N ? ? A MSE 536 A ARG 537 1_555 ? ? ? ? ? ? ? 1.331 ? ? 
covale9  covale both ? A LEU 118 C ? ? ? 1_555 A MSE 119 N ? ? A LEU 545 A MSE 546 1_555 ? ? ? ? ? ? ? 1.330 ? ? 
covale10 covale both ? A MSE 119 C ? ? ? 1_555 A THR 120 N ? ? A MSE 546 A THR 547 1_555 ? ? ? ? ? ? ? 1.329 ? ? 
covale11 covale both ? A HIS 137 C ? ? ? 1_555 A MSE 138 N ? ? A HIS 564 A MSE 565 1_555 ? ? ? ? ? ? ? 1.328 ? ? 
covale12 covale both ? A MSE 138 C ? ? ? 1_555 A GLU 139 N ? ? A MSE 565 A GLU 566 1_555 ? ? ? ? ? ? ? 1.332 ? ? 
# 
_struct_conn_type.id          covale 
_struct_conn_type.criteria    ? 
_struct_conn_type.reference   ? 
# 
loop_
_pdbx_modification_feature.ordinal 
_pdbx_modification_feature.label_comp_id 
_pdbx_modification_feature.label_asym_id 
_pdbx_modification_feature.label_seq_id 
_pdbx_modification_feature.label_alt_id 
_pdbx_modification_feature.modified_residue_label_comp_id 
_pdbx_modification_feature.modified_residue_label_asym_id 
_pdbx_modification_feature.modified_residue_label_seq_id 
_pdbx_modification_feature.modified_residue_label_alt_id 
_pdbx_modification_feature.auth_comp_id 
_pdbx_modification_feature.auth_asym_id 
_pdbx_modification_feature.auth_seq_id 
_pdbx_modification_feature.PDB_ins_code 
_pdbx_modification_feature.symmetry 
_pdbx_modification_feature.modified_residue_auth_comp_id 
_pdbx_modification_feature.modified_residue_auth_asym_id 
_pdbx_modification_feature.modified_residue_auth_seq_id 
_pdbx_modification_feature.modified_residue_PDB_ins_code 
_pdbx_modification_feature.modified_residue_symmetry 
_pdbx_modification_feature.comp_id_linking_atom 
_pdbx_modification_feature.modified_residue_id_linking_atom 
_pdbx_modification_feature.modified_residue_id 
_pdbx_modification_feature.ref_pcm_id 
_pdbx_modification_feature.ref_comp_id 
_pdbx_modification_feature.type 
_pdbx_modification_feature.category 
1 MSE A 15  ? . . . . MSE A 442 ? 1_555 . . . . . . . MET 1 MSE Selenomethionine 'Named protein modification' 
2 MSE A 36  ? . . . . MSE A 463 ? 1_555 . . . . . . . MET 1 MSE Selenomethionine 'Named protein modification' 
3 MSE A 97  ? . . . . MSE A 524 ? 1_555 . . . . . . . MET 1 MSE Selenomethionine 'Named protein modification' 
4 MSE A 109 ? . . . . MSE A 536 ? 1_555 . . . . . . . MET 1 MSE Selenomethionine 'Named protein modification' 
5 MSE A 119 ? . . . . MSE A 546 ? 1_555 . . . . . . . MET 1 MSE Selenomethionine 'Named protein modification' 
6 MSE A 138 ? . . . . MSE A 565 ? 1_555 . . . . . . . MET 1 MSE Selenomethionine 'Named protein modification' 
# 
_struct_sheet.id               A 
_struct_sheet.type             ? 
_struct_sheet.number_strands   4 
_struct_sheet.details          ? 
# 
loop_
_struct_sheet_order.sheet_id 
_struct_sheet_order.range_id_1 
_struct_sheet_order.range_id_2 
_struct_sheet_order.offset 
_struct_sheet_order.sense 
A 1 2 ? parallel      
A 2 3 ? anti-parallel 
A 3 4 ? anti-parallel 
# 
loop_
_struct_sheet_range.sheet_id 
_struct_sheet_range.id 
_struct_sheet_range.beg_label_comp_id 
_struct_sheet_range.beg_label_asym_id 
_struct_sheet_range.beg_label_seq_id 
_struct_sheet_range.pdbx_beg_PDB_ins_code 
_struct_sheet_range.end_label_comp_id 
_struct_sheet_range.end_label_asym_id 
_struct_sheet_range.end_label_seq_id 
_struct_sheet_range.pdbx_end_PDB_ins_code 
_struct_sheet_range.beg_auth_comp_id 
_struct_sheet_range.beg_auth_asym_id 
_struct_sheet_range.beg_auth_seq_id 
_struct_sheet_range.end_auth_comp_id 
_struct_sheet_range.end_auth_asym_id 
_struct_sheet_range.end_auth_seq_id 
A 1 VAL A 35  ? MSE A 36  ? VAL A 462 MSE A 463 
A 2 TYR A 88  ? THR A 91  ? TYR A 515 THR A 518 
A 3 VAL A 156 ? VAL A 161 ? VAL A 583 VAL A 588 
A 4 PHE A 147 ? PHE A 153 ? PHE A 574 PHE A 580 
# 
loop_
_pdbx_struct_sheet_hbond.sheet_id 
_pdbx_struct_sheet_hbond.range_id_1 
_pdbx_struct_sheet_hbond.range_id_2 
_pdbx_struct_sheet_hbond.range_1_label_atom_id 
_pdbx_struct_sheet_hbond.range_1_label_comp_id 
_pdbx_struct_sheet_hbond.range_1_label_asym_id 
_pdbx_struct_sheet_hbond.range_1_label_seq_id 
_pdbx_struct_sheet_hbond.range_1_PDB_ins_code 
_pdbx_struct_sheet_hbond.range_1_auth_atom_id 
_pdbx_struct_sheet_hbond.range_1_auth_comp_id 
_pdbx_struct_sheet_hbond.range_1_auth_asym_id 
_pdbx_struct_sheet_hbond.range_1_auth_seq_id 
_pdbx_struct_sheet_hbond.range_2_label_atom_id 
_pdbx_struct_sheet_hbond.range_2_label_comp_id 
_pdbx_struct_sheet_hbond.range_2_label_asym_id 
_pdbx_struct_sheet_hbond.range_2_label_seq_id 
_pdbx_struct_sheet_hbond.range_2_PDB_ins_code 
_pdbx_struct_sheet_hbond.range_2_auth_atom_id 
_pdbx_struct_sheet_hbond.range_2_auth_comp_id 
_pdbx_struct_sheet_hbond.range_2_auth_asym_id 
_pdbx_struct_sheet_hbond.range_2_auth_seq_id 
A 1 2 N MSE A 36  ? N MSE A 463 O TYR A 88  ? O TYR A 515 
A 2 3 N VAL A 89  ? N VAL A 516 O PHE A 159 ? O PHE A 586 
A 3 4 O ILE A 158 ? O ILE A 585 N LYS A 151 ? N LYS A 578 
# 
_pdbx_entry_details.entry_id                   3VGP 
_pdbx_entry_details.compound_details           ? 
_pdbx_entry_details.source_details             ? 
_pdbx_entry_details.nonpolymer_details         ? 
_pdbx_entry_details.sequence_details           ? 
_pdbx_entry_details.has_ligand_of_interest     ? 
_pdbx_entry_details.has_protein_modification   Y 
# 
loop_
_pdbx_struct_mod_residue.id 
_pdbx_struct_mod_residue.label_asym_id 
_pdbx_struct_mod_residue.label_comp_id 
_pdbx_struct_mod_residue.label_seq_id 
_pdbx_struct_mod_residue.auth_asym_id 
_pdbx_struct_mod_residue.auth_comp_id 
_pdbx_struct_mod_residue.auth_seq_id 
_pdbx_struct_mod_residue.PDB_ins_code 
_pdbx_struct_mod_residue.parent_comp_id 
_pdbx_struct_mod_residue.details 
1 A MSE 15  A MSE 442 ? MET SELENOMETHIONINE 
2 A MSE 36  A MSE 463 ? MET SELENOMETHIONINE 
3 A MSE 97  A MSE 524 ? MET SELENOMETHIONINE 
4 A MSE 109 A MSE 536 ? MET SELENOMETHIONINE 
5 A MSE 119 A MSE 546 ? MET SELENOMETHIONINE 
6 A MSE 138 A MSE 565 ? MET SELENOMETHIONINE 
# 
_pdbx_unobs_or_zero_occ_residues.id               1 
_pdbx_unobs_or_zero_occ_residues.PDB_model_num    1 
_pdbx_unobs_or_zero_occ_residues.polymer_flag     Y 
_pdbx_unobs_or_zero_occ_residues.occupancy_flag   1 
_pdbx_unobs_or_zero_occ_residues.auth_asym_id     A 
_pdbx_unobs_or_zero_occ_residues.auth_comp_id     LEU 
_pdbx_unobs_or_zero_occ_residues.auth_seq_id      452 
_pdbx_unobs_or_zero_occ_residues.PDB_ins_code     ? 
_pdbx_unobs_or_zero_occ_residues.label_asym_id    A 
_pdbx_unobs_or_zero_occ_residues.label_comp_id    LEU 
_pdbx_unobs_or_zero_occ_residues.label_seq_id     25 
# 
loop_
_chem_comp_atom.comp_id 
_chem_comp_atom.atom_id 
_chem_comp_atom.type_symbol 
_chem_comp_atom.pdbx_aromatic_flag 
_chem_comp_atom.pdbx_stereo_config 
_chem_comp_atom.pdbx_ordinal 
ALA N    N  N N 1   
ALA CA   C  N S 2   
ALA C    C  N N 3   
ALA O    O  N N 4   
ALA CB   C  N N 5   
ALA OXT  O  N N 6   
ALA H    H  N N 7   
ALA H2   H  N N 8   
ALA HA   H  N N 9   
ALA HB1  H  N N 10  
ALA HB2  H  N N 11  
ALA HB3  H  N N 12  
ALA HXT  H  N N 13  
ARG N    N  N N 14  
ARG CA   C  N S 15  
ARG C    C  N N 16  
ARG O    O  N N 17  
ARG CB   C  N N 18  
ARG CG   C  N N 19  
ARG CD   C  N N 20  
ARG NE   N  N N 21  
ARG CZ   C  N N 22  
ARG NH1  N  N N 23  
ARG NH2  N  N N 24  
ARG OXT  O  N N 25  
ARG H    H  N N 26  
ARG H2   H  N N 27  
ARG HA   H  N N 28  
ARG HB2  H  N N 29  
ARG HB3  H  N N 30  
ARG HG2  H  N N 31  
ARG HG3  H  N N 32  
ARG HD2  H  N N 33  
ARG HD3  H  N N 34  
ARG HE   H  N N 35  
ARG HH11 H  N N 36  
ARG HH12 H  N N 37  
ARG HH21 H  N N 38  
ARG HH22 H  N N 39  
ARG HXT  H  N N 40  
ASN N    N  N N 41  
ASN CA   C  N S 42  
ASN C    C  N N 43  
ASN O    O  N N 44  
ASN CB   C  N N 45  
ASN CG   C  N N 46  
ASN OD1  O  N N 47  
ASN ND2  N  N N 48  
ASN OXT  O  N N 49  
ASN H    H  N N 50  
ASN H2   H  N N 51  
ASN HA   H  N N 52  
ASN HB2  H  N N 53  
ASN HB3  H  N N 54  
ASN HD21 H  N N 55  
ASN HD22 H  N N 56  
ASN HXT  H  N N 57  
ASP N    N  N N 58  
ASP CA   C  N S 59  
ASP C    C  N N 60  
ASP O    O  N N 61  
ASP CB   C  N N 62  
ASP CG   C  N N 63  
ASP OD1  O  N N 64  
ASP OD2  O  N N 65  
ASP OXT  O  N N 66  
ASP H    H  N N 67  
ASP H2   H  N N 68  
ASP HA   H  N N 69  
ASP HB2  H  N N 70  
ASP HB3  H  N N 71  
ASP HD2  H  N N 72  
ASP HXT  H  N N 73  
CYS N    N  N N 74  
CYS CA   C  N R 75  
CYS C    C  N N 76  
CYS O    O  N N 77  
CYS CB   C  N N 78  
CYS SG   S  N N 79  
CYS OXT  O  N N 80  
CYS H    H  N N 81  
CYS H2   H  N N 82  
CYS HA   H  N N 83  
CYS HB2  H  N N 84  
CYS HB3  H  N N 85  
CYS HG   H  N N 86  
CYS HXT  H  N N 87  
GLN N    N  N N 88  
GLN CA   C  N S 89  
GLN C    C  N N 90  
GLN O    O  N N 91  
GLN CB   C  N N 92  
GLN CG   C  N N 93  
GLN CD   C  N N 94  
GLN OE1  O  N N 95  
GLN NE2  N  N N 96  
GLN OXT  O  N N 97  
GLN H    H  N N 98  
GLN H2   H  N N 99  
GLN HA   H  N N 100 
GLN HB2  H  N N 101 
GLN HB3  H  N N 102 
GLN HG2  H  N N 103 
GLN HG3  H  N N 104 
GLN HE21 H  N N 105 
GLN HE22 H  N N 106 
GLN HXT  H  N N 107 
GLU N    N  N N 108 
GLU CA   C  N S 109 
GLU C    C  N N 110 
GLU O    O  N N 111 
GLU CB   C  N N 112 
GLU CG   C  N N 113 
GLU CD   C  N N 114 
GLU OE1  O  N N 115 
GLU OE2  O  N N 116 
GLU OXT  O  N N 117 
GLU H    H  N N 118 
GLU H2   H  N N 119 
GLU HA   H  N N 120 
GLU HB2  H  N N 121 
GLU HB3  H  N N 122 
GLU HG2  H  N N 123 
GLU HG3  H  N N 124 
GLU HE2  H  N N 125 
GLU HXT  H  N N 126 
GLY N    N  N N 127 
GLY CA   C  N N 128 
GLY C    C  N N 129 
GLY O    O  N N 130 
GLY OXT  O  N N 131 
GLY H    H  N N 132 
GLY H2   H  N N 133 
GLY HA2  H  N N 134 
GLY HA3  H  N N 135 
GLY HXT  H  N N 136 
HIS N    N  N N 137 
HIS CA   C  N S 138 
HIS C    C  N N 139 
HIS O    O  N N 140 
HIS CB   C  N N 141 
HIS CG   C  Y N 142 
HIS ND1  N  Y N 143 
HIS CD2  C  Y N 144 
HIS CE1  C  Y N 145 
HIS NE2  N  Y N 146 
HIS OXT  O  N N 147 
HIS H    H  N N 148 
HIS H2   H  N N 149 
HIS HA   H  N N 150 
HIS HB2  H  N N 151 
HIS HB3  H  N N 152 
HIS HD1  H  N N 153 
HIS HD2  H  N N 154 
HIS HE1  H  N N 155 
HIS HE2  H  N N 156 
HIS HXT  H  N N 157 
HOH O    O  N N 158 
HOH H1   H  N N 159 
HOH H2   H  N N 160 
ILE N    N  N N 161 
ILE CA   C  N S 162 
ILE C    C  N N 163 
ILE O    O  N N 164 
ILE CB   C  N S 165 
ILE CG1  C  N N 166 
ILE CG2  C  N N 167 
ILE CD1  C  N N 168 
ILE OXT  O  N N 169 
ILE H    H  N N 170 
ILE H2   H  N N 171 
ILE HA   H  N N 172 
ILE HB   H  N N 173 
ILE HG12 H  N N 174 
ILE HG13 H  N N 175 
ILE HG21 H  N N 176 
ILE HG22 H  N N 177 
ILE HG23 H  N N 178 
ILE HD11 H  N N 179 
ILE HD12 H  N N 180 
ILE HD13 H  N N 181 
ILE HXT  H  N N 182 
LEU N    N  N N 183 
LEU CA   C  N S 184 
LEU C    C  N N 185 
LEU O    O  N N 186 
LEU CB   C  N N 187 
LEU CG   C  N N 188 
LEU CD1  C  N N 189 
LEU CD2  C  N N 190 
LEU OXT  O  N N 191 
LEU H    H  N N 192 
LEU H2   H  N N 193 
LEU HA   H  N N 194 
LEU HB2  H  N N 195 
LEU HB3  H  N N 196 
LEU HG   H  N N 197 
LEU HD11 H  N N 198 
LEU HD12 H  N N 199 
LEU HD13 H  N N 200 
LEU HD21 H  N N 201 
LEU HD22 H  N N 202 
LEU HD23 H  N N 203 
LEU HXT  H  N N 204 
LYS N    N  N N 205 
LYS CA   C  N S 206 
LYS C    C  N N 207 
LYS O    O  N N 208 
LYS CB   C  N N 209 
LYS CG   C  N N 210 
LYS CD   C  N N 211 
LYS CE   C  N N 212 
LYS NZ   N  N N 213 
LYS OXT  O  N N 214 
LYS H    H  N N 215 
LYS H2   H  N N 216 
LYS HA   H  N N 217 
LYS HB2  H  N N 218 
LYS HB3  H  N N 219 
LYS HG2  H  N N 220 
LYS HG3  H  N N 221 
LYS HD2  H  N N 222 
LYS HD3  H  N N 223 
LYS HE2  H  N N 224 
LYS HE3  H  N N 225 
LYS HZ1  H  N N 226 
LYS HZ2  H  N N 227 
LYS HZ3  H  N N 228 
LYS HXT  H  N N 229 
MSE N    N  N N 230 
MSE CA   C  N S 231 
MSE C    C  N N 232 
MSE O    O  N N 233 
MSE OXT  O  N N 234 
MSE CB   C  N N 235 
MSE CG   C  N N 236 
MSE SE   SE N N 237 
MSE CE   C  N N 238 
MSE H    H  N N 239 
MSE H2   H  N N 240 
MSE HA   H  N N 241 
MSE HXT  H  N N 242 
MSE HB2  H  N N 243 
MSE HB3  H  N N 244 
MSE HG2  H  N N 245 
MSE HG3  H  N N 246 
MSE HE1  H  N N 247 
MSE HE2  H  N N 248 
MSE HE3  H  N N 249 
PHE N    N  N N 250 
PHE CA   C  N S 251 
PHE C    C  N N 252 
PHE O    O  N N 253 
PHE CB   C  N N 254 
PHE CG   C  Y N 255 
PHE CD1  C  Y N 256 
PHE CD2  C  Y N 257 
PHE CE1  C  Y N 258 
PHE CE2  C  Y N 259 
PHE CZ   C  Y N 260 
PHE OXT  O  N N 261 
PHE H    H  N N 262 
PHE H2   H  N N 263 
PHE HA   H  N N 264 
PHE HB2  H  N N 265 
PHE HB3  H  N N 266 
PHE HD1  H  N N 267 
PHE HD2  H  N N 268 
PHE HE1  H  N N 269 
PHE HE2  H  N N 270 
PHE HZ   H  N N 271 
PHE HXT  H  N N 272 
PRO N    N  N N 273 
PRO CA   C  N S 274 
PRO C    C  N N 275 
PRO O    O  N N 276 
PRO CB   C  N N 277 
PRO CG   C  N N 278 
PRO CD   C  N N 279 
PRO OXT  O  N N 280 
PRO H    H  N N 281 
PRO HA   H  N N 282 
PRO HB2  H  N N 283 
PRO HB3  H  N N 284 
PRO HG2  H  N N 285 
PRO HG3  H  N N 286 
PRO HD2  H  N N 287 
PRO HD3  H  N N 288 
PRO HXT  H  N N 289 
SER N    N  N N 290 
SER CA   C  N S 291 
SER C    C  N N 292 
SER O    O  N N 293 
SER CB   C  N N 294 
SER OG   O  N N 295 
SER OXT  O  N N 296 
SER H    H  N N 297 
SER H2   H  N N 298 
SER HA   H  N N 299 
SER HB2  H  N N 300 
SER HB3  H  N N 301 
SER HG   H  N N 302 
SER HXT  H  N N 303 
THR N    N  N N 304 
THR CA   C  N S 305 
THR C    C  N N 306 
THR O    O  N N 307 
THR CB   C  N R 308 
THR OG1  O  N N 309 
THR CG2  C  N N 310 
THR OXT  O  N N 311 
THR H    H  N N 312 
THR H2   H  N N 313 
THR HA   H  N N 314 
THR HB   H  N N 315 
THR HG1  H  N N 316 
THR HG21 H  N N 317 
THR HG22 H  N N 318 
THR HG23 H  N N 319 
THR HXT  H  N N 320 
TRP N    N  N N 321 
TRP CA   C  N S 322 
TRP C    C  N N 323 
TRP O    O  N N 324 
TRP CB   C  N N 325 
TRP CG   C  Y N 326 
TRP CD1  C  Y N 327 
TRP CD2  C  Y N 328 
TRP NE1  N  Y N 329 
TRP CE2  C  Y N 330 
TRP CE3  C  Y N 331 
TRP CZ2  C  Y N 332 
TRP CZ3  C  Y N 333 
TRP CH2  C  Y N 334 
TRP OXT  O  N N 335 
TRP H    H  N N 336 
TRP H2   H  N N 337 
TRP HA   H  N N 338 
TRP HB2  H  N N 339 
TRP HB3  H  N N 340 
TRP HD1  H  N N 341 
TRP HE1  H  N N 342 
TRP HE3  H  N N 343 
TRP HZ2  H  N N 344 
TRP HZ3  H  N N 345 
TRP HH2  H  N N 346 
TRP HXT  H  N N 347 
TYR N    N  N N 348 
TYR CA   C  N S 349 
TYR C    C  N N 350 
TYR O    O  N N 351 
TYR CB   C  N N 352 
TYR CG   C  Y N 353 
TYR CD1  C  Y N 354 
TYR CD2  C  Y N 355 
TYR CE1  C  Y N 356 
TYR CE2  C  Y N 357 
TYR CZ   C  Y N 358 
TYR OH   O  N N 359 
TYR OXT  O  N N 360 
TYR H    H  N N 361 
TYR H2   H  N N 362 
TYR HA   H  N N 363 
TYR HB2  H  N N 364 
TYR HB3  H  N N 365 
TYR HD1  H  N N 366 
TYR HD2  H  N N 367 
TYR HE1  H  N N 368 
TYR HE2  H  N N 369 
TYR HH   H  N N 370 
TYR HXT  H  N N 371 
VAL N    N  N N 372 
VAL CA   C  N S 373 
VAL C    C  N N 374 
VAL O    O  N N 375 
VAL CB   C  N N 376 
VAL CG1  C  N N 377 
VAL CG2  C  N N 378 
VAL OXT  O  N N 379 
VAL H    H  N N 380 
VAL H2   H  N N 381 
VAL HA   H  N N 382 
VAL HB   H  N N 383 
VAL HG11 H  N N 384 
VAL HG12 H  N N 385 
VAL HG13 H  N N 386 
VAL HG21 H  N N 387 
VAL HG22 H  N N 388 
VAL HG23 H  N N 389 
VAL HXT  H  N N 390 
# 
loop_
_chem_comp_bond.comp_id 
_chem_comp_bond.atom_id_1 
_chem_comp_bond.atom_id_2 
_chem_comp_bond.value_order 
_chem_comp_bond.pdbx_aromatic_flag 
_chem_comp_bond.pdbx_stereo_config 
_chem_comp_bond.pdbx_ordinal 
ALA N   CA   sing N N 1   
ALA N   H    sing N N 2   
ALA N   H2   sing N N 3   
ALA CA  C    sing N N 4   
ALA CA  CB   sing N N 5   
ALA CA  HA   sing N N 6   
ALA C   O    doub N N 7   
ALA C   OXT  sing N N 8   
ALA CB  HB1  sing N N 9   
ALA CB  HB2  sing N N 10  
ALA CB  HB3  sing N N 11  
ALA OXT HXT  sing N N 12  
ARG N   CA   sing N N 13  
ARG N   H    sing N N 14  
ARG N   H2   sing N N 15  
ARG CA  C    sing N N 16  
ARG CA  CB   sing N N 17  
ARG CA  HA   sing N N 18  
ARG C   O    doub N N 19  
ARG C   OXT  sing N N 20  
ARG CB  CG   sing N N 21  
ARG CB  HB2  sing N N 22  
ARG CB  HB3  sing N N 23  
ARG CG  CD   sing N N 24  
ARG CG  HG2  sing N N 25  
ARG CG  HG3  sing N N 26  
ARG CD  NE   sing N N 27  
ARG CD  HD2  sing N N 28  
ARG CD  HD3  sing N N 29  
ARG NE  CZ   sing N N 30  
ARG NE  HE   sing N N 31  
ARG CZ  NH1  sing N N 32  
ARG CZ  NH2  doub N N 33  
ARG NH1 HH11 sing N N 34  
ARG NH1 HH12 sing N N 35  
ARG NH2 HH21 sing N N 36  
ARG NH2 HH22 sing N N 37  
ARG OXT HXT  sing N N 38  
ASN N   CA   sing N N 39  
ASN N   H    sing N N 40  
ASN N   H2   sing N N 41  
ASN CA  C    sing N N 42  
ASN CA  CB   sing N N 43  
ASN CA  HA   sing N N 44  
ASN C   O    doub N N 45  
ASN C   OXT  sing N N 46  
ASN CB  CG   sing N N 47  
ASN CB  HB2  sing N N 48  
ASN CB  HB3  sing N N 49  
ASN CG  OD1  doub N N 50  
ASN CG  ND2  sing N N 51  
ASN ND2 HD21 sing N N 52  
ASN ND2 HD22 sing N N 53  
ASN OXT HXT  sing N N 54  
ASP N   CA   sing N N 55  
ASP N   H    sing N N 56  
ASP N   H2   sing N N 57  
ASP CA  C    sing N N 58  
ASP CA  CB   sing N N 59  
ASP CA  HA   sing N N 60  
ASP C   O    doub N N 61  
ASP C   OXT  sing N N 62  
ASP CB  CG   sing N N 63  
ASP CB  HB2  sing N N 64  
ASP CB  HB3  sing N N 65  
ASP CG  OD1  doub N N 66  
ASP CG  OD2  sing N N 67  
ASP OD2 HD2  sing N N 68  
ASP OXT HXT  sing N N 69  
CYS N   CA   sing N N 70  
CYS N   H    sing N N 71  
CYS N   H2   sing N N 72  
CYS CA  C    sing N N 73  
CYS CA  CB   sing N N 74  
CYS CA  HA   sing N N 75  
CYS C   O    doub N N 76  
CYS C   OXT  sing N N 77  
CYS CB  SG   sing N N 78  
CYS CB  HB2  sing N N 79  
CYS CB  HB3  sing N N 80  
CYS SG  HG   sing N N 81  
CYS OXT HXT  sing N N 82  
GLN N   CA   sing N N 83  
GLN N   H    sing N N 84  
GLN N   H2   sing N N 85  
GLN CA  C    sing N N 86  
GLN CA  CB   sing N N 87  
GLN CA  HA   sing N N 88  
GLN C   O    doub N N 89  
GLN C   OXT  sing N N 90  
GLN CB  CG   sing N N 91  
GLN CB  HB2  sing N N 92  
GLN CB  HB3  sing N N 93  
GLN CG  CD   sing N N 94  
GLN CG  HG2  sing N N 95  
GLN CG  HG3  sing N N 96  
GLN CD  OE1  doub N N 97  
GLN CD  NE2  sing N N 98  
GLN NE2 HE21 sing N N 99  
GLN NE2 HE22 sing N N 100 
GLN OXT HXT  sing N N 101 
GLU N   CA   sing N N 102 
GLU N   H    sing N N 103 
GLU N   H2   sing N N 104 
GLU CA  C    sing N N 105 
GLU CA  CB   sing N N 106 
GLU CA  HA   sing N N 107 
GLU C   O    doub N N 108 
GLU C   OXT  sing N N 109 
GLU CB  CG   sing N N 110 
GLU CB  HB2  sing N N 111 
GLU CB  HB3  sing N N 112 
GLU CG  CD   sing N N 113 
GLU CG  HG2  sing N N 114 
GLU CG  HG3  sing N N 115 
GLU CD  OE1  doub N N 116 
GLU CD  OE2  sing N N 117 
GLU OE2 HE2  sing N N 118 
GLU OXT HXT  sing N N 119 
GLY N   CA   sing N N 120 
GLY N   H    sing N N 121 
GLY N   H2   sing N N 122 
GLY CA  C    sing N N 123 
GLY CA  HA2  sing N N 124 
GLY CA  HA3  sing N N 125 
GLY C   O    doub N N 126 
GLY C   OXT  sing N N 127 
GLY OXT HXT  sing N N 128 
HIS N   CA   sing N N 129 
HIS N   H    sing N N 130 
HIS N   H2   sing N N 131 
HIS CA  C    sing N N 132 
HIS CA  CB   sing N N 133 
HIS CA  HA   sing N N 134 
HIS C   O    doub N N 135 
HIS C   OXT  sing N N 136 
HIS CB  CG   sing N N 137 
HIS CB  HB2  sing N N 138 
HIS CB  HB3  sing N N 139 
HIS CG  ND1  sing Y N 140 
HIS CG  CD2  doub Y N 141 
HIS ND1 CE1  doub Y N 142 
HIS ND1 HD1  sing N N 143 
HIS CD2 NE2  sing Y N 144 
HIS CD2 HD2  sing N N 145 
HIS CE1 NE2  sing Y N 146 
HIS CE1 HE1  sing N N 147 
HIS NE2 HE2  sing N N 148 
HIS OXT HXT  sing N N 149 
HOH O   H1   sing N N 150 
HOH O   H2   sing N N 151 
ILE N   CA   sing N N 152 
ILE N   H    sing N N 153 
ILE N   H2   sing N N 154 
ILE CA  C    sing N N 155 
ILE CA  CB   sing N N 156 
ILE CA  HA   sing N N 157 
ILE C   O    doub N N 158 
ILE C   OXT  sing N N 159 
ILE CB  CG1  sing N N 160 
ILE CB  CG2  sing N N 161 
ILE CB  HB   sing N N 162 
ILE CG1 CD1  sing N N 163 
ILE CG1 HG12 sing N N 164 
ILE CG1 HG13 sing N N 165 
ILE CG2 HG21 sing N N 166 
ILE CG2 HG22 sing N N 167 
ILE CG2 HG23 sing N N 168 
ILE CD1 HD11 sing N N 169 
ILE CD1 HD12 sing N N 170 
ILE CD1 HD13 sing N N 171 
ILE OXT HXT  sing N N 172 
LEU N   CA   sing N N 173 
LEU N   H    sing N N 174 
LEU N   H2   sing N N 175 
LEU CA  C    sing N N 176 
LEU CA  CB   sing N N 177 
LEU CA  HA   sing N N 178 
LEU C   O    doub N N 179 
LEU C   OXT  sing N N 180 
LEU CB  CG   sing N N 181 
LEU CB  HB2  sing N N 182 
LEU CB  HB3  sing N N 183 
LEU CG  CD1  sing N N 184 
LEU CG  CD2  sing N N 185 
LEU CG  HG   sing N N 186 
LEU CD1 HD11 sing N N 187 
LEU CD1 HD12 sing N N 188 
LEU CD1 HD13 sing N N 189 
LEU CD2 HD21 sing N N 190 
LEU CD2 HD22 sing N N 191 
LEU CD2 HD23 sing N N 192 
LEU OXT HXT  sing N N 193 
LYS N   CA   sing N N 194 
LYS N   H    sing N N 195 
LYS N   H2   sing N N 196 
LYS CA  C    sing N N 197 
LYS CA  CB   sing N N 198 
LYS CA  HA   sing N N 199 
LYS C   O    doub N N 200 
LYS C   OXT  sing N N 201 
LYS CB  CG   sing N N 202 
LYS CB  HB2  sing N N 203 
LYS CB  HB3  sing N N 204 
LYS CG  CD   sing N N 205 
LYS CG  HG2  sing N N 206 
LYS CG  HG3  sing N N 207 
LYS CD  CE   sing N N 208 
LYS CD  HD2  sing N N 209 
LYS CD  HD3  sing N N 210 
LYS CE  NZ   sing N N 211 
LYS CE  HE2  sing N N 212 
LYS CE  HE3  sing N N 213 
LYS NZ  HZ1  sing N N 214 
LYS NZ  HZ2  sing N N 215 
LYS NZ  HZ3  sing N N 216 
LYS OXT HXT  sing N N 217 
MSE N   CA   sing N N 218 
MSE N   H    sing N N 219 
MSE N   H2   sing N N 220 
MSE CA  C    sing N N 221 
MSE CA  CB   sing N N 222 
MSE CA  HA   sing N N 223 
MSE C   O    doub N N 224 
MSE C   OXT  sing N N 225 
MSE OXT HXT  sing N N 226 
MSE CB  CG   sing N N 227 
MSE CB  HB2  sing N N 228 
MSE CB  HB3  sing N N 229 
MSE CG  SE   sing N N 230 
MSE CG  HG2  sing N N 231 
MSE CG  HG3  sing N N 232 
MSE SE  CE   sing N N 233 
MSE CE  HE1  sing N N 234 
MSE CE  HE2  sing N N 235 
MSE CE  HE3  sing N N 236 
PHE N   CA   sing N N 237 
PHE N   H    sing N N 238 
PHE N   H2   sing N N 239 
PHE CA  C    sing N N 240 
PHE CA  CB   sing N N 241 
PHE CA  HA   sing N N 242 
PHE C   O    doub N N 243 
PHE C   OXT  sing N N 244 
PHE CB  CG   sing N N 245 
PHE CB  HB2  sing N N 246 
PHE CB  HB3  sing N N 247 
PHE CG  CD1  doub Y N 248 
PHE CG  CD2  sing Y N 249 
PHE CD1 CE1  sing Y N 250 
PHE CD1 HD1  sing N N 251 
PHE CD2 CE2  doub Y N 252 
PHE CD2 HD2  sing N N 253 
PHE CE1 CZ   doub Y N 254 
PHE CE1 HE1  sing N N 255 
PHE CE2 CZ   sing Y N 256 
PHE CE2 HE2  sing N N 257 
PHE CZ  HZ   sing N N 258 
PHE OXT HXT  sing N N 259 
PRO N   CA   sing N N 260 
PRO N   CD   sing N N 261 
PRO N   H    sing N N 262 
PRO CA  C    sing N N 263 
PRO CA  CB   sing N N 264 
PRO CA  HA   sing N N 265 
PRO C   O    doub N N 266 
PRO C   OXT  sing N N 267 
PRO CB  CG   sing N N 268 
PRO CB  HB2  sing N N 269 
PRO CB  HB3  sing N N 270 
PRO CG  CD   sing N N 271 
PRO CG  HG2  sing N N 272 
PRO CG  HG3  sing N N 273 
PRO CD  HD2  sing N N 274 
PRO CD  HD3  sing N N 275 
PRO OXT HXT  sing N N 276 
SER N   CA   sing N N 277 
SER N   H    sing N N 278 
SER N   H2   sing N N 279 
SER CA  C    sing N N 280 
SER CA  CB   sing N N 281 
SER CA  HA   sing N N 282 
SER C   O    doub N N 283 
SER C   OXT  sing N N 284 
SER CB  OG   sing N N 285 
SER CB  HB2  sing N N 286 
SER CB  HB3  sing N N 287 
SER OG  HG   sing N N 288 
SER OXT HXT  sing N N 289 
THR N   CA   sing N N 290 
THR N   H    sing N N 291 
THR N   H2   sing N N 292 
THR CA  C    sing N N 293 
THR CA  CB   sing N N 294 
THR CA  HA   sing N N 295 
THR C   O    doub N N 296 
THR C   OXT  sing N N 297 
THR CB  OG1  sing N N 298 
THR CB  CG2  sing N N 299 
THR CB  HB   sing N N 300 
THR OG1 HG1  sing N N 301 
THR CG2 HG21 sing N N 302 
THR CG2 HG22 sing N N 303 
THR CG2 HG23 sing N N 304 
THR OXT HXT  sing N N 305 
TRP N   CA   sing N N 306 
TRP N   H    sing N N 307 
TRP N   H2   sing N N 308 
TRP CA  C    sing N N 309 
TRP CA  CB   sing N N 310 
TRP CA  HA   sing N N 311 
TRP C   O    doub N N 312 
TRP C   OXT  sing N N 313 
TRP CB  CG   sing N N 314 
TRP CB  HB2  sing N N 315 
TRP CB  HB3  sing N N 316 
TRP CG  CD1  doub Y N 317 
TRP CG  CD2  sing Y N 318 
TRP CD1 NE1  sing Y N 319 
TRP CD1 HD1  sing N N 320 
TRP CD2 CE2  doub Y N 321 
TRP CD2 CE3  sing Y N 322 
TRP NE1 CE2  sing Y N 323 
TRP NE1 HE1  sing N N 324 
TRP CE2 CZ2  sing Y N 325 
TRP CE3 CZ3  doub Y N 326 
TRP CE3 HE3  sing N N 327 
TRP CZ2 CH2  doub Y N 328 
TRP CZ2 HZ2  sing N N 329 
TRP CZ3 CH2  sing Y N 330 
TRP CZ3 HZ3  sing N N 331 
TRP CH2 HH2  sing N N 332 
TRP OXT HXT  sing N N 333 
TYR N   CA   sing N N 334 
TYR N   H    sing N N 335 
TYR N   H2   sing N N 336 
TYR CA  C    sing N N 337 
TYR CA  CB   sing N N 338 
TYR CA  HA   sing N N 339 
TYR C   O    doub N N 340 
TYR C   OXT  sing N N 341 
TYR CB  CG   sing N N 342 
TYR CB  HB2  sing N N 343 
TYR CB  HB3  sing N N 344 
TYR CG  CD1  doub Y N 345 
TYR CG  CD2  sing Y N 346 
TYR CD1 CE1  sing Y N 347 
TYR CD1 HD1  sing N N 348 
TYR CD2 CE2  doub Y N 349 
TYR CD2 HD2  sing N N 350 
TYR CE1 CZ   doub Y N 351 
TYR CE1 HE1  sing N N 352 
TYR CE2 CZ   sing Y N 353 
TYR CE2 HE2  sing N N 354 
TYR CZ  OH   sing N N 355 
TYR OH  HH   sing N N 356 
TYR OXT HXT  sing N N 357 
VAL N   CA   sing N N 358 
VAL N   H    sing N N 359 
VAL N   H2   sing N N 360 
VAL CA  C    sing N N 361 
VAL CA  CB   sing N N 362 
VAL CA  HA   sing N N 363 
VAL C   O    doub N N 364 
VAL C   OXT  sing N N 365 
VAL CB  CG1  sing N N 366 
VAL CB  CG2  sing N N 367 
VAL CB  HB   sing N N 368 
VAL CG1 HG11 sing N N 369 
VAL CG1 HG12 sing N N 370 
VAL CG1 HG13 sing N N 371 
VAL CG2 HG21 sing N N 372 
VAL CG2 HG22 sing N N 373 
VAL CG2 HG23 sing N N 374 
VAL OXT HXT  sing N N 375 
# 
_atom_sites.entry_id                    3VGP 
_atom_sites.fract_transf_matrix[1][1]   0.02114568 
_atom_sites.fract_transf_matrix[1][2]   -0.00096081 
_atom_sites.fract_transf_matrix[1][3]   0.00193766 
_atom_sites.fract_transf_matrix[2][1]   0.00200879 
_atom_sites.fract_transf_matrix[2][2]   0.01578242 
_atom_sites.fract_transf_matrix[2][3]   -0.01409601 
_atom_sites.fract_transf_matrix[3][1]   -0.00023594 
_atom_sites.fract_transf_matrix[3][2]   0.00418172 
_atom_sites.fract_transf_matrix[3][3]   0.00464839 
_atom_sites.fract_transf_vector[1]      0.278588 
_atom_sites.fract_transf_vector[2]      0.278700 
_atom_sites.fract_transf_vector[3]      0.193925 
# 
loop_
_atom_type.symbol 
C  
N  
O  
SE 
# 
loop_
_atom_site.group_PDB 
_atom_site.id 
_atom_site.type_symbol 
_atom_site.label_atom_id 
_atom_site.label_alt_id 
_atom_site.label_comp_id 
_atom_site.label_asym_id 
_atom_site.label_entity_id 
_atom_site.label_seq_id 
_atom_site.pdbx_PDB_ins_code 
_atom_site.Cartn_x 
_atom_site.Cartn_y 
_atom_site.Cartn_z 
_atom_site.occupancy 
_atom_site.B_iso_or_equiv 
_atom_site.pdbx_formal_charge 
_atom_site.auth_seq_id 
_atom_site.auth_comp_id 
_atom_site.auth_asym_id 
_atom_site.auth_atom_id 
_atom_site.pdbx_PDB_model_num 
ATOM   1    N  N   . GLY A 1 1   ? 13.898  9.478   -4.765  1.00 32.16 ? 428 GLY A N   1 
ATOM   2    C  CA  . GLY A 1 1   ? 14.056  9.814   -3.321  1.00 31.70 ? 428 GLY A CA  1 
ATOM   3    C  C   . GLY A 1 1   ? 15.140  8.981   -2.665  1.00 32.21 ? 428 GLY A C   1 
ATOM   4    O  O   . GLY A 1 1   ? 15.844  8.240   -3.348  1.00 32.25 ? 428 GLY A O   1 
ATOM   5    N  N   . PRO A 1 2   ? 15.305  9.082   -1.337  1.00 32.39 ? 429 PRO A N   1 
ATOM   6    C  CA  . PRO A 1 2   ? 16.325  8.315   -0.616  1.00 32.23 ? 429 PRO A CA  1 
ATOM   7    C  C   . PRO A 1 2   ? 16.159  6.805   -0.786  1.00 31.42 ? 429 PRO A C   1 
ATOM   8    O  O   . PRO A 1 2   ? 15.053  6.313   -1.014  1.00 30.87 ? 429 PRO A O   1 
ATOM   9    C  CB  . PRO A 1 2   ? 16.142  8.771   0.832   1.00 33.07 ? 429 PRO A CB  1 
ATOM   10   C  CG  . PRO A 1 2   ? 14.691  9.135   0.894   1.00 34.48 ? 429 PRO A CG  1 
ATOM   11   C  CD  . PRO A 1 2   ? 14.487  9.875   -0.403  1.00 33.90 ? 429 PRO A CD  1 
ATOM   12   N  N   . ASP A 1 3   ? 17.264  6.076   -0.685  1.00 29.98 ? 430 ASP A N   1 
ATOM   13   C  CA  . ASP A 1 3   ? 17.236  4.626   -0.835  1.00 29.90 ? 430 ASP A CA  1 
ATOM   14   C  C   . ASP A 1 3   ? 16.278  3.990   0.163   1.00 29.15 ? 430 ASP A C   1 
ATOM   15   O  O   . ASP A 1 3   ? 16.087  4.497   1.266   1.00 29.92 ? 430 ASP A O   1 
ATOM   16   C  CB  . ASP A 1 3   ? 18.631  4.059   -0.641  1.00 30.71 ? 430 ASP A CB  1 
ATOM   17   N  N   . LEU A 1 4   ? 15.670  2.875   -0.235  1.00 29.15 ? 431 LEU A N   1 
ATOM   18   C  CA  . LEU A 1 4   ? 14.747  2.161   0.637   1.00 28.96 ? 431 LEU A CA  1 
ATOM   19   C  C   . LEU A 1 4   ? 15.514  1.653   1.848   1.00 29.07 ? 431 LEU A C   1 
ATOM   20   O  O   . LEU A 1 4   ? 16.680  1.276   1.733   1.00 29.06 ? 431 LEU A O   1 
ATOM   21   C  CB  . LEU A 1 4   ? 14.128  0.969   -0.094  1.00 28.21 ? 431 LEU A CB  1 
ATOM   22   C  CG  . LEU A 1 4   ? 13.117  1.262   -1.201  1.00 27.90 ? 431 LEU A CG  1 
ATOM   23   C  CD1 . LEU A 1 4   ? 12.749  -0.033  -1.905  1.00 28.70 ? 431 LEU A CD1 1 
ATOM   24   C  CD2 . LEU A 1 4   ? 11.884  1.929   -0.601  1.00 29.16 ? 431 LEU A CD2 1 
ATOM   25   N  N   . THR A 1 5   ? 14.854  1.645   3.002   1.00 29.94 ? 432 THR A N   1 
ATOM   26   C  CA  . THR A 1 5   ? 15.476  1.169   4.229   1.00 30.08 ? 432 THR A CA  1 
ATOM   27   C  C   . THR A 1 5   ? 15.690  -0.335  4.122   1.00 31.16 ? 432 THR A C   1 
ATOM   28   O  O   . THR A 1 5   ? 15.155  -0.986  3.223   1.00 30.87 ? 432 THR A O   1 
ATOM   29   C  CB  . THR A 1 5   ? 14.589  1.437   5.460   1.00 31.14 ? 432 THR A CB  1 
ATOM   30   O  OG1 . THR A 1 5   ? 13.375  0.684   5.341   1.00 30.51 ? 432 THR A OG1 1 
ATOM   31   C  CG2 . THR A 1 5   ? 14.252  2.918   5.573   1.00 30.19 ? 432 THR A CG2 1 
ATOM   32   N  N   . GLU A 1 6   ? 16.467  -0.883  5.049   1.00 30.90 ? 433 GLU A N   1 
ATOM   33   C  CA  . GLU A 1 6   ? 16.744  -2.311  5.058   1.00 32.48 ? 433 GLU A CA  1 
ATOM   34   C  C   . GLU A 1 6   ? 15.465  -3.111  5.269   1.00 31.26 ? 433 GLU A C   1 
ATOM   35   O  O   . GLU A 1 6   ? 15.286  -4.172  4.670   1.00 31.61 ? 433 GLU A O   1 
ATOM   36   C  CB  . GLU A 1 6   ? 17.754  -2.639  6.155   1.00 35.94 ? 433 GLU A CB  1 
ATOM   37   C  CG  . GLU A 1 6   ? 18.984  -3.365  5.640   1.00 41.15 ? 433 GLU A CG  1 
ATOM   38   C  CD  . GLU A 1 6   ? 19.515  -2.758  4.355   1.00 45.15 ? 433 GLU A CD  1 
ATOM   39   O  OE1 . GLU A 1 6   ? 19.713  -1.523  4.306   1.00 46.86 ? 433 GLU A OE1 1 
ATOM   40   O  OE2 . GLU A 1 6   ? 19.737  -3.520  3.387   1.00 45.30 ? 433 GLU A OE2 1 
ATOM   41   N  N   . ASP A 1 7   ? 14.576  -2.604  6.117   1.00 29.58 ? 434 ASP A N   1 
ATOM   42   C  CA  . ASP A 1 7   ? 13.319  -3.296  6.376   1.00 28.99 ? 434 ASP A CA  1 
ATOM   43   C  C   . ASP A 1 7   ? 12.490  -3.372  5.102   1.00 29.03 ? 434 ASP A C   1 
ATOM   44   O  O   . ASP A 1 7   ? 11.852  -4.388  4.831   1.00 27.39 ? 434 ASP A O   1 
ATOM   45   C  CB  . ASP A 1 7   ? 12.510  -2.583  7.461   1.00 30.12 ? 434 ASP A CB  1 
ATOM   46   C  CG  . ASP A 1 7   ? 13.154  -2.676  8.825   1.00 31.50 ? 434 ASP A CG  1 
ATOM   47   O  OD1 . ASP A 1 7   ? 13.712  -3.746  9.146   1.00 31.44 ? 434 ASP A OD1 1 
ATOM   48   O  OD2 . ASP A 1 7   ? 13.088  -1.688  9.585   1.00 30.05 ? 434 ASP A OD2 1 
ATOM   49   N  N   . TRP A 1 8   ? 12.494  -2.294  4.322   1.00 27.77 ? 435 TRP A N   1 
ATOM   50   C  CA  . TRP A 1 8   ? 11.734  -2.285  3.080   1.00 29.25 ? 435 TRP A CA  1 
ATOM   51   C  C   . TRP A 1 8   ? 12.330  -3.258  2.077   1.00 29.99 ? 435 TRP A C   1 
ATOM   52   O  O   . TRP A 1 8   ? 11.601  -4.005  1.423   1.00 30.48 ? 435 TRP A O   1 
ATOM   53   C  CB  . TRP A 1 8   ? 11.688  -0.880  2.472   1.00 27.85 ? 435 TRP A CB  1 
ATOM   54   C  CG  . TRP A 1 8   ? 10.497  -0.087  2.907   1.00 29.25 ? 435 TRP A CG  1 
ATOM   55   C  CD1 . TRP A 1 8   ? 10.475  0.951   3.793   1.00 28.75 ? 435 TRP A CD1 1 
ATOM   56   C  CD2 . TRP A 1 8   ? 9.143   -0.286  2.486   1.00 29.40 ? 435 TRP A CD2 1 
ATOM   57   N  NE1 . TRP A 1 8   ? 9.188   1.413   3.948   1.00 27.93 ? 435 TRP A NE1 1 
ATOM   58   C  CE2 . TRP A 1 8   ? 8.351   0.670   3.158   1.00 29.00 ? 435 TRP A CE2 1 
ATOM   59   C  CE3 . TRP A 1 8   ? 8.521   -1.181  1.606   1.00 28.64 ? 435 TRP A CE3 1 
ATOM   60   C  CZ2 . TRP A 1 8   ? 6.969   0.758   2.976   1.00 30.30 ? 435 TRP A CZ2 1 
ATOM   61   C  CZ3 . TRP A 1 8   ? 7.145   -1.093  1.427   1.00 31.00 ? 435 TRP A CZ3 1 
ATOM   62   C  CH2 . TRP A 1 8   ? 6.386   -0.130  2.110   1.00 29.16 ? 435 TRP A CH2 1 
ATOM   63   N  N   . LYS A 1 9   ? 13.655  -3.252  1.954   1.00 30.61 ? 436 LYS A N   1 
ATOM   64   C  CA  . LYS A 1 9   ? 14.324  -4.152  1.023   1.00 30.97 ? 436 LYS A CA  1 
ATOM   65   C  C   . LYS A 1 9   ? 14.052  -5.604  1.401   1.00 30.24 ? 436 LYS A C   1 
ATOM   66   O  O   . LYS A 1 9   ? 13.826  -6.443  0.530   1.00 28.94 ? 436 LYS A O   1 
ATOM   67   C  CB  . LYS A 1 9   ? 15.831  -3.879  0.999   1.00 31.46 ? 436 LYS A CB  1 
ATOM   68   C  CG  . LYS A 1 9   ? 16.201  -2.560  0.332   1.00 33.88 ? 436 LYS A CG  1 
ATOM   69   C  CD  . LYS A 1 9   ? 17.709  -2.351  0.295   1.00 35.60 ? 436 LYS A CD  1 
ATOM   70   C  CE  . LYS A 1 9   ? 18.073  -1.062  -0.430  1.00 37.99 ? 436 LYS A CE  1 
ATOM   71   N  NZ  . LYS A 1 9   ? 19.548  -0.831  -0.456  1.00 38.79 ? 436 LYS A NZ  1 
ATOM   72   N  N   . GLU A 1 10  ? 14.071  -5.883  2.703   1.00 29.97 ? 437 GLU A N   1 
ATOM   73   C  CA  . GLU A 1 10  ? 13.805  -7.222  3.226   1.00 30.56 ? 437 GLU A CA  1 
ATOM   74   C  C   . GLU A 1 10  ? 12.368  -7.641  2.936   1.00 28.61 ? 437 GLU A C   1 
ATOM   75   O  O   . GLU A 1 10  ? 12.107  -8.771  2.525   1.00 28.43 ? 437 GLU A O   1 
ATOM   76   C  CB  . GLU A 1 10  ? 14.013  -7.255  4.739   1.00 33.10 ? 437 GLU A CB  1 
ATOM   77   C  CG  . GLU A 1 10  ? 15.374  -7.727  5.207   1.00 40.54 ? 437 GLU A CG  1 
ATOM   78   C  CD  . GLU A 1 10  ? 15.434  -7.841  6.721   1.00 43.20 ? 437 GLU A CD  1 
ATOM   79   O  OE1 . GLU A 1 10  ? 15.538  -6.796  7.398   1.00 46.78 ? 437 GLU A OE1 1 
ATOM   80   O  OE2 . GLU A 1 10  ? 15.359  -8.979  7.234   1.00 47.41 ? 437 GLU A OE2 1 
ATOM   81   N  N   . ALA A 1 11  ? 11.435  -6.727  3.182   1.00 26.52 ? 438 ALA A N   1 
ATOM   82   C  CA  . ALA A 1 11  ? 10.026  -7.003  2.944   1.00 25.51 ? 438 ALA A CA  1 
ATOM   83   C  C   . ALA A 1 11  ? 9.810   -7.305  1.465   1.00 25.85 ? 438 ALA A C   1 
ATOM   84   O  O   . ALA A 1 11  ? 9.123   -8.262  1.110   1.00 25.64 ? 438 ALA A O   1 
ATOM   85   C  CB  . ALA A 1 11  ? 9.182   -5.806  3.368   1.00 23.29 ? 438 ALA A CB  1 
ATOM   86   N  N   . LEU A 1 12  ? 10.401  -6.485  0.601   1.00 25.65 ? 439 LEU A N   1 
ATOM   87   C  CA  . LEU A 1 12  ? 10.257  -6.678  -0.835  1.00 27.47 ? 439 LEU A CA  1 
ATOM   88   C  C   . LEU A 1 12  ? 10.858  -8.007  -1.276  1.00 27.32 ? 439 LEU A C   1 
ATOM   89   O  O   . LEU A 1 12  ? 10.346  -8.647  -2.191  1.00 28.21 ? 439 LEU A O   1 
ATOM   90   C  CB  . LEU A 1 12  ? 10.905  -5.518  -1.598  1.00 29.35 ? 439 LEU A CB  1 
ATOM   91   C  CG  . LEU A 1 12  ? 10.062  -4.239  -1.653  1.00 31.23 ? 439 LEU A CG  1 
ATOM   92   C  CD1 . LEU A 1 12  ? 10.916  -3.062  -2.093  1.00 33.37 ? 439 LEU A CD1 1 
ATOM   93   C  CD2 . LEU A 1 12  ? 8.890   -4.446  -2.604  1.00 31.82 ? 439 LEU A CD2 1 
ATOM   94   N  N   . GLU A 1 13  ? 11.936  -8.423  -0.617  1.00 27.49 ? 440 GLU A N   1 
ATOM   95   C  CA  . GLU A 1 13  ? 12.589  -9.688  -0.949  1.00 30.04 ? 440 GLU A CA  1 
ATOM   96   C  C   . GLU A 1 13  ? 11.746  -10.875 -0.486  1.00 28.66 ? 440 GLU A C   1 
ATOM   97   O  O   . GLU A 1 13  ? 11.702  -11.914 -1.149  1.00 29.56 ? 440 GLU A O   1 
ATOM   98   C  CB  . GLU A 1 13  ? 13.977  -9.756  -0.303  1.00 33.01 ? 440 GLU A CB  1 
ATOM   99   C  CG  . GLU A 1 13  ? 14.736  -11.044 -0.585  1.00 38.40 ? 440 GLU A CG  1 
ATOM   100  C  CD  . GLU A 1 13  ? 14.772  -11.394 -2.064  1.00 41.96 ? 440 GLU A CD  1 
ATOM   101  O  OE1 . GLU A 1 13  ? 15.107  -10.509 -2.883  1.00 43.05 ? 440 GLU A OE1 1 
ATOM   102  O  OE2 . GLU A 1 13  ? 14.472  -12.558 -2.406  1.00 44.99 ? 440 GLU A OE2 1 
ATOM   103  N  N   . TRP A 1 14  ? 11.084  -10.724 0.657   1.00 26.68 ? 441 TRP A N   1 
ATOM   104  C  CA  . TRP A 1 14  ? 10.233  -11.786 1.184   1.00 23.11 ? 441 TRP A CA  1 
ATOM   105  C  C   . TRP A 1 14  ? 9.049   -11.997 0.244   1.00 22.55 ? 441 TRP A C   1 
ATOM   106  O  O   . TRP A 1 14  ? 8.633   -13.131 -0.009  1.00 21.70 ? 441 TRP A O   1 
ATOM   107  C  CB  . TRP A 1 14  ? 9.713   -11.410 2.575   1.00 21.28 ? 441 TRP A CB  1 
ATOM   108  C  CG  . TRP A 1 14  ? 8.859   -12.473 3.204   1.00 21.07 ? 441 TRP A CG  1 
ATOM   109  C  CD1 . TRP A 1 14  ? 9.278   -13.516 3.981   1.00 20.76 ? 441 TRP A CD1 1 
ATOM   110  C  CD2 . TRP A 1 14  ? 7.438   -12.608 3.084   1.00 19.88 ? 441 TRP A CD2 1 
ATOM   111  N  NE1 . TRP A 1 14  ? 8.205   -14.294 4.353   1.00 21.36 ? 441 TRP A NE1 1 
ATOM   112  C  CE2 . TRP A 1 14  ? 7.064   -13.757 3.816   1.00 20.34 ? 441 TRP A CE2 1 
ATOM   113  C  CE3 . TRP A 1 14  ? 6.444   -11.869 2.428   1.00 20.26 ? 441 TRP A CE3 1 
ATOM   114  C  CZ2 . TRP A 1 14  ? 5.734   -14.185 3.910   1.00 21.82 ? 441 TRP A CZ2 1 
ATOM   115  C  CZ3 . TRP A 1 14  ? 5.123   -12.293 2.522   1.00 20.45 ? 441 TRP A CZ3 1 
ATOM   116  C  CH2 . TRP A 1 14  ? 4.781   -13.442 3.258   1.00 19.88 ? 441 TRP A CH2 1 
HETATM 117  N  N   . MSE A 1 15  ? 8.502   -10.900 -0.272  1.00 22.22 ? 442 MSE A N   1 
HETATM 118  C  CA  . MSE A 1 15  ? 7.366   -10.990 -1.177  1.00 23.51 ? 442 MSE A CA  1 
HETATM 119  C  C   . MSE A 1 15  ? 7.772   -11.531 -2.540  1.00 24.77 ? 442 MSE A C   1 
HETATM 120  O  O   . MSE A 1 15  ? 7.039   -12.309 -3.143  1.00 26.70 ? 442 MSE A O   1 
HETATM 121  C  CB  . MSE A 1 15  ? 6.699   -9.625  -1.337  1.00 23.75 ? 442 MSE A CB  1 
HETATM 122  C  CG  . MSE A 1 15  ? 6.051   -9.124  -0.061  1.00 23.66 ? 442 MSE A CG  1 
HETATM 123  SE SE  . MSE A 1 15  ? 5.088   -7.482  -0.326  1.00 34.04 ? 442 MSE A SE  1 
HETATM 124  C  CE  . MSE A 1 15  ? 6.589   -6.282  -0.341  1.00 27.34 ? 442 MSE A CE  1 
ATOM   125  N  N   . ARG A 1 16  ? 8.935   -11.113 -3.027  1.00 27.69 ? 443 ARG A N   1 
ATOM   126  C  CA  . ARG A 1 16  ? 9.409   -11.592 -4.322  1.00 29.45 ? 443 ARG A CA  1 
ATOM   127  C  C   . ARG A 1 16  ? 9.566   -13.106 -4.243  1.00 30.63 ? 443 ARG A C   1 
ATOM   128  O  O   . ARG A 1 16  ? 9.161   -13.832 -5.149  1.00 31.78 ? 443 ARG A O   1 
ATOM   129  C  CB  . ARG A 1 16  ? 10.739  -10.938 -4.671  1.00 30.97 ? 443 ARG A CB  1 
ATOM   130  N  N   . THR A 1 17  ? 10.145  -13.575 -3.143  1.00 30.78 ? 444 THR A N   1 
ATOM   131  C  CA  . THR A 1 17  ? 10.354  -15.001 -2.932  1.00 31.31 ? 444 THR A CA  1 
ATOM   132  C  C   . THR A 1 17  ? 9.017   -15.730 -2.888  1.00 30.98 ? 444 THR A C   1 
ATOM   133  O  O   . THR A 1 17  ? 8.868   -16.815 -3.447  1.00 30.67 ? 444 THR A O   1 
ATOM   134  C  CB  . THR A 1 17  ? 11.131  -15.251 -1.617  1.00 32.87 ? 444 THR A CB  1 
ATOM   135  O  OG1 . THR A 1 17  ? 12.445  -14.690 -1.732  1.00 35.86 ? 444 THR A OG1 1 
ATOM   136  C  CG2 . THR A 1 17  ? 11.244  -16.741 -1.325  1.00 34.07 ? 444 THR A CG2 1 
ATOM   137  N  N   . SER A 1 18  ? 8.036   -15.126 -2.228  1.00 29.01 ? 445 SER A N   1 
ATOM   138  C  CA  . SER A 1 18  ? 6.714   -15.732 -2.130  1.00 31.24 ? 445 SER A CA  1 
ATOM   139  C  C   . SER A 1 18  ? 6.019   -15.756 -3.489  1.00 31.72 ? 445 SER A C   1 
ATOM   140  O  O   . SER A 1 18  ? 5.261   -16.677 -3.789  1.00 33.50 ? 445 SER A O   1 
ATOM   141  C  CB  . SER A 1 18  ? 5.854   -14.960 -1.126  1.00 29.47 ? 445 SER A CB  1 
ATOM   142  O  OG  . SER A 1 18  ? 4.550   -15.509 -1.041  1.00 31.99 ? 445 SER A OG  1 
ATOM   143  N  N   . LEU A 1 19  ? 6.284   -14.741 -4.307  1.00 32.64 ? 446 LEU A N   1 
ATOM   144  C  CA  . LEU A 1 19  ? 5.676   -14.633 -5.633  1.00 32.55 ? 446 LEU A CA  1 
ATOM   145  C  C   . LEU A 1 19  ? 6.410   -15.452 -6.688  1.00 34.23 ? 446 LEU A C   1 
ATOM   146  O  O   . LEU A 1 19  ? 5.816   -15.890 -7.668  1.00 33.18 ? 446 LEU A O   1 
ATOM   147  C  CB  . LEU A 1 19  ? 5.636   -13.163 -6.067  1.00 31.74 ? 446 LEU A CB  1 
ATOM   148  C  CG  . LEU A 1 19  ? 4.834   -12.211 -5.180  1.00 29.90 ? 446 LEU A CG  1 
ATOM   149  C  CD1 . LEU A 1 19  ? 5.106   -10.770 -5.575  1.00 30.54 ? 446 LEU A CD1 1 
ATOM   150  C  CD2 . LEU A 1 19  ? 3.358   -12.544 -5.302  1.00 27.85 ? 446 LEU A CD2 1 
ATOM   151  N  N   . GLU A 1 20  ? 7.708   -15.643 -6.490  1.00 36.79 ? 447 GLU A N   1 
ATOM   152  C  CA  . GLU A 1 20  ? 8.535   -16.397 -7.435  1.00 39.34 ? 447 GLU A CA  1 
ATOM   153  C  C   . GLU A 1 20  ? 8.017   -17.816 -7.680  1.00 40.09 ? 447 GLU A C   1 
ATOM   154  O  O   . GLU A 1 20  ? 8.236   -18.398 -8.739  1.00 39.90 ? 447 GLU A O   1 
ATOM   155  C  CB  . GLU A 1 20  ? 9.969   -16.486 -6.911  1.00 41.09 ? 447 GLU A CB  1 
ATOM   156  C  CG  . GLU A 1 20  ? 10.231  -17.765 -6.116  1.00 43.83 ? 447 GLU A CG  1 
ATOM   157  C  CD  . GLU A 1 20  ? 11.581  -17.793 -5.417  1.00 45.79 ? 447 GLU A CD  1 
ATOM   158  O  OE1 . GLU A 1 20  ? 12.568  -17.250 -5.965  1.00 44.84 ? 447 GLU A OE1 1 
ATOM   159  O  OE2 . GLU A 1 20  ? 11.657  -18.375 -4.310  1.00 44.58 ? 447 GLU A OE2 1 
ATOM   160  N  N   . GLU A 1 21  ? 7.334   -18.359 -6.681  1.00 41.47 ? 448 GLU A N   1 
ATOM   161  C  CA  . GLU A 1 21  ? 6.789   -19.711 -6.724  1.00 44.21 ? 448 GLU A CA  1 
ATOM   162  C  C   . GLU A 1 21  ? 5.530   -19.844 -7.590  1.00 44.49 ? 448 GLU A C   1 
ATOM   163  O  O   . GLU A 1 21  ? 5.121   -20.947 -7.948  1.00 45.87 ? 448 GLU A O   1 
ATOM   164  C  CB  . GLU A 1 21  ? 6.482   -20.159 -5.291  1.00 44.49 ? 448 GLU A CB  1 
ATOM   165  C  CG  . GLU A 1 21  ? 7.596   -19.817 -4.310  1.00 47.21 ? 448 GLU A CG  1 
ATOM   166  C  CD  . GLU A 1 21  ? 7.200   -20.013 -2.852  1.00 49.07 ? 448 GLU A CD  1 
ATOM   167  O  OE1 . GLU A 1 21  ? 5.990   -20.124 -2.550  1.00 49.82 ? 448 GLU A OE1 1 
ATOM   168  O  OE2 . GLU A 1 21  ? 8.110   -20.040 -1.995  1.00 49.13 ? 448 GLU A OE2 1 
ATOM   169  N  N   . GLN A 1 22  ? 4.918   -18.713 -7.924  1.00 45.65 ? 449 GLN A N   1 
ATOM   170  C  CA  . GLN A 1 22  ? 3.701   -18.719 -8.734  1.00 45.46 ? 449 GLN A CA  1 
ATOM   171  C  C   . GLN A 1 22  ? 3.938   -19.202 -10.162 1.00 45.83 ? 449 GLN A C   1 
ATOM   172  O  O   . GLN A 1 22  ? 4.967   -18.898 -10.769 1.00 45.79 ? 449 GLN A O   1 
ATOM   173  C  CB  . GLN A 1 22  ? 3.087   -17.326 -8.754  1.00 46.51 ? 449 GLN A CB  1 
ATOM   174  N  N   . ASN A 1 23  ? 2.978   -19.963 -10.684 1.00 45.65 ? 450 ASN A N   1 
ATOM   175  C  CA  . ASN A 1 23  ? 3.038   -20.497 -12.043 1.00 46.37 ? 450 ASN A CA  1 
ATOM   176  C  C   . ASN A 1 23  ? 1.670   -20.324 -12.699 1.00 46.37 ? 450 ASN A C   1 
ATOM   177  O  O   . ASN A 1 23  ? 0.672   -20.880 -12.232 1.00 46.43 ? 450 ASN A O   1 
ATOM   178  C  CB  . ASN A 1 23  ? 3.403   -21.983 -12.026 1.00 46.73 ? 450 ASN A CB  1 
ATOM   179  C  CG  . ASN A 1 23  ? 4.533   -22.317 -12.983 1.00 48.60 ? 450 ASN A CG  1 
ATOM   180  O  OD1 . ASN A 1 23  ? 4.821   -21.559 -13.911 1.00 47.06 ? 450 ASN A OD1 1 
ATOM   181  N  ND2 . ASN A 1 23  ? 5.171   -23.462 -12.768 1.00 47.94 ? 450 ASN A ND2 1 
ATOM   182  N  N   . TYR A 1 24  ? 1.631   -19.557 -13.783 1.00 46.22 ? 451 TYR A N   1 
ATOM   183  C  CA  . TYR A 1 24  ? 0.386   -19.307 -14.500 1.00 46.19 ? 451 TYR A CA  1 
ATOM   184  C  C   . TYR A 1 24  ? 0.409   -19.949 -15.880 1.00 46.93 ? 451 TYR A C   1 
ATOM   185  O  O   . TYR A 1 24  ? 1.378   -19.808 -16.625 1.00 48.89 ? 451 TYR A O   1 
ATOM   186  C  CB  . TYR A 1 24  ? 0.150   -17.799 -14.631 1.00 45.05 ? 451 TYR A CB  1 
ATOM   187  C  CG  . TYR A 1 24  ? -0.135  -17.099 -13.321 1.00 43.07 ? 451 TYR A CG  1 
ATOM   188  C  CD1 . TYR A 1 24  ? -1.330  -17.314 -12.636 1.00 43.23 ? 451 TYR A CD1 1 
ATOM   189  C  CD2 . TYR A 1 24  ? 0.796   -16.223 -12.763 1.00 42.77 ? 451 TYR A CD2 1 
ATOM   190  C  CE1 . TYR A 1 24  ? -1.595  -16.671 -11.426 1.00 42.82 ? 451 TYR A CE1 1 
ATOM   191  C  CE2 . TYR A 1 24  ? 0.544   -15.577 -11.555 1.00 41.87 ? 451 TYR A CE2 1 
ATOM   192  C  CZ  . TYR A 1 24  ? -0.651  -15.804 -10.892 1.00 42.45 ? 451 TYR A CZ  1 
ATOM   193  O  OH  . TYR A 1 24  ? -0.899  -15.166 -9.696  1.00 41.52 ? 451 TYR A OH  1 
ATOM   194  N  N   . ASN A 1 26  ? -1.006  -19.542 -18.525 1.00 45.24 ? 453 ASN A N   1 
ATOM   195  C  CA  . ASN A 1 26  ? -1.094  -18.366 -19.374 1.00 44.85 ? 453 ASN A CA  1 
ATOM   196  C  C   . ASN A 1 26  ? -0.637  -17.112 -18.620 1.00 44.11 ? 453 ASN A C   1 
ATOM   197  O  O   . ASN A 1 26  ? -0.911  -16.946 -17.429 1.00 44.56 ? 453 ASN A O   1 
ATOM   198  C  CB  . ASN A 1 26  ? -2.520  -18.185 -19.867 1.00 44.66 ? 453 ASN A CB  1 
ATOM   199  N  N   . PRO A 1 27  ? 0.059   -16.199 -19.314 1.00 44.19 ? 454 PRO A N   1 
ATOM   200  C  CA  . PRO A 1 27  ? 0.547   -14.962 -18.693 1.00 42.83 ? 454 PRO A CA  1 
ATOM   201  C  C   . PRO A 1 27  ? -0.571  -13.930 -18.539 1.00 41.71 ? 454 PRO A C   1 
ATOM   202  O  O   . PRO A 1 27  ? -0.402  -12.884 -17.903 1.00 41.72 ? 454 PRO A O   1 
ATOM   203  C  CB  . PRO A 1 27  ? 1.640   -14.518 -19.653 1.00 43.35 ? 454 PRO A CB  1 
ATOM   204  C  CG  . PRO A 1 27  ? 1.065   -14.909 -20.955 1.00 44.00 ? 454 PRO A CG  1 
ATOM   205  C  CD  . PRO A 1 27  ? 0.462   -16.269 -20.730 1.00 44.09 ? 454 PRO A CD  1 
ATOM   206  N  N   . TYR A 1 28  ? -1.729  -14.264 -19.097 1.00 41.29 ? 455 TYR A N   1 
ATOM   207  C  CA  . TYR A 1 28  ? -2.889  -13.387 -19.063 1.00 38.81 ? 455 TYR A CA  1 
ATOM   208  C  C   . TYR A 1 28  ? -3.758  -13.546 -17.824 1.00 37.87 ? 455 TYR A C   1 
ATOM   209  O  O   . TYR A 1 28  ? -4.540  -12.652 -17.503 1.00 37.19 ? 455 TYR A O   1 
ATOM   210  C  CB  . TYR A 1 28  ? -3.698  -13.598 -20.343 1.00 39.50 ? 455 TYR A CB  1 
ATOM   211  C  CG  . TYR A 1 28  ? -2.869  -13.314 -21.579 1.00 39.98 ? 455 TYR A CG  1 
ATOM   212  C  CD1 . TYR A 1 28  ? -2.367  -12.033 -21.823 1.00 41.38 ? 455 TYR A CD1 1 
ATOM   213  C  CD2 . TYR A 1 28  ? -2.529  -14.334 -22.469 1.00 40.33 ? 455 TYR A CD2 1 
ATOM   214  C  CE1 . TYR A 1 28  ? -1.547  -11.777 -22.915 1.00 42.19 ? 455 TYR A CE1 1 
ATOM   215  C  CE2 . TYR A 1 28  ? -1.708  -14.088 -23.566 1.00 42.64 ? 455 TYR A CE2 1 
ATOM   216  C  CZ  . TYR A 1 28  ? -1.220  -12.806 -23.780 1.00 41.94 ? 455 TYR A CZ  1 
ATOM   217  O  OH  . TYR A 1 28  ? -0.395  -12.552 -24.850 1.00 44.03 ? 455 TYR A OH  1 
ATOM   218  N  N   . GLU A 1 29  ? -3.626  -14.667 -17.120 1.00 36.52 ? 456 GLU A N   1 
ATOM   219  C  CA  . GLU A 1 29  ? -4.405  -14.864 -15.900 1.00 36.31 ? 456 GLU A CA  1 
ATOM   220  C  C   . GLU A 1 29  ? -3.703  -14.106 -14.775 1.00 35.12 ? 456 GLU A C   1 
ATOM   221  O  O   . GLU A 1 29  ? -4.292  -13.838 -13.726 1.00 35.59 ? 456 GLU A O   1 
ATOM   222  C  CB  . GLU A 1 29  ? -4.488  -16.354 -15.560 1.00 37.39 ? 456 GLU A CB  1 
ATOM   223  N  N   . LYS A 1 30  ? -2.445  -13.756 -15.019 1.00 33.11 ? 457 LYS A N   1 
ATOM   224  C  CA  . LYS A 1 30  ? -1.623  -13.046 -14.051 1.00 31.81 ? 457 LYS A CA  1 
ATOM   225  C  C   . LYS A 1 30  ? -2.196  -11.674 -13.703 1.00 29.39 ? 457 LYS A C   1 
ATOM   226  O  O   . LYS A 1 30  ? -2.652  -10.945 -14.576 1.00 29.27 ? 457 LYS A O   1 
ATOM   227  C  CB  . LYS A 1 30  ? -0.206  -12.897 -14.604 1.00 34.30 ? 457 LYS A CB  1 
ATOM   228  C  CG  . LYS A 1 30  ? 0.827   -12.530 -13.559 1.00 37.92 ? 457 LYS A CG  1 
ATOM   229  C  CD  . LYS A 1 30  ? 2.237   -12.624 -14.116 1.00 39.80 ? 457 LYS A CD  1 
ATOM   230  C  CE  . LYS A 1 30  ? 3.274   -12.476 -13.005 1.00 42.78 ? 457 LYS A CE  1 
ATOM   231  N  NZ  . LYS A 1 30  ? 4.670   -12.633 -13.512 1.00 45.40 ? 457 LYS A NZ  1 
ATOM   232  N  N   . PRO A 1 31  ? -2.181  -11.311 -12.410 1.00 29.22 ? 458 PRO A N   1 
ATOM   233  C  CA  . PRO A 1 31  ? -2.698  -10.023 -11.932 1.00 27.49 ? 458 PRO A CA  1 
ATOM   234  C  C   . PRO A 1 31  ? -2.007  -8.831  -12.595 1.00 26.34 ? 458 PRO A C   1 
ATOM   235  O  O   . PRO A 1 31  ? -0.876  -8.955  -13.072 1.00 26.74 ? 458 PRO A O   1 
ATOM   236  C  CB  . PRO A 1 31  ? -2.408  -10.074 -10.433 1.00 28.67 ? 458 PRO A CB  1 
ATOM   237  C  CG  . PRO A 1 31  ? -2.486  -11.536 -10.124 1.00 30.64 ? 458 PRO A CG  1 
ATOM   238  C  CD  . PRO A 1 31  ? -1.730  -12.143 -11.280 1.00 30.33 ? 458 PRO A CD  1 
ATOM   239  N  N   . GLU A 1 32  ? -2.680  -7.680  -12.626 1.00 22.63 ? 459 GLU A N   1 
ATOM   240  C  CA  . GLU A 1 32  ? -2.075  -6.483  -13.208 1.00 22.11 ? 459 GLU A CA  1 
ATOM   241  C  C   . GLU A 1 32  ? -0.754  -6.276  -12.479 1.00 22.01 ? 459 GLU A C   1 
ATOM   242  O  O   . GLU A 1 32  ? 0.264   -5.956  -13.090 1.00 23.10 ? 459 GLU A O   1 
ATOM   243  C  CB  . GLU A 1 32  ? -2.989  -5.272  -13.039 1.00 23.68 ? 459 GLU A CB  1 
ATOM   244  C  CG  . GLU A 1 32  ? -4.282  -5.372  -13.830 1.00 29.41 ? 459 GLU A CG  1 
ATOM   245  C  CD  . GLU A 1 32  ? -4.966  -4.032  -13.987 1.00 30.35 ? 459 GLU A CD  1 
ATOM   246  O  OE1 . GLU A 1 32  ? -4.318  -3.096  -14.501 1.00 34.43 ? 459 GLU A OE1 1 
ATOM   247  O  OE2 . GLU A 1 32  ? -6.148  -3.913  -13.606 1.00 33.23 ? 459 GLU A OE2 1 
ATOM   248  N  N   . TYR A 1 33  ? -0.787  -6.449  -11.161 1.00 19.34 ? 460 TYR A N   1 
ATOM   249  C  CA  . TYR A 1 33  ? 0.413   -6.383  -10.338 1.00 17.53 ? 460 TYR A CA  1 
ATOM   250  C  C   . TYR A 1 33  ? 0.121   -7.032  -8.989  1.00 17.73 ? 460 TYR A C   1 
ATOM   251  O  O   . TYR A 1 33  ? -1.030  -7.107  -8.565  1.00 18.33 ? 460 TYR A O   1 
ATOM   252  C  CB  . TYR A 1 33  ? 0.977   -4.956  -10.189 1.00 16.83 ? 460 TYR A CB  1 
ATOM   253  C  CG  . TYR A 1 33  ? 0.085   -3.898  -9.590  1.00 16.57 ? 460 TYR A CG  1 
ATOM   254  C  CD1 . TYR A 1 33  ? -0.782  -3.156  -10.387 1.00 17.06 ? 460 TYR A CD1 1 
ATOM   255  C  CD2 . TYR A 1 33  ? 0.169   -3.588  -8.233  1.00 16.97 ? 460 TYR A CD2 1 
ATOM   256  C  CE1 . TYR A 1 33  ? -1.546  -2.118  -9.848  1.00 16.24 ? 460 TYR A CE1 1 
ATOM   257  C  CE2 . TYR A 1 33  ? -0.589  -2.554  -7.684  1.00 17.39 ? 460 TYR A CE2 1 
ATOM   258  C  CZ  . TYR A 1 33  ? -1.442  -1.824  -8.496  1.00 19.32 ? 460 TYR A CZ  1 
ATOM   259  O  OH  . TYR A 1 33  ? -2.188  -0.801  -7.956  1.00 19.12 ? 460 TYR A OH  1 
ATOM   260  N  N   . SER A 1 34  ? 1.170   -7.513  -8.333  1.00 17.03 ? 461 SER A N   1 
ATOM   261  C  CA  . SER A 1 34  ? 1.033   -8.242  -7.079  1.00 17.72 ? 461 SER A CA  1 
ATOM   262  C  C   . SER A 1 34  ? 1.143   -7.482  -5.772  1.00 17.58 ? 461 SER A C   1 
ATOM   263  O  O   . SER A 1 34  ? 0.546   -7.884  -4.774  1.00 16.19 ? 461 SER A O   1 
ATOM   264  C  CB  . SER A 1 34  ? 2.058   -9.375  -7.045  1.00 21.43 ? 461 SER A CB  1 
ATOM   265  O  OG  . SER A 1 34  ? 1.866   -10.262 -8.130  1.00 26.52 ? 461 SER A OG  1 
ATOM   266  N  N   . VAL A 1 35  ? 1.909   -6.402  -5.770  1.00 16.42 ? 462 VAL A N   1 
ATOM   267  C  CA  . VAL A 1 35  ? 2.118   -5.648  -4.545  1.00 16.19 ? 462 VAL A CA  1 
ATOM   268  C  C   . VAL A 1 35  ? 1.623   -4.215  -4.613  1.00 16.26 ? 462 VAL A C   1 
ATOM   269  O  O   . VAL A 1 35  ? 1.943   -3.482  -5.547  1.00 16.25 ? 462 VAL A O   1 
ATOM   270  C  CB  . VAL A 1 35  ? 3.620   -5.628  -4.179  1.00 16.61 ? 462 VAL A CB  1 
ATOM   271  C  CG1 . VAL A 1 35  ? 3.836   -4.852  -2.878  1.00 16.78 ? 462 VAL A CG1 1 
ATOM   272  C  CG2 . VAL A 1 35  ? 4.145   -7.055  -4.064  1.00 17.08 ? 462 VAL A CG2 1 
HETATM 273  N  N   . MSE A 1 36  ? 0.825   -3.829  -3.625  1.00 16.68 ? 463 MSE A N   1 
HETATM 274  C  CA  . MSE A 1 36  ? 0.335   -2.464  -3.553  1.00 19.32 ? 463 MSE A CA  1 
HETATM 275  C  C   . MSE A 1 36  ? 1.022   -1.757  -2.399  1.00 20.13 ? 463 MSE A C   1 
HETATM 276  O  O   . MSE A 1 36  ? 0.876   -2.152  -1.241  1.00 18.06 ? 463 MSE A O   1 
HETATM 277  C  CB  . MSE A 1 36  ? -1.166  -2.415  -3.325  1.00 23.99 ? 463 MSE A CB  1 
HETATM 278  C  CG  . MSE A 1 36  ? -1.641  -0.997  -3.108  1.00 29.75 ? 463 MSE A CG  1 
HETATM 279  SE SE  . MSE A 1 36  ? -3.513  -0.939  -2.867  1.00 46.33 ? 463 MSE A SE  1 
HETATM 280  C  CE  . MSE A 1 36  ? -4.031  -1.093  -4.697  1.00 32.55 ? 463 MSE A CE  1 
ATOM   281  N  N   . SER A 1 37  ? 1.770   -0.707  -2.718  1.00 20.32 ? 464 SER A N   1 
ATOM   282  C  CA  . SER A 1 37  ? 2.487   0.046   -1.699  1.00 21.62 ? 464 SER A CA  1 
ATOM   283  C  C   . SER A 1 37  ? 2.631   1.485   -2.172  1.00 22.71 ? 464 SER A C   1 
ATOM   284  O  O   . SER A 1 37  ? 2.327   1.796   -3.327  1.00 20.90 ? 464 SER A O   1 
ATOM   285  C  CB  . SER A 1 37  ? 3.871   -0.575  -1.479  1.00 25.12 ? 464 SER A CB  1 
ATOM   286  O  OG  . SER A 1 37  ? 4.518   -0.023  -0.344  1.00 33.58 ? 464 SER A OG  1 
ATOM   287  N  N   . TRP A 1 38  ? 3.087   2.357   -1.276  1.00 21.31 ? 465 TRP A N   1 
ATOM   288  C  CA  . TRP A 1 38  ? 3.283   3.759   -1.608  1.00 22.24 ? 465 TRP A CA  1 
ATOM   289  C  C   . TRP A 1 38  ? 4.736   3.908   -2.020  1.00 23.35 ? 465 TRP A C   1 
ATOM   290  O  O   . TRP A 1 38  ? 5.639   3.883   -1.184  1.00 23.86 ? 465 TRP A O   1 
ATOM   291  C  CB  . TRP A 1 38  ? 2.990   4.652   -0.405  1.00 21.31 ? 465 TRP A CB  1 
ATOM   292  C  CG  . TRP A 1 38  ? 3.021   6.111   -0.748  1.00 22.04 ? 465 TRP A CG  1 
ATOM   293  C  CD1 . TRP A 1 38  ? 3.889   7.052   -0.266  1.00 21.05 ? 465 TRP A CD1 1 
ATOM   294  C  CD2 . TRP A 1 38  ? 2.148   6.795   -1.650  1.00 21.69 ? 465 TRP A CD2 1 
ATOM   295  N  NE1 . TRP A 1 38  ? 3.610   8.279   -0.813  1.00 20.68 ? 465 TRP A NE1 1 
ATOM   296  C  CE2 . TRP A 1 38  ? 2.545   8.152   -1.665  1.00 22.42 ? 465 TRP A CE2 1 
ATOM   297  C  CE3 . TRP A 1 38  ? 1.069   6.396   -2.446  1.00 22.14 ? 465 TRP A CE3 1 
ATOM   298  C  CZ2 . TRP A 1 38  ? 1.901   9.110   -2.450  1.00 23.76 ? 465 TRP A CZ2 1 
ATOM   299  C  CZ3 . TRP A 1 38  ? 0.427   7.351   -3.227  1.00 23.16 ? 465 TRP A CZ3 1 
ATOM   300  C  CH2 . TRP A 1 38  ? 0.847   8.691   -3.222  1.00 24.66 ? 465 TRP A CH2 1 
ATOM   301  N  N   . TRP A 1 39  ? 4.948   4.070   -3.319  1.00 24.94 ? 466 TRP A N   1 
ATOM   302  C  CA  . TRP A 1 39  ? 6.287   4.176   -3.864  1.00 25.45 ? 466 TRP A CA  1 
ATOM   303  C  C   . TRP A 1 39  ? 6.803   5.567   -4.157  1.00 24.99 ? 466 TRP A C   1 
ATOM   304  O  O   . TRP A 1 39  ? 6.042   6.486   -4.449  1.00 24.97 ? 466 TRP A O   1 
ATOM   305  C  CB  . TRP A 1 39  ? 6.391   3.397   -5.177  1.00 26.80 ? 466 TRP A CB  1 
ATOM   306  C  CG  . TRP A 1 39  ? 6.334   1.920   -5.050  1.00 27.78 ? 466 TRP A CG  1 
ATOM   307  C  CD1 . TRP A 1 39  ? 5.221   1.132   -5.092  1.00 26.58 ? 466 TRP A CD1 1 
ATOM   308  C  CD2 . TRP A 1 39  ? 7.447   1.040   -4.879  1.00 28.73 ? 466 TRP A CD2 1 
ATOM   309  N  NE1 . TRP A 1 39  ? 5.574   -0.188  -4.960  1.00 28.93 ? 466 TRP A NE1 1 
ATOM   310  C  CE2 . TRP A 1 39  ? 6.935   -0.272  -4.827  1.00 29.24 ? 466 TRP A CE2 1 
ATOM   311  C  CE3 . TRP A 1 39  ? 8.832   1.236   -4.764  1.00 30.89 ? 466 TRP A CE3 1 
ATOM   312  C  CZ2 . TRP A 1 39  ? 7.759   -1.390  -4.665  1.00 31.06 ? 466 TRP A CZ2 1 
ATOM   313  C  CZ3 . TRP A 1 39  ? 9.651   0.123   -4.603  1.00 30.55 ? 466 TRP A CZ3 1 
ATOM   314  C  CH2 . TRP A 1 39  ? 9.110   -1.172  -4.555  1.00 31.55 ? 466 TRP A CH2 1 
ATOM   315  N  N   . ASP A 1 40  ? 8.123   5.684   -4.078  1.00 26.84 ? 467 ASP A N   1 
ATOM   316  C  CA  . ASP A 1 40  ? 8.832   6.898   -4.437  1.00 28.05 ? 467 ASP A CA  1 
ATOM   317  C  C   . ASP A 1 40  ? 9.327   6.466   -5.813  1.00 26.04 ? 467 ASP A C   1 
ATOM   318  O  O   . ASP A 1 40  ? 9.812   5.343   -5.971  1.00 26.39 ? 467 ASP A O   1 
ATOM   319  C  CB  . ASP A 1 40  ? 10.019  7.145   -3.507  1.00 30.98 ? 467 ASP A CB  1 
ATOM   320  C  CG  . ASP A 1 40  ? 11.011  8.140   -4.085  1.00 34.15 ? 467 ASP A CG  1 
ATOM   321  O  OD1 . ASP A 1 40  ? 11.744  7.771   -5.026  1.00 36.54 ? 467 ASP A OD1 1 
ATOM   322  O  OD2 . ASP A 1 40  ? 11.056  9.294   -3.606  1.00 36.40 ? 467 ASP A OD2 1 
ATOM   323  N  N   . TYR A 1 41  ? 9.183   7.330   -6.807  1.00 26.50 ? 468 TYR A N   1 
ATOM   324  C  CA  . TYR A 1 41  ? 9.599   6.990   -8.160  1.00 26.39 ? 468 TYR A CA  1 
ATOM   325  C  C   . TYR A 1 41  ? 10.997  6.384   -8.250  1.00 27.29 ? 468 TYR A C   1 
ATOM   326  O  O   . TYR A 1 41  ? 11.200  5.376   -8.927  1.00 25.66 ? 468 TYR A O   1 
ATOM   327  C  CB  . TYR A 1 41  ? 9.505   8.225   -9.055  1.00 27.90 ? 468 TYR A CB  1 
ATOM   328  C  CG  . TYR A 1 41  ? 9.809   7.934   -10.500 1.00 27.98 ? 468 TYR A CG  1 
ATOM   329  C  CD1 . TYR A 1 41  ? 11.115  7.996   -10.984 1.00 30.81 ? 468 TYR A CD1 1 
ATOM   330  C  CD2 . TYR A 1 41  ? 8.794   7.566   -11.381 1.00 29.72 ? 468 TYR A CD2 1 
ATOM   331  C  CE1 . TYR A 1 41  ? 11.402  7.697   -12.313 1.00 30.94 ? 468 TYR A CE1 1 
ATOM   332  C  CE2 . TYR A 1 41  ? 9.070   7.266   -12.707 1.00 29.31 ? 468 TYR A CE2 1 
ATOM   333  C  CZ  . TYR A 1 41  ? 10.374  7.333   -13.166 1.00 30.90 ? 468 TYR A CZ  1 
ATOM   334  O  OH  . TYR A 1 41  ? 10.650  7.040   -14.480 1.00 32.97 ? 468 TYR A OH  1 
ATOM   335  N  N   . GLY A 1 42  ? 11.957  6.995   -7.563  1.00 27.59 ? 469 GLY A N   1 
ATOM   336  C  CA  . GLY A 1 42  ? 13.323  6.499   -7.596  1.00 28.72 ? 469 GLY A CA  1 
ATOM   337  C  C   . GLY A 1 42  ? 13.490  5.049   -7.184  1.00 28.78 ? 469 GLY A C   1 
ATOM   338  O  O   . GLY A 1 42  ? 14.363  4.350   -7.694  1.00 30.83 ? 469 GLY A O   1 
ATOM   339  N  N   . ASN A 1 43  ? 12.656  4.597   -6.253  1.00 28.66 ? 470 ASN A N   1 
ATOM   340  C  CA  . ASN A 1 43  ? 12.706  3.223   -5.771  1.00 28.76 ? 470 ASN A CA  1 
ATOM   341  C  C   . ASN A 1 43  ? 11.946  2.303   -6.730  1.00 27.97 ? 470 ASN A C   1 
ATOM   342  O  O   . ASN A 1 43  ? 12.433  1.239   -7.116  1.00 28.55 ? 470 ASN A O   1 
ATOM   343  C  CB  . ASN A 1 43  ? 12.074  3.145   -4.377  1.00 31.99 ? 470 ASN A CB  1 
ATOM   344  C  CG  . ASN A 1 43  ? 12.749  4.067   -3.367  1.00 34.82 ? 470 ASN A CG  1 
ATOM   345  O  OD1 . ASN A 1 43  ? 12.189  4.360   -2.311  1.00 35.87 ? 470 ASN A OD1 1 
ATOM   346  N  ND2 . ASN A 1 43  ? 13.956  4.517   -3.684  1.00 35.89 ? 470 ASN A ND2 1 
ATOM   347  N  N   . TRP A 1 44  ? 10.748  2.740   -7.109  1.00 26.06 ? 471 TRP A N   1 
ATOM   348  C  CA  . TRP A 1 44  ? 9.862   2.004   -8.011  1.00 24.54 ? 471 TRP A CA  1 
ATOM   349  C  C   . TRP A 1 44  ? 10.530  1.597   -9.325  1.00 25.72 ? 471 TRP A C   1 
ATOM   350  O  O   . TRP A 1 44  ? 10.340  0.482   -9.811  1.00 24.35 ? 471 TRP A O   1 
ATOM   351  C  CB  . TRP A 1 44  ? 8.622   2.868   -8.298  1.00 22.94 ? 471 TRP A CB  1 
ATOM   352  C  CG  . TRP A 1 44  ? 7.686   2.337   -9.353  1.00 22.86 ? 471 TRP A CG  1 
ATOM   353  C  CD1 . TRP A 1 44  ? 6.694   1.412   -9.190  1.00 20.76 ? 471 TRP A CD1 1 
ATOM   354  C  CD2 . TRP A 1 44  ? 7.663   2.712   -10.736 1.00 22.24 ? 471 TRP A CD2 1 
ATOM   355  N  NE1 . TRP A 1 44  ? 6.054   1.189   -10.388 1.00 20.68 ? 471 TRP A NE1 1 
ATOM   356  C  CE2 . TRP A 1 44  ? 6.631   1.972   -11.353 1.00 21.55 ? 471 TRP A CE2 1 
ATOM   357  C  CE3 . TRP A 1 44  ? 8.418   3.601   -11.515 1.00 24.01 ? 471 TRP A CE3 1 
ATOM   358  C  CZ2 . TRP A 1 44  ? 6.332   2.095   -12.717 1.00 22.83 ? 471 TRP A CZ2 1 
ATOM   359  C  CZ3 . TRP A 1 44  ? 8.121   3.723   -12.871 1.00 24.21 ? 471 TRP A CZ3 1 
ATOM   360  C  CH2 . TRP A 1 44  ? 7.086   2.971   -13.456 1.00 24.04 ? 471 TRP A CH2 1 
ATOM   361  N  N   . ILE A 1 45  ? 11.315  2.499   -9.899  1.00 26.57 ? 472 ILE A N   1 
ATOM   362  C  CA  . ILE A 1 45  ? 11.979  2.220   -11.166 1.00 27.85 ? 472 ILE A CA  1 
ATOM   363  C  C   . ILE A 1 45  ? 12.861  0.972   -11.118 1.00 28.76 ? 472 ILE A C   1 
ATOM   364  O  O   . ILE A 1 45  ? 13.119  0.342   -12.149 1.00 28.82 ? 472 ILE A O   1 
ATOM   365  C  CB  . ILE A 1 45  ? 12.827  3.432   -11.613 1.00 30.44 ? 472 ILE A CB  1 
ATOM   366  C  CG1 . ILE A 1 45  ? 13.304  3.233   -13.051 1.00 31.64 ? 472 ILE A CG1 1 
ATOM   367  C  CG2 . ILE A 1 45  ? 14.002  3.627   -10.667 1.00 31.55 ? 472 ILE A CG2 1 
ATOM   368  C  CD1 . ILE A 1 45  ? 12.184  3.280   -14.073 1.00 34.95 ? 472 ILE A CD1 1 
ATOM   369  N  N   . LEU A 1 46  ? 13.309  0.608   -9.920  1.00 27.76 ? 473 LEU A N   1 
ATOM   370  C  CA  . LEU A 1 46  ? 14.169  -0.556  -9.735  1.00 29.07 ? 473 LEU A CA  1 
ATOM   371  C  C   . LEU A 1 46  ? 13.396  -1.875  -9.718  1.00 29.68 ? 473 LEU A C   1 
ATOM   372  O  O   . LEU A 1 46  ? 13.980  -2.946  -9.882  1.00 30.09 ? 473 LEU A O   1 
ATOM   373  C  CB  . LEU A 1 46  ? 14.955  -0.414  -8.427  1.00 29.37 ? 473 LEU A CB  1 
ATOM   374  C  CG  . LEU A 1 46  ? 15.838  0.833   -8.294  1.00 30.07 ? 473 LEU A CG  1 
ATOM   375  C  CD1 . LEU A 1 46  ? 16.342  0.960   -6.862  1.00 30.90 ? 473 LEU A CD1 1 
ATOM   376  C  CD2 . LEU A 1 46  ? 16.998  0.741   -9.272  1.00 30.89 ? 473 LEU A CD2 1 
ATOM   377  N  N   . TYR A 1 47  ? 12.085  -1.800  -9.527  1.00 28.63 ? 474 TYR A N   1 
ATOM   378  C  CA  . TYR A 1 47  ? 11.270  -3.009  -9.460  1.00 28.10 ? 474 TYR A CA  1 
ATOM   379  C  C   . TYR A 1 47  ? 10.319  -3.227  -10.636 1.00 27.77 ? 474 TYR A C   1 
ATOM   380  O  O   . TYR A 1 47  ? 9.849   -4.345  -10.856 1.00 26.72 ? 474 TYR A O   1 
ATOM   381  C  CB  . TYR A 1 47  ? 10.475  -3.009  -8.150  1.00 28.62 ? 474 TYR A CB  1 
ATOM   382  C  CG  . TYR A 1 47  ? 11.353  -3.085  -6.917  1.00 30.44 ? 474 TYR A CG  1 
ATOM   383  C  CD1 . TYR A 1 47  ? 11.673  -4.312  -6.340  1.00 31.30 ? 474 TYR A CD1 1 
ATOM   384  C  CD2 . TYR A 1 47  ? 11.907  -1.933  -6.361  1.00 31.22 ? 474 TYR A CD2 1 
ATOM   385  C  CE1 . TYR A 1 47  ? 12.528  -4.392  -5.241  1.00 31.89 ? 474 TYR A CE1 1 
ATOM   386  C  CE2 . TYR A 1 47  ? 12.764  -2.001  -5.263  1.00 31.88 ? 474 TYR A CE2 1 
ATOM   387  C  CZ  . TYR A 1 47  ? 13.072  -3.234  -4.708  1.00 31.92 ? 474 TYR A CZ  1 
ATOM   388  O  OH  . TYR A 1 47  ? 13.928  -3.307  -3.630  1.00 32.29 ? 474 TYR A OH  1 
ATOM   389  N  N   . VAL A 1 48  ? 10.039  -2.172  -11.395 1.00 26.73 ? 475 VAL A N   1 
ATOM   390  C  CA  . VAL A 1 48  ? 9.122   -2.287  -12.521 1.00 26.05 ? 475 VAL A CA  1 
ATOM   391  C  C   . VAL A 1 48  ? 9.687   -3.165  -13.641 1.00 27.51 ? 475 VAL A C   1 
ATOM   392  O  O   . VAL A 1 48  ? 10.833  -2.997  -14.065 1.00 28.87 ? 475 VAL A O   1 
ATOM   393  C  CB  . VAL A 1 48  ? 8.738   -0.879  -13.074 1.00 26.20 ? 475 VAL A CB  1 
ATOM   394  C  CG1 . VAL A 1 48  ? 9.944   -0.206  -13.704 1.00 25.87 ? 475 VAL A CG1 1 
ATOM   395  C  CG2 . VAL A 1 48  ? 7.599   -1.000  -14.072 1.00 28.26 ? 475 VAL A CG2 1 
ATOM   396  N  N   . SER A 1 49  ? 8.876   -4.122  -14.086 1.00 27.29 ? 476 SER A N   1 
ATOM   397  C  CA  . SER A 1 49  ? 9.231   -5.051  -15.161 1.00 26.86 ? 476 SER A CA  1 
ATOM   398  C  C   . SER A 1 49  ? 7.993   -5.888  -15.462 1.00 25.80 ? 476 SER A C   1 
ATOM   399  O  O   . SER A 1 49  ? 6.958   -5.713  -14.821 1.00 24.32 ? 476 SER A O   1 
ATOM   400  C  CB  . SER A 1 49  ? 10.377  -5.977  -14.738 1.00 27.89 ? 476 SER A CB  1 
ATOM   401  O  OG  . SER A 1 49  ? 9.933   -6.939  -13.800 1.00 28.21 ? 476 SER A OG  1 
ATOM   402  N  N   . LYS A 1 50  ? 8.090   -6.800  -16.426 1.00 26.37 ? 477 LYS A N   1 
ATOM   403  C  CA  . LYS A 1 50  ? 6.940   -7.632  -16.768 1.00 27.32 ? 477 LYS A CA  1 
ATOM   404  C  C   . LYS A 1 50  ? 6.654   -8.729  -15.739 1.00 28.87 ? 477 LYS A C   1 
ATOM   405  O  O   . LYS A 1 50  ? 5.749   -9.544  -15.923 1.00 30.18 ? 477 LYS A O   1 
ATOM   406  C  CB  . LYS A 1 50  ? 7.112   -8.229  -18.172 1.00 29.26 ? 477 LYS A CB  1 
ATOM   407  C  CG  . LYS A 1 50  ? 7.027   -7.172  -19.271 1.00 29.80 ? 477 LYS A CG  1 
ATOM   408  C  CD  . LYS A 1 50  ? 7.084   -7.751  -20.686 1.00 28.92 ? 477 LYS A CD  1 
ATOM   409  C  CE  . LYS A 1 50  ? 5.769   -8.386  -21.103 1.00 28.62 ? 477 LYS A CE  1 
ATOM   410  N  NZ  . LYS A 1 50  ? 5.782   -8.739  -22.558 1.00 27.38 ? 477 LYS A NZ  1 
ATOM   411  N  N   . LYS A 1 51  ? 7.427   -8.749  -14.658 1.00 28.07 ? 478 LYS A N   1 
ATOM   412  C  CA  . LYS A 1 51  ? 7.211   -9.720  -13.589 1.00 27.15 ? 478 LYS A CA  1 
ATOM   413  C  C   . LYS A 1 51  ? 5.911   -9.297  -12.910 1.00 26.83 ? 478 LYS A C   1 
ATOM   414  O  O   . LYS A 1 51  ? 5.258   -10.085 -12.225 1.00 27.63 ? 478 LYS A O   1 
ATOM   415  C  CB  . LYS A 1 51  ? 8.358   -9.675  -12.596 1.00 28.39 ? 478 LYS A CB  1 
ATOM   416  N  N   . ALA A 1 52  ? 5.558   -8.030  -13.104 1.00 24.90 ? 479 ALA A N   1 
ATOM   417  C  CA  . ALA A 1 52  ? 4.337   -7.461  -12.557 1.00 23.84 ? 479 ALA A CA  1 
ATOM   418  C  C   . ALA A 1 52  ? 4.288   -7.465  -11.030 1.00 23.24 ? 479 ALA A C   1 
ATOM   419  O  O   . ALA A 1 52  ? 3.255   -7.773  -10.444 1.00 22.75 ? 479 ALA A O   1 
ATOM   420  C  CB  . ALA A 1 52  ? 3.125   -8.202  -13.120 1.00 26.16 ? 479 ALA A CB  1 
ATOM   421  N  N   . VAL A 1 53  ? 5.405   -7.138  -10.392 1.00 22.03 ? 480 VAL A N   1 
ATOM   422  C  CA  . VAL A 1 53  ? 5.437   -7.073  -8.937  1.00 24.21 ? 480 VAL A CA  1 
ATOM   423  C  C   . VAL A 1 53  ? 4.758   -5.756  -8.555  1.00 23.30 ? 480 VAL A C   1 
ATOM   424  O  O   . VAL A 1 53  ? 3.899   -5.713  -7.674  1.00 23.25 ? 480 VAL A O   1 
ATOM   425  C  CB  . VAL A 1 53  ? 6.887   -7.093  -8.405  1.00 25.89 ? 480 VAL A CB  1 
ATOM   426  C  CG1 . VAL A 1 53  ? 6.895   -6.909  -6.894  1.00 27.44 ? 480 VAL A CG1 1 
ATOM   427  C  CG2 . VAL A 1 53  ? 7.548   -8.414  -8.772  1.00 27.67 ? 480 VAL A CG2 1 
ATOM   428  N  N   . VAL A 1 54  ? 5.143   -4.686  -9.242  1.00 23.12 ? 481 VAL A N   1 
ATOM   429  C  CA  . VAL A 1 54  ? 4.570   -3.365  -9.004  1.00 23.17 ? 481 VAL A CA  1 
ATOM   430  C  C   . VAL A 1 54  ? 3.822   -2.904  -10.248 1.00 22.27 ? 481 VAL A C   1 
ATOM   431  O  O   . VAL A 1 54  ? 3.902   -3.538  -11.300 1.00 22.60 ? 481 VAL A O   1 
ATOM   432  C  CB  . VAL A 1 54  ? 5.660   -2.321  -8.660  1.00 23.41 ? 481 VAL A CB  1 
ATOM   433  C  CG1 . VAL A 1 54  ? 6.405   -2.751  -7.417  1.00 25.64 ? 481 VAL A CG1 1 
ATOM   434  C  CG2 . VAL A 1 54  ? 6.618   -2.156  -9.827  1.00 25.27 ? 481 VAL A CG2 1 
ATOM   435  N  N   . ALA A 1 55  ? 3.094   -1.798  -10.128 1.00 23.35 ? 482 ALA A N   1 
ATOM   436  C  CA  . ALA A 1 55  ? 2.330   -1.262  -11.250 1.00 21.94 ? 482 ALA A CA  1 
ATOM   437  C  C   . ALA A 1 55  ? 3.229   -0.870  -12.423 1.00 22.59 ? 482 ALA A C   1 
ATOM   438  O  O   . ALA A 1 55  ? 4.276   -0.250  -12.231 1.00 23.86 ? 482 ALA A O   1 
ATOM   439  C  CB  . ALA A 1 55  ? 1.518   -0.058  -10.796 1.00 23.80 ? 482 ALA A CB  1 
ATOM   440  N  N   . ASN A 1 56  ? 2.806   -1.228  -13.633 1.00 22.40 ? 483 ASN A N   1 
ATOM   441  C  CA  . ASN A 1 56  ? 3.557   -0.911  -14.847 1.00 22.98 ? 483 ASN A CA  1 
ATOM   442  C  C   . ASN A 1 56  ? 3.696   0.589   -15.056 1.00 22.73 ? 483 ASN A C   1 
ATOM   443  O  O   . ASN A 1 56  ? 4.688   1.056   -15.616 1.00 23.85 ? 483 ASN A O   1 
ATOM   444  C  CB  . ASN A 1 56  ? 2.866   -1.505  -16.076 1.00 26.54 ? 483 ASN A CB  1 
ATOM   445  C  CG  . ASN A 1 56  ? 3.108   -2.991  -16.227 1.00 30.08 ? 483 ASN A CG  1 
ATOM   446  O  OD1 . ASN A 1 56  ? 2.421   -3.663  -16.995 1.00 30.51 ? 483 ASN A OD1 1 
ATOM   447  N  ND2 . ASN A 1 56  ? 4.092   -3.511  -15.503 1.00 30.91 ? 483 ASN A ND2 1 
ATOM   448  N  N   . ASN A 1 57  ? 2.683   1.336   -14.622 1.00 21.52 ? 484 ASN A N   1 
ATOM   449  C  CA  . ASN A 1 57  ? 2.661   2.787   -14.762 1.00 20.65 ? 484 ASN A CA  1 
ATOM   450  C  C   . ASN A 1 57  ? 2.729   3.392   -13.362 1.00 20.95 ? 484 ASN A C   1 
ATOM   451  O  O   . ASN A 1 57  ? 1.858   3.144   -12.531 1.00 19.99 ? 484 ASN A O   1 
ATOM   452  C  CB  . ASN A 1 57  ? 1.373   3.210   -15.484 1.00 21.16 ? 484 ASN A CB  1 
ATOM   453  C  CG  . ASN A 1 57  ? 1.278   4.708   -15.699 1.00 21.54 ? 484 ASN A CG  1 
ATOM   454  O  OD1 . ASN A 1 57  ? 0.793   5.441   -14.836 1.00 23.61 ? 484 ASN A OD1 1 
ATOM   455  N  ND2 . ASN A 1 57  ? 1.750   5.177   -16.856 1.00 22.44 ? 484 ASN A ND2 1 
ATOM   456  N  N   . PHE A 1 58  ? 3.771   4.177   -13.108 1.00 21.34 ? 485 PHE A N   1 
ATOM   457  C  CA  . PHE A 1 58  ? 3.964   4.778   -11.793 1.00 20.15 ? 485 PHE A CA  1 
ATOM   458  C  C   . PHE A 1 58  ? 2.782   5.571   -11.260 1.00 21.20 ? 485 PHE A C   1 
ATOM   459  O  O   . PHE A 1 58  ? 2.335   5.332   -10.141 1.00 21.51 ? 485 PHE A O   1 
ATOM   460  C  CB  . PHE A 1 58  ? 5.195   5.686   -11.778 1.00 20.76 ? 485 PHE A CB  1 
ATOM   461  C  CG  . PHE A 1 58  ? 5.456   6.300   -10.436 1.00 19.43 ? 485 PHE A CG  1 
ATOM   462  C  CD1 . PHE A 1 58  ? 5.944   5.526   -9.391  1.00 21.21 ? 485 PHE A CD1 1 
ATOM   463  C  CD2 . PHE A 1 58  ? 5.154   7.636   -10.196 1.00 21.77 ? 485 PHE A CD2 1 
ATOM   464  C  CE1 . PHE A 1 58  ? 6.126   6.072   -8.122  1.00 21.69 ? 485 PHE A CE1 1 
ATOM   465  C  CE2 . PHE A 1 58  ? 5.333   8.193   -8.931  1.00 22.28 ? 485 PHE A CE2 1 
ATOM   466  C  CZ  . PHE A 1 58  ? 5.820   7.406   -7.893  1.00 21.10 ? 485 PHE A CZ  1 
ATOM   467  N  N   . GLN A 1 59  ? 2.290   6.521   -12.052 1.00 22.16 ? 486 GLN A N   1 
ATOM   468  C  CA  . GLN A 1 59  ? 1.169   7.358   -11.641 1.00 24.66 ? 486 GLN A CA  1 
ATOM   469  C  C   . GLN A 1 59  ? -0.098  6.566   -11.330 1.00 23.41 ? 486 GLN A C   1 
ATOM   470  O  O   . GLN A 1 59  ? -0.797  6.856   -10.353 1.00 22.24 ? 486 GLN A O   1 
ATOM   471  C  CB  . GLN A 1 59  ? 0.869   8.405   -12.720 1.00 25.47 ? 486 GLN A CB  1 
ATOM   472  C  CG  . GLN A 1 59  ? -0.126  9.468   -12.283 1.00 33.30 ? 486 GLN A CG  1 
ATOM   473  C  CD  . GLN A 1 59  ? 0.323   10.207  -11.037 1.00 37.19 ? 486 GLN A CD  1 
ATOM   474  O  OE1 . GLN A 1 59  ? 1.421   10.762  -10.991 1.00 39.34 ? 486 GLN A OE1 1 
ATOM   475  N  NE2 . GLN A 1 59  ? -0.529  10.218  -10.015 1.00 41.47 ? 486 GLN A NE2 1 
ATOM   476  N  N   . ALA A 1 60  ? -0.404  5.574   -12.163 1.00 22.41 ? 487 ALA A N   1 
ATOM   477  C  CA  . ALA A 1 60  ? -1.591  4.756   -11.954 1.00 22.22 ? 487 ALA A CA  1 
ATOM   478  C  C   . ALA A 1 60  ? -1.454  3.991   -10.642 1.00 20.88 ? 487 ALA A C   1 
ATOM   479  O  O   . ALA A 1 60  ? -2.414  3.862   -9.881  1.00 21.06 ? 487 ALA A O   1 
ATOM   480  C  CB  . ALA A 1 60  ? -1.776  3.782   -13.127 1.00 23.66 ? 487 ALA A CB  1 
ATOM   481  N  N   . GLY A 1 61  ? -0.254  3.489   -10.382 1.00 18.88 ? 488 GLY A N   1 
ATOM   482  C  CA  . GLY A 1 61  ? -0.009  2.754   -9.155  1.00 18.33 ? 488 GLY A CA  1 
ATOM   483  C  C   . GLY A 1 61  ? -0.158  3.650   -7.938  1.00 18.72 ? 488 GLY A C   1 
ATOM   484  O  O   . GLY A 1 61  ? -0.653  3.218   -6.894  1.00 16.96 ? 488 GLY A O   1 
ATOM   485  N  N   . ALA A 1 62  ? 0.265   4.903   -8.072  1.00 17.17 ? 489 ALA A N   1 
ATOM   486  C  CA  . ALA A 1 62  ? 0.176   5.858   -6.971  1.00 19.18 ? 489 ALA A CA  1 
ATOM   487  C  C   . ALA A 1 62  ? -1.284  6.190   -6.676  1.00 19.04 ? 489 ALA A C   1 
ATOM   488  O  O   . ALA A 1 62  ? -1.701  6.235   -5.520  1.00 18.20 ? 489 ALA A O   1 
ATOM   489  C  CB  . ALA A 1 62  ? 0.952   7.138   -7.320  1.00 19.06 ? 489 ALA A CB  1 
ATOM   490  N  N   . VAL A 1 63  ? -2.061  6.425   -7.728  1.00 18.11 ? 490 VAL A N   1 
ATOM   491  C  CA  . VAL A 1 63  ? -3.468  6.745   -7.549  1.00 18.70 ? 490 VAL A CA  1 
ATOM   492  C  C   . VAL A 1 63  ? -4.181  5.545   -6.945  1.00 16.19 ? 490 VAL A C   1 
ATOM   493  O  O   . VAL A 1 63  ? -5.017  5.704   -6.061  1.00 16.82 ? 490 VAL A O   1 
ATOM   494  C  CB  . VAL A 1 63  ? -4.132  7.127   -8.880  1.00 19.72 ? 490 VAL A CB  1 
ATOM   495  C  CG1 . VAL A 1 63  ? -5.632  7.284   -8.686  1.00 23.57 ? 490 VAL A CG1 1 
ATOM   496  C  CG2 . VAL A 1 63  ? -3.529  8.431   -9.391  1.00 21.64 ? 490 VAL A CG2 1 
ATOM   497  N  N   . ASP A 1 64  ? -3.852  4.345   -7.423  1.00 16.60 ? 491 ASP A N   1 
ATOM   498  C  CA  . ASP A 1 64  ? -4.464  3.130   -6.881  1.00 16.24 ? 491 ASP A CA  1 
ATOM   499  C  C   . ASP A 1 64  ? -4.215  3.062   -5.376  1.00 15.44 ? 491 ASP A C   1 
ATOM   500  O  O   . ASP A 1 64  ? -5.137  2.875   -4.586  1.00 16.37 ? 491 ASP A O   1 
ATOM   501  C  CB  . ASP A 1 64  ? -3.855  1.859   -7.492  1.00 16.66 ? 491 ASP A CB  1 
ATOM   502  C  CG  . ASP A 1 64  ? -4.303  1.598   -8.919  1.00 20.07 ? 491 ASP A CG  1 
ATOM   503  O  OD1 . ASP A 1 64  ? -5.275  2.223   -9.384  1.00 20.13 ? 491 ASP A OD1 1 
ATOM   504  O  OD2 . ASP A 1 64  ? -3.674  0.731   -9.569  1.00 22.10 ? 491 ASP A OD2 1 
ATOM   505  N  N   . ALA A 1 65  ? -2.953  3.193   -4.986  1.00 15.09 ? 492 ALA A N   1 
ATOM   506  C  CA  . ALA A 1 65  ? -2.596  3.110   -3.576  1.00 13.39 ? 492 ALA A CA  1 
ATOM   507  C  C   . ALA A 1 65  ? -3.233  4.207   -2.731  1.00 14.70 ? 492 ALA A C   1 
ATOM   508  O  O   . ALA A 1 65  ? -3.697  3.949   -1.625  1.00 15.31 ? 492 ALA A O   1 
ATOM   509  C  CB  . ALA A 1 65  ? -1.075  3.128   -3.417  1.00 13.19 ? 492 ALA A CB  1 
ATOM   510  N  N   . ALA A 1 66  ? -3.263  5.428   -3.252  1.00 15.12 ? 493 ALA A N   1 
ATOM   511  C  CA  . ALA A 1 66  ? -3.854  6.536   -2.512  1.00 15.30 ? 493 ALA A CA  1 
ATOM   512  C  C   . ALA A 1 66  ? -5.361  6.333   -2.316  1.00 16.21 ? 493 ALA A C   1 
ATOM   513  O  O   . ALA A 1 66  ? -5.884  6.536   -1.222  1.00 16.82 ? 493 ALA A O   1 
ATOM   514  C  CB  . ALA A 1 66  ? -3.579  7.855   -3.236  1.00 14.71 ? 493 ALA A CB  1 
ATOM   515  N  N   . LYS A 1 67  ? -6.061  5.927   -3.371  1.00 14.98 ? 494 LYS A N   1 
ATOM   516  C  CA  . LYS A 1 67  ? -7.498  5.698   -3.265  1.00 17.02 ? 494 LYS A CA  1 
ATOM   517  C  C   . LYS A 1 67  ? -7.777  4.561   -2.288  1.00 16.06 ? 494 LYS A C   1 
ATOM   518  O  O   . LYS A 1 67  ? -8.749  4.591   -1.531  1.00 17.84 ? 494 LYS A O   1 
ATOM   519  C  CB  . LYS A 1 67  ? -8.082  5.346   -4.636  1.00 18.33 ? 494 LYS A CB  1 
ATOM   520  C  CG  . LYS A 1 67  ? -8.097  6.496   -5.637  1.00 21.93 ? 494 LYS A CG  1 
ATOM   521  C  CD  . LYS A 1 67  ? -9.116  7.564   -5.266  1.00 27.49 ? 494 LYS A CD  1 
ATOM   522  C  CE  . LYS A 1 67  ? -9.228  8.611   -6.371  1.00 28.71 ? 494 LYS A CE  1 
ATOM   523  N  NZ  . LYS A 1 67  ? -10.204 9.690   -6.040  1.00 30.81 ? 494 LYS A NZ  1 
ATOM   524  N  N   . PHE A 1 68  ? -6.914  3.555   -2.315  1.00 15.74 ? 495 PHE A N   1 
ATOM   525  C  CA  . PHE A 1 68  ? -7.058  2.398   -1.443  1.00 16.44 ? 495 PHE A CA  1 
ATOM   526  C  C   . PHE A 1 68  ? -6.830  2.783   0.015   1.00 15.88 ? 495 PHE A C   1 
ATOM   527  O  O   . PHE A 1 68  ? -7.663  2.505   0.877   1.00 17.29 ? 495 PHE A O   1 
ATOM   528  C  CB  . PHE A 1 68  ? -6.051  1.318   -1.857  1.00 16.05 ? 495 PHE A CB  1 
ATOM   529  C  CG  . PHE A 1 68  ? -6.020  0.124   -0.943  1.00 17.25 ? 495 PHE A CG  1 
ATOM   530  C  CD1 . PHE A 1 68  ? -6.806  -0.991  -1.201  1.00 16.91 ? 495 PHE A CD1 1 
ATOM   531  C  CD2 . PHE A 1 68  ? -5.197  0.117   0.177   1.00 17.61 ? 495 PHE A CD2 1 
ATOM   532  C  CE1 . PHE A 1 68  ? -6.773  -2.095  -0.357  1.00 19.31 ? 495 PHE A CE1 1 
ATOM   533  C  CE2 . PHE A 1 68  ? -5.158  -0.981  1.028   1.00 19.28 ? 495 PHE A CE2 1 
ATOM   534  C  CZ  . PHE A 1 68  ? -5.949  -2.090  0.758   1.00 16.61 ? 495 PHE A CZ  1 
ATOM   535  N  N   . PHE A 1 69  ? -5.704  3.436   0.285   1.00 15.80 ? 496 PHE A N   1 
ATOM   536  C  CA  . PHE A 1 69  ? -5.371  3.822   1.648   1.00 15.86 ? 496 PHE A CA  1 
ATOM   537  C  C   . PHE A 1 69  ? -6.334  4.827   2.267   1.00 17.05 ? 496 PHE A C   1 
ATOM   538  O  O   . PHE A 1 69  ? -6.642  4.728   3.455   1.00 18.23 ? 496 PHE A O   1 
ATOM   539  C  CB  . PHE A 1 69  ? -3.932  4.354   1.719   1.00 13.85 ? 496 PHE A CB  1 
ATOM   540  C  CG  . PHE A 1 69  ? -2.876  3.275   1.585   1.00 14.49 ? 496 PHE A CG  1 
ATOM   541  C  CD1 . PHE A 1 69  ? -3.007  2.063   2.271   1.00 15.00 ? 496 PHE A CD1 1 
ATOM   542  C  CD2 . PHE A 1 69  ? -1.747  3.477   0.794   1.00 13.66 ? 496 PHE A CD2 1 
ATOM   543  C  CE1 . PHE A 1 69  ? -2.025  1.072   2.170   1.00 14.69 ? 496 PHE A CE1 1 
ATOM   544  C  CE2 . PHE A 1 69  ? -0.758  2.497   0.685   1.00 15.97 ? 496 PHE A CE2 1 
ATOM   545  C  CZ  . PHE A 1 69  ? -0.896  1.291   1.374   1.00 16.59 ? 496 PHE A CZ  1 
ATOM   546  N  N   . THR A 1 70  ? -6.827  5.772   1.470   1.00 17.51 ? 497 THR A N   1 
ATOM   547  C  CA  . THR A 1 70  ? -7.748  6.783   1.987   1.00 17.70 ? 497 THR A CA  1 
ATOM   548  C  C   . THR A 1 70  ? -9.215  6.361   2.015   1.00 19.64 ? 497 THR A C   1 
ATOM   549  O  O   . THR A 1 70  ? -10.074 7.123   2.472   1.00 20.96 ? 497 THR A O   1 
ATOM   550  C  CB  . THR A 1 70  ? -7.622  8.112   1.196   1.00 16.45 ? 497 THR A CB  1 
ATOM   551  O  OG1 . THR A 1 70  ? -7.885  7.882   -0.194  1.00 18.49 ? 497 THR A OG1 1 
ATOM   552  C  CG2 . THR A 1 70  ? -6.225  8.677   1.347   1.00 16.60 ? 497 THR A CG2 1 
ATOM   553  N  N   . ALA A 1 71  ? -9.513  5.153   1.542   1.00 19.90 ? 498 ALA A N   1 
ATOM   554  C  CA  . ALA A 1 71  ? -10.891 4.672   1.551   1.00 20.86 ? 498 ALA A CA  1 
ATOM   555  C  C   . ALA A 1 71  ? -11.408 4.612   2.984   1.00 22.40 ? 498 ALA A C   1 
ATOM   556  O  O   . ALA A 1 71  ? -10.669 4.263   3.903   1.00 21.51 ? 498 ALA A O   1 
ATOM   557  C  CB  . ALA A 1 71  ? -10.974 3.292   0.910   1.00 18.98 ? 498 ALA A CB  1 
ATOM   558  N  N   . LYS A 1 72  ? -12.678 4.964   3.170   1.00 24.21 ? 499 LYS A N   1 
ATOM   559  C  CA  . LYS A 1 72  ? -13.293 4.935   4.493   1.00 26.56 ? 499 LYS A CA  1 
ATOM   560  C  C   . LYS A 1 72  ? -13.972 3.593   4.753   1.00 27.42 ? 499 LYS A C   1 
ATOM   561  O  O   . LYS A 1 72  ? -14.188 3.212   5.905   1.00 28.61 ? 499 LYS A O   1 
ATOM   562  C  CB  . LYS A 1 72  ? -14.315 6.067   4.624   1.00 28.74 ? 499 LYS A CB  1 
ATOM   563  C  CG  . LYS A 1 72  ? -13.697 7.461   4.660   1.00 32.72 ? 499 LYS A CG  1 
ATOM   564  C  CD  . LYS A 1 72  ? -12.862 7.658   5.920   1.00 35.18 ? 499 LYS A CD  1 
ATOM   565  C  CE  . LYS A 1 72  ? -12.202 9.031   5.961   1.00 36.89 ? 499 LYS A CE  1 
ATOM   566  N  NZ  . LYS A 1 72  ? -13.200 10.142  5.959   1.00 40.00 ? 499 LYS A NZ  1 
ATOM   567  N  N   . SER A 1 73  ? -14.310 2.881   3.683   1.00 26.14 ? 500 SER A N   1 
ATOM   568  C  CA  . SER A 1 73  ? -14.960 1.582   3.814   1.00 26.58 ? 500 SER A CA  1 
ATOM   569  C  C   . SER A 1 73  ? -14.103 0.489   3.192   1.00 25.09 ? 500 SER A C   1 
ATOM   570  O  O   . SER A 1 73  ? -13.508 0.678   2.133   1.00 23.97 ? 500 SER A O   1 
ATOM   571  C  CB  . SER A 1 73  ? -16.336 1.595   3.139   1.00 28.78 ? 500 SER A CB  1 
ATOM   572  O  OG  . SER A 1 73  ? -16.225 1.542   1.728   1.00 31.77 ? 500 SER A OG  1 
ATOM   573  N  N   . GLU A 1 74  ? -14.043 -0.658  3.856   1.00 24.69 ? 501 GLU A N   1 
ATOM   574  C  CA  . GLU A 1 74  ? -13.253 -1.773  3.355   1.00 24.77 ? 501 GLU A CA  1 
ATOM   575  C  C   . GLU A 1 74  ? -13.748 -2.226  1.984   1.00 24.74 ? 501 GLU A C   1 
ATOM   576  O  O   . GLU A 1 74  ? -12.969 -2.704  1.163   1.00 24.48 ? 501 GLU A O   1 
ATOM   577  C  CB  . GLU A 1 74  ? -13.302 -2.941  4.344   1.00 24.72 ? 501 GLU A CB  1 
ATOM   578  C  CG  . GLU A 1 74  ? -12.560 -4.174  3.858   1.00 24.56 ? 501 GLU A CG  1 
ATOM   579  C  CD  . GLU A 1 74  ? -12.463 -5.268  4.907   1.00 24.09 ? 501 GLU A CD  1 
ATOM   580  O  OE1 . GLU A 1 74  ? -13.376 -5.384  5.751   1.00 25.83 ? 501 GLU A OE1 1 
ATOM   581  O  OE2 . GLU A 1 74  ? -11.475 -6.029  4.870   1.00 24.11 ? 501 GLU A OE2 1 
ATOM   582  N  N   . ASP A 1 75  ? -15.048 -2.077  1.741   1.00 27.15 ? 502 ASP A N   1 
ATOM   583  C  CA  . ASP A 1 75  ? -15.629 -2.469  0.460   1.00 27.33 ? 502 ASP A CA  1 
ATOM   584  C  C   . ASP A 1 75  ? -14.986 -1.733  -0.709  1.00 24.43 ? 502 ASP A C   1 
ATOM   585  O  O   . ASP A 1 75  ? -14.737 -2.322  -1.761  1.00 25.55 ? 502 ASP A O   1 
ATOM   586  C  CB  . ASP A 1 75  ? -17.138 -2.220  0.466   1.00 30.90 ? 502 ASP A CB  1 
ATOM   587  C  CG  . ASP A 1 75  ? -17.933 -3.490  0.675   1.00 35.72 ? 502 ASP A CG  1 
ATOM   588  O  OD1 . ASP A 1 75  ? -17.712 -4.174  1.698   1.00 36.53 ? 502 ASP A OD1 1 
ATOM   589  O  OD2 . ASP A 1 75  ? -18.776 -3.809  -0.190  1.00 40.41 ? 502 ASP A OD2 1 
ATOM   590  N  N   . GLU A 1 76  ? -14.708 -0.447  -0.522  1.00 25.24 ? 503 GLU A N   1 
ATOM   591  C  CA  . GLU A 1 76  ? -14.082 0.358   -1.566  1.00 23.81 ? 503 GLU A CA  1 
ATOM   592  C  C   . GLU A 1 76  ? -12.621 -0.044  -1.746  1.00 22.89 ? 503 GLU A C   1 
ATOM   593  O  O   . GLU A 1 76  ? -12.105 -0.083  -2.863  1.00 23.19 ? 503 GLU A O   1 
ATOM   594  C  CB  . GLU A 1 76  ? -14.171 1.841   -1.212  1.00 25.69 ? 503 GLU A CB  1 
ATOM   595  N  N   . ALA A 1 77  ? -11.954 -0.338  -0.635  1.00 21.83 ? 504 ALA A N   1 
ATOM   596  C  CA  . ALA A 1 77  ? -10.551 -0.731  -0.677  1.00 21.04 ? 504 ALA A CA  1 
ATOM   597  C  C   . ALA A 1 77  ? -10.370 -2.073  -1.379  1.00 22.09 ? 504 ALA A C   1 
ATOM   598  O  O   . ALA A 1 77  ? -9.527  -2.206  -2.263  1.00 22.68 ? 504 ALA A O   1 
ATOM   599  C  CB  . ALA A 1 77  ? -9.986  -0.797  0.739   1.00 20.83 ? 504 ALA A CB  1 
ATOM   600  N  N   . ILE A 1 78  ? -11.166 -3.066  -0.995  1.00 20.32 ? 505 ILE A N   1 
ATOM   601  C  CA  . ILE A 1 78  ? -11.047 -4.384  -1.596  1.00 21.89 ? 505 ILE A CA  1 
ATOM   602  C  C   . ILE A 1 78  ? -11.394 -4.355  -3.084  1.00 20.83 ? 505 ILE A C   1 
ATOM   603  O  O   . ILE A 1 78  ? -10.856 -5.135  -3.867  1.00 20.87 ? 505 ILE A O   1 
ATOM   604  C  CB  . ILE A 1 78  ? -11.921 -5.423  -0.845  1.00 23.83 ? 505 ILE A CB  1 
ATOM   605  C  CG1 . ILE A 1 78  ? -11.599 -6.832  -1.344  1.00 27.36 ? 505 ILE A CG1 1 
ATOM   606  C  CG2 . ILE A 1 78  ? -13.389 -5.112  -1.029  1.00 24.66 ? 505 ILE A CG2 1 
ATOM   607  C  CD1 . ILE A 1 78  ? -10.133 -7.212  -1.194  1.00 28.89 ? 505 ILE A CD1 1 
ATOM   608  N  N   . LYS A 1 79  ? -12.277 -3.445  -3.481  1.00 22.28 ? 506 LYS A N   1 
ATOM   609  C  CA  . LYS A 1 79  ? -12.650 -3.333  -4.890  1.00 21.90 ? 506 LYS A CA  1 
ATOM   610  C  C   . LYS A 1 79  ? -11.415 -2.986  -5.723  1.00 20.74 ? 506 LYS A C   1 
ATOM   611  O  O   . LYS A 1 79  ? -11.185 -3.558  -6.789  1.00 20.16 ? 506 LYS A O   1 
ATOM   612  C  CB  . LYS A 1 79  ? -13.722 -2.255  -5.072  1.00 23.51 ? 506 LYS A CB  1 
ATOM   613  C  CG  . LYS A 1 79  ? -14.057 -1.945  -6.525  1.00 29.88 ? 506 LYS A CG  1 
ATOM   614  C  CD  . LYS A 1 79  ? -15.160 -0.894  -6.637  1.00 35.07 ? 506 LYS A CD  1 
ATOM   615  C  CE  . LYS A 1 79  ? -16.465 -1.392  -6.034  1.00 37.11 ? 506 LYS A CE  1 
ATOM   616  N  NZ  . LYS A 1 79  ? -17.575 -0.407  -6.194  1.00 42.22 ? 506 LYS A NZ  1 
ATOM   617  N  N   . ILE A 1 80  ? -10.614 -2.050  -5.226  1.00 18.77 ? 507 ILE A N   1 
ATOM   618  C  CA  . ILE A 1 80  ? -9.400  -1.641  -5.924  1.00 19.00 ? 507 ILE A CA  1 
ATOM   619  C  C   . ILE A 1 80  ? -8.397  -2.792  -5.973  1.00 19.52 ? 507 ILE A C   1 
ATOM   620  O  O   . ILE A 1 80  ? -7.853  -3.118  -7.033  1.00 18.88 ? 507 ILE A O   1 
ATOM   621  C  CB  . ILE A 1 80  ? -8.756  -0.423  -5.224  1.00 19.71 ? 507 ILE A CB  1 
ATOM   622  C  CG1 . ILE A 1 80  ? -9.741  0.747   -5.240  1.00 22.94 ? 507 ILE A CG1 1 
ATOM   623  C  CG2 . ILE A 1 80  ? -7.455  -0.039  -5.927  1.00 20.34 ? 507 ILE A CG2 1 
ATOM   624  C  CD1 . ILE A 1 80  ? -9.304  1.936   -4.416  1.00 24.18 ? 507 ILE A CD1 1 
ATOM   625  N  N   . ALA A 1 81  ? -8.169  -3.422  -4.825  1.00 19.07 ? 508 ALA A N   1 
ATOM   626  C  CA  . ALA A 1 81  ? -7.234  -4.534  -4.748  1.00 18.98 ? 508 ALA A CA  1 
ATOM   627  C  C   . ALA A 1 81  ? -7.658  -5.696  -5.649  1.00 20.08 ? 508 ALA A C   1 
ATOM   628  O  O   . ALA A 1 81  ? -6.822  -6.311  -6.314  1.00 19.63 ? 508 ALA A O   1 
ATOM   629  C  CB  . ALA A 1 81  ? -7.109  -5.004  -3.300  1.00 19.82 ? 508 ALA A CB  1 
ATOM   630  N  N   . LYS A 1 82  ? -8.953  -6.000  -5.672  1.00 20.87 ? 509 LYS A N   1 
ATOM   631  C  CA  . LYS A 1 82  ? -9.452  -7.094  -6.501  1.00 22.36 ? 509 LYS A CA  1 
ATOM   632  C  C   . LYS A 1 82  ? -9.242  -6.787  -7.977  1.00 22.19 ? 509 LYS A C   1 
ATOM   633  O  O   . LYS A 1 82  ? -8.816  -7.648  -8.746  1.00 23.01 ? 509 LYS A O   1 
ATOM   634  C  CB  . LYS A 1 82  ? -10.943 -7.337  -6.241  1.00 23.15 ? 509 LYS A CB  1 
ATOM   635  C  CG  . LYS A 1 82  ? -11.276 -7.819  -4.836  1.00 30.91 ? 509 LYS A CG  1 
ATOM   636  C  CD  . LYS A 1 82  ? -10.603 -9.143  -4.502  1.00 33.09 ? 509 LYS A CD  1 
ATOM   637  C  CE  . LYS A 1 82  ? -11.056 -9.654  -3.140  1.00 35.37 ? 509 LYS A CE  1 
ATOM   638  N  NZ  . LYS A 1 82  ? -10.331 -10.881 -2.713  1.00 34.61 ? 509 LYS A NZ  1 
ATOM   639  N  N   . LYS A 1 83  ? -9.537  -5.551  -8.363  1.00 21.58 ? 510 LYS A N   1 
ATOM   640  C  CA  . LYS A 1 83  ? -9.390  -5.122  -9.746  1.00 23.92 ? 510 LYS A CA  1 
ATOM   641  C  C   . LYS A 1 83  ? -7.978  -5.353  -10.267 1.00 22.31 ? 510 LYS A C   1 
ATOM   642  O  O   . LYS A 1 83  ? -7.792  -5.845  -11.378 1.00 24.21 ? 510 LYS A O   1 
ATOM   643  C  CB  . LYS A 1 83  ? -9.748  -3.639  -9.872  1.00 25.56 ? 510 LYS A CB  1 
ATOM   644  C  CG  . LYS A 1 83  ? -9.639  -3.085  -11.287 1.00 31.06 ? 510 LYS A CG  1 
ATOM   645  C  CD  . LYS A 1 83  ? -9.973  -1.601  -11.324 1.00 36.04 ? 510 LYS A CD  1 
ATOM   646  C  CE  . LYS A 1 83  ? -11.373 -1.336  -10.784 1.00 39.04 ? 510 LYS A CE  1 
ATOM   647  N  NZ  . LYS A 1 83  ? -11.731 0.110   -10.826 1.00 42.20 ? 510 LYS A NZ  1 
ATOM   648  N  N   . ARG A 1 84  ? -6.979  -5.011  -9.460  1.00 20.05 ? 511 ARG A N   1 
ATOM   649  C  CA  . ARG A 1 84  ? -5.592  -5.179  -9.876  1.00 18.64 ? 511 ARG A CA  1 
ATOM   650  C  C   . ARG A 1 84  ? -5.026  -6.566  -9.603  1.00 18.03 ? 511 ARG A C   1 
ATOM   651  O  O   . ARG A 1 84  ? -3.926  -6.880  -10.055 1.00 19.50 ? 511 ARG A O   1 
ATOM   652  C  CB  . ARG A 1 84  ? -4.699  -4.136  -9.195  1.00 16.42 ? 511 ARG A CB  1 
ATOM   653  C  CG  . ARG A 1 84  ? -5.143  -2.699  -9.391  1.00 19.26 ? 511 ARG A CG  1 
ATOM   654  C  CD  . ARG A 1 84  ? -5.196  -2.301  -10.858 1.00 21.51 ? 511 ARG A CD  1 
ATOM   655  N  NE  . ARG A 1 84  ? -5.554  -0.889  -10.975 1.00 21.64 ? 511 ARG A NE  1 
ATOM   656  C  CZ  . ARG A 1 84  ? -5.929  -0.290  -12.098 1.00 27.43 ? 511 ARG A CZ  1 
ATOM   657  N  NH1 . ARG A 1 84  ? -6.002  -0.976  -13.234 1.00 26.83 ? 511 ARG A NH1 1 
ATOM   658  N  NH2 . ARG A 1 84  ? -6.242  1.001   -12.082 1.00 25.82 ? 511 ARG A NH2 1 
ATOM   659  N  N   . GLY A 1 85  ? -5.765  -7.389  -8.859  1.00 17.31 ? 512 GLY A N   1 
ATOM   660  C  CA  . GLY A 1 85  ? -5.296  -8.730  -8.550  1.00 17.85 ? 512 GLY A CA  1 
ATOM   661  C  C   . GLY A 1 85  ? -4.153  -8.769  -7.547  1.00 18.28 ? 512 GLY A C   1 
ATOM   662  O  O   . GLY A 1 85  ? -3.402  -9.745  -7.471  1.00 19.32 ? 512 GLY A O   1 
ATOM   663  N  N   . VAL A 1 86  ? -4.030  -7.703  -6.769  1.00 17.33 ? 513 VAL A N   1 
ATOM   664  C  CA  . VAL A 1 86  ? -2.989  -7.584  -5.756  1.00 17.28 ? 513 VAL A CA  1 
ATOM   665  C  C   . VAL A 1 86  ? -3.085  -8.682  -4.704  1.00 16.34 ? 513 VAL A C   1 
ATOM   666  O  O   . VAL A 1 86  ? -4.175  -9.020  -4.249  1.00 16.99 ? 513 VAL A O   1 
ATOM   667  C  CB  . VAL A 1 86  ? -3.081  -6.203  -5.054  1.00 20.22 ? 513 VAL A CB  1 
ATOM   668  C  CG1 . VAL A 1 86  ? -2.329  -6.224  -3.733  1.00 24.44 ? 513 VAL A CG1 1 
ATOM   669  C  CG2 . VAL A 1 86  ? -2.516  -5.129  -5.970  1.00 22.27 ? 513 VAL A CG2 1 
ATOM   670  N  N   . ARG A 1 87  ? -1.935  -9.241  -4.333  1.00 16.90 ? 514 ARG A N   1 
ATOM   671  C  CA  . ARG A 1 87  ? -1.885  -10.280 -3.309  1.00 16.03 ? 514 ARG A CA  1 
ATOM   672  C  C   . ARG A 1 87  ? -1.434  -9.674  -1.988  1.00 17.65 ? 514 ARG A C   1 
ATOM   673  O  O   . ARG A 1 87  ? -1.902  -10.070 -0.920  1.00 15.79 ? 514 ARG A O   1 
ATOM   674  C  CB  . ARG A 1 87  ? -0.908  -11.387 -3.696  1.00 18.12 ? 514 ARG A CB  1 
ATOM   675  C  CG  . ARG A 1 87  ? -0.739  -12.429 -2.602  1.00 17.28 ? 514 ARG A CG  1 
ATOM   676  C  CD  . ARG A 1 87  ? 0.175   -13.563 -3.029  1.00 20.96 ? 514 ARG A CD  1 
ATOM   677  N  NE  . ARG A 1 87  ? 0.301   -14.566 -1.975  1.00 21.97 ? 514 ARG A NE  1 
ATOM   678  C  CZ  . ARG A 1 87  ? 1.081   -15.637 -2.054  1.00 23.22 ? 514 ARG A CZ  1 
ATOM   679  N  NH1 . ARG A 1 87  ? 1.133   -16.491 -1.041  1.00 21.56 ? 514 ARG A NH1 1 
ATOM   680  N  NH2 . ARG A 1 87  ? 1.808   -15.855 -3.145  1.00 24.45 ? 514 ARG A NH2 1 
ATOM   681  N  N   . TYR A 1 88  ? -0.525  -8.707  -2.074  1.00 15.44 ? 515 TYR A N   1 
ATOM   682  C  CA  . TYR A 1 88  ? 0.003   -8.054  -0.884  1.00 14.46 ? 515 TYR A CA  1 
ATOM   683  C  C   . TYR A 1 88  ? -0.178  -6.548  -0.856  1.00 14.12 ? 515 TYR A C   1 
ATOM   684  O  O   . TYR A 1 88  ? -0.056  -5.865  -1.876  1.00 14.77 ? 515 TYR A O   1 
ATOM   685  C  CB  . TYR A 1 88  ? 1.498   -8.343  -0.739  1.00 14.38 ? 515 TYR A CB  1 
ATOM   686  C  CG  . TYR A 1 88  ? 1.844   -9.802  -0.553  1.00 13.98 ? 515 TYR A CG  1 
ATOM   687  C  CD1 . TYR A 1 88  ? 1.370   -10.513 0.547   1.00 13.36 ? 515 TYR A CD1 1 
ATOM   688  C  CD2 . TYR A 1 88  ? 2.656   -10.466 -1.469  1.00 17.67 ? 515 TYR A CD2 1 
ATOM   689  C  CE1 . TYR A 1 88  ? 1.700   -11.855 0.732   1.00 15.50 ? 515 TYR A CE1 1 
ATOM   690  C  CE2 . TYR A 1 88  ? 2.991   -11.812 -1.295  1.00 17.52 ? 515 TYR A CE2 1 
ATOM   691  C  CZ  . TYR A 1 88  ? 2.507   -12.495 -0.191  1.00 17.12 ? 515 TYR A CZ  1 
ATOM   692  O  OH  . TYR A 1 88  ? 2.826   -13.823 -0.004  1.00 19.06 ? 515 TYR A OH  1 
ATOM   693  N  N   . VAL A 1 89  ? -0.471  -6.043  0.338   1.00 15.27 ? 516 VAL A N   1 
ATOM   694  C  CA  . VAL A 1 89  ? -0.605  -4.616  0.582   1.00 14.13 ? 516 VAL A CA  1 
ATOM   695  C  C   . VAL A 1 89  ? 0.422   -4.352  1.683   1.00 15.50 ? 516 VAL A C   1 
ATOM   696  O  O   . VAL A 1 89  ? 0.469   -5.074  2.678   1.00 17.09 ? 516 VAL A O   1 
ATOM   697  C  CB  . VAL A 1 89  ? -2.012  -4.243  1.096   1.00 15.85 ? 516 VAL A CB  1 
ATOM   698  C  CG1 . VAL A 1 89  ? -2.038  -2.777  1.490   1.00 16.78 ? 516 VAL A CG1 1 
ATOM   699  C  CG2 . VAL A 1 89  ? -3.048  -4.498  0.007   1.00 18.26 ? 516 VAL A CG2 1 
ATOM   700  N  N   . VAL A 1 90  ? 1.242   -3.325  1.511   1.00 16.10 ? 517 VAL A N   1 
ATOM   701  C  CA  . VAL A 1 90  ? 2.283   -3.041  2.493   1.00 16.23 ? 517 VAL A CA  1 
ATOM   702  C  C   . VAL A 1 90  ? 2.159   -1.650  3.093   1.00 16.04 ? 517 VAL A C   1 
ATOM   703  O  O   . VAL A 1 90  ? 1.962   -0.674  2.371   1.00 16.29 ? 517 VAL A O   1 
ATOM   704  C  CB  . VAL A 1 90  ? 3.680   -3.174  1.853   1.00 18.30 ? 517 VAL A CB  1 
ATOM   705  C  CG1 . VAL A 1 90  ? 4.761   -3.081  2.924   1.00 21.13 ? 517 VAL A CG1 1 
ATOM   706  C  CG2 . VAL A 1 90  ? 3.780   -4.491  1.101   1.00 21.87 ? 517 VAL A CG2 1 
ATOM   707  N  N   . THR A 1 91  ? 2.283   -1.569  4.414   1.00 15.25 ? 518 THR A N   1 
ATOM   708  C  CA  . THR A 1 91  ? 2.203   -0.293  5.121   1.00 15.80 ? 518 THR A CA  1 
ATOM   709  C  C   . THR A 1 91  ? 3.480   -0.087  5.936   1.00 17.18 ? 518 THR A C   1 
ATOM   710  O  O   . THR A 1 91  ? 4.317   -0.982  6.027   1.00 17.19 ? 518 THR A O   1 
ATOM   711  C  CB  . THR A 1 91  ? 0.979   -0.235  6.077   1.00 15.78 ? 518 THR A CB  1 
ATOM   712  O  OG1 . THR A 1 91  ? 1.124   -1.206  7.123   1.00 16.89 ? 518 THR A OG1 1 
ATOM   713  C  CG2 . THR A 1 91  ? -0.312  -0.521  5.304   1.00 17.10 ? 518 THR A CG2 1 
ATOM   714  N  N   . ALA A 1 92  ? 3.630   1.105   6.506   1.00 16.22 ? 519 ALA A N   1 
ATOM   715  C  CA  . ALA A 1 92  ? 4.796   1.436   7.325   1.00 16.83 ? 519 ALA A CA  1 
ATOM   716  C  C   . ALA A 1 92  ? 4.447   2.692   8.109   1.00 16.63 ? 519 ALA A C   1 
ATOM   717  O  O   . ALA A 1 92  ? 3.525   3.418   7.739   1.00 16.32 ? 519 ALA A O   1 
ATOM   718  C  CB  . ALA A 1 92  ? 6.018   1.685   6.444   1.00 16.90 ? 519 ALA A CB  1 
ATOM   719  N  N   . ASP A 1 93  ? 5.176   2.966   9.186   1.00 15.08 ? 520 ASP A N   1 
ATOM   720  C  CA  . ASP A 1 93  ? 4.865   4.151   9.983   1.00 17.27 ? 520 ASP A CA  1 
ATOM   721  C  C   . ASP A 1 93  ? 4.875   5.423   9.145   1.00 16.11 ? 520 ASP A C   1 
ATOM   722  O  O   . ASP A 1 93  ? 4.046   6.314   9.350   1.00 16.67 ? 520 ASP A O   1 
ATOM   723  C  CB  . ASP A 1 93  ? 5.860   4.328   11.139  1.00 19.50 ? 520 ASP A CB  1 
ATOM   724  C  CG  . ASP A 1 93  ? 5.672   3.310   12.245  1.00 22.76 ? 520 ASP A CG  1 
ATOM   725  O  OD1 . ASP A 1 93  ? 4.588   2.694   12.322  1.00 23.91 ? 520 ASP A OD1 1 
ATOM   726  O  OD2 . ASP A 1 93  ? 6.611   3.144   13.059  1.00 23.35 ? 520 ASP A OD2 1 
ATOM   727  N  N   . GLU A 1 94  ? 5.803   5.499   8.198   1.00 18.50 ? 521 GLU A N   1 
ATOM   728  C  CA  . GLU A 1 94  ? 5.945   6.686   7.351   1.00 19.31 ? 521 GLU A CA  1 
ATOM   729  C  C   . GLU A 1 94  ? 4.694   7.163   6.616   1.00 20.89 ? 521 GLU A C   1 
ATOM   730  O  O   . GLU A 1 94  ? 4.560   8.354   6.354   1.00 20.01 ? 521 GLU A O   1 
ATOM   731  C  CB  . GLU A 1 94  ? 7.072   6.488   6.329   1.00 22.72 ? 521 GLU A CB  1 
ATOM   732  C  CG  . GLU A 1 94  ? 6.813   5.381   5.312   1.00 27.37 ? 521 GLU A CG  1 
ATOM   733  C  CD  . GLU A 1 94  ? 7.850   5.347   4.202   1.00 30.66 ? 521 GLU A CD  1 
ATOM   734  O  OE1 . GLU A 1 94  ? 7.734   4.481   3.305   1.00 30.08 ? 521 GLU A OE1 1 
ATOM   735  O  OE2 . GLU A 1 94  ? 8.777   6.188   4.222   1.00 29.24 ? 521 GLU A OE2 1 
ATOM   736  N  N   . ILE A 1 95  ? 3.784   6.259   6.259   1.00 21.09 ? 522 ILE A N   1 
ATOM   737  C  CA  . ILE A 1 95  ? 2.587   6.705   5.550   1.00 18.89 ? 522 ILE A CA  1 
ATOM   738  C  C   . ILE A 1 95  ? 1.399   6.955   6.467   1.00 19.95 ? 522 ILE A C   1 
ATOM   739  O  O   . ILE A 1 95  ? 0.280   7.198   6.003   1.00 20.50 ? 522 ILE A O   1 
ATOM   740  C  CB  . ILE A 1 95  ? 2.178   5.714   4.414   1.00 18.03 ? 522 ILE A CB  1 
ATOM   741  C  CG1 . ILE A 1 95  ? 1.815   4.340   4.982   1.00 16.92 ? 522 ILE A CG1 1 
ATOM   742  C  CG2 . ILE A 1 95  ? 3.323   5.565   3.433   1.00 19.66 ? 522 ILE A CG2 1 
ATOM   743  C  CD1 . ILE A 1 95  ? 1.220   3.410   3.929   1.00 16.08 ? 522 ILE A CD1 1 
ATOM   744  N  N   . THR A 1 96  ? 1.647   6.914   7.775   1.00 19.83 ? 523 THR A N   1 
ATOM   745  C  CA  . THR A 1 96  ? 0.597   7.143   8.761   1.00 20.47 ? 523 THR A CA  1 
ATOM   746  C  C   . THR A 1 96  ? 0.832   8.482   9.450   1.00 19.75 ? 523 THR A C   1 
ATOM   747  O  O   . THR A 1 96  ? 1.826   9.159   9.185   1.00 21.92 ? 523 THR A O   1 
ATOM   748  C  CB  . THR A 1 96  ? 0.589   6.050   9.839   1.00 20.39 ? 523 THR A CB  1 
ATOM   749  O  OG1 . THR A 1 96  ? 1.664   6.273   10.764  1.00 20.70 ? 523 THR A OG1 1 
ATOM   750  C  CG2 . THR A 1 96  ? 0.759   4.674   9.192   1.00 20.30 ? 523 THR A CG2 1 
HETATM 751  N  N   . MSE A 1 97  ? -0.083  8.857   10.338  1.00 21.18 ? 524 MSE A N   1 
HETATM 752  C  CA  . MSE A 1 97  ? 0.037   10.122  11.051  1.00 23.17 ? 524 MSE A CA  1 
HETATM 753  C  C   . MSE A 1 97  ? 0.730   9.985   12.402  1.00 24.74 ? 524 MSE A C   1 
HETATM 754  O  O   . MSE A 1 97  ? 0.474   10.761  13.320  1.00 26.25 ? 524 MSE A O   1 
HETATM 755  C  CB  . MSE A 1 97  ? -1.344  10.760  11.229  1.00 25.04 ? 524 MSE A CB  1 
HETATM 756  C  CG  . MSE A 1 97  ? -1.917  11.352  9.940   1.00 25.95 ? 524 MSE A CG  1 
HETATM 757  SE SE  . MSE A 1 97  ? -0.815  12.754  9.169   1.00 37.88 ? 524 MSE A SE  1 
HETATM 758  C  CE  . MSE A 1 97  ? -1.197  14.155  10.439  1.00 31.02 ? 524 MSE A CE  1 
ATOM   759  N  N   . LYS A 1 98  ? 1.616   9.000   12.517  1.00 26.17 ? 525 LYS A N   1 
ATOM   760  C  CA  . LYS A 1 98  ? 2.356   8.780   13.756  1.00 28.13 ? 525 LYS A CA  1 
ATOM   761  C  C   . LYS A 1 98  ? 3.105   10.060  14.122  1.00 28.75 ? 525 LYS A C   1 
ATOM   762  O  O   . LYS A 1 98  ? 3.103   10.491  15.277  1.00 29.61 ? 525 LYS A O   1 
ATOM   763  C  CB  . LYS A 1 98  ? 3.342   7.622   13.574  1.00 29.81 ? 525 LYS A CB  1 
ATOM   764  C  CG  . LYS A 1 98  ? 4.244   7.347   14.773  1.00 32.98 ? 525 LYS A CG  1 
ATOM   765  C  CD  . LYS A 1 98  ? 5.092   6.099   14.530  1.00 34.60 ? 525 LYS A CD  1 
ATOM   766  C  CE  . LYS A 1 98  ? 6.039   5.805   15.692  1.00 37.15 ? 525 LYS A CE  1 
ATOM   767  N  NZ  . LYS A 1 98  ? 7.159   6.782   15.796  1.00 38.60 ? 525 LYS A NZ  1 
ATOM   768  N  N   . ASP A 1 99  ? 3.738   10.666  13.124  1.00 27.47 ? 526 ASP A N   1 
ATOM   769  C  CA  . ASP A 1 99  ? 4.485   11.902  13.318  1.00 28.24 ? 526 ASP A CA  1 
ATOM   770  C  C   . ASP A 1 99  ? 3.997   12.903  12.277  1.00 25.87 ? 526 ASP A C   1 
ATOM   771  O  O   . ASP A 1 99  ? 4.279   12.756  11.091  1.00 23.96 ? 526 ASP A O   1 
ATOM   772  C  CB  . ASP A 1 99  ? 5.980   11.654  13.118  1.00 31.15 ? 526 ASP A CB  1 
ATOM   773  C  CG  . ASP A 1 99  ? 6.826   12.860  13.487  1.00 34.04 ? 526 ASP A CG  1 
ATOM   774  O  OD1 . ASP A 1 99  ? 6.363   14.004  13.292  1.00 36.93 ? 526 ASP A OD1 1 
ATOM   775  O  OD2 . ASP A 1 99  ? 7.964   12.661  13.960  1.00 35.89 ? 526 ASP A OD2 1 
ATOM   776  N  N   . ALA A 1 100 ? 3.263   13.916  12.722  1.00 26.12 ? 527 ALA A N   1 
ATOM   777  C  CA  . ALA A 1 100 ? 2.729   14.923  11.810  1.00 26.48 ? 527 ALA A CA  1 
ATOM   778  C  C   . ALA A 1 100 ? 3.820   15.664  11.042  1.00 26.82 ? 527 ALA A C   1 
ATOM   779  O  O   . ALA A 1 100 ? 3.561   16.213  9.971   1.00 25.43 ? 527 ALA A O   1 
ATOM   780  C  CB  . ALA A 1 100 ? 1.866   15.920  12.582  1.00 28.00 ? 527 ALA A CB  1 
ATOM   781  N  N   . ASN A 1 101 ? 5.033   15.676  11.589  1.00 27.47 ? 528 ASN A N   1 
ATOM   782  C  CA  . ASN A 1 101 ? 6.158   16.361  10.952  1.00 28.87 ? 528 ASN A CA  1 
ATOM   783  C  C   . ASN A 1 101 ? 7.054   15.443  10.130  1.00 28.23 ? 528 ASN A C   1 
ATOM   784  O  O   . ASN A 1 101 ? 8.068   15.880  9.588   1.00 28.90 ? 528 ASN A O   1 
ATOM   785  C  CB  . ASN A 1 101 ? 7.000   17.090  12.002  1.00 32.18 ? 528 ASN A CB  1 
ATOM   786  C  CG  . ASN A 1 101 ? 6.332   18.353  12.513  1.00 35.17 ? 528 ASN A CG  1 
ATOM   787  O  OD1 . ASN A 1 101 ? 6.832   19.008  13.427  1.00 39.58 ? 528 ASN A OD1 1 
ATOM   788  N  ND2 . ASN A 1 101 ? 5.199   18.706  11.919  1.00 36.68 ? 528 ASN A ND2 1 
ATOM   789  N  N   . ASN A 1 102 ? 6.680   14.171  10.048  1.00 25.87 ? 529 ASN A N   1 
ATOM   790  C  CA  . ASN A 1 102 ? 7.431   13.190  9.274   1.00 24.53 ? 529 ASN A CA  1 
ATOM   791  C  C   . ASN A 1 102 ? 6.427   12.171  8.770   1.00 23.89 ? 529 ASN A C   1 
ATOM   792  O  O   . ASN A 1 102 ? 6.345   11.046  9.271   1.00 21.82 ? 529 ASN A O   1 
ATOM   793  C  CB  . ASN A 1 102 ? 8.495   12.504  10.134  1.00 25.66 ? 529 ASN A CB  1 
ATOM   794  C  CG  . ASN A 1 102 ? 9.251   11.433  9.369   1.00 27.04 ? 529 ASN A CG  1 
ATOM   795  O  OD1 . ASN A 1 102 ? 9.345   11.485  8.142   1.00 27.18 ? 529 ASN A OD1 1 
ATOM   796  N  ND2 . ASN A 1 102 ? 9.805   10.465  10.088  1.00 29.98 ? 529 ASN A ND2 1 
ATOM   797  N  N   . THR A 1 103 ? 5.656   12.580  7.769   1.00 21.79 ? 530 THR A N   1 
ATOM   798  C  CA  . THR A 1 103 ? 4.619   11.722  7.221   1.00 19.58 ? 530 THR A CA  1 
ATOM   799  C  C   . THR A 1 103 ? 4.374   11.935  5.733   1.00 20.08 ? 530 THR A C   1 
ATOM   800  O  O   . THR A 1 103 ? 4.520   13.040  5.213   1.00 21.03 ? 530 THR A O   1 
ATOM   801  C  CB  . THR A 1 103 ? 3.293   11.957  7.960   1.00 19.07 ? 530 THR A CB  1 
ATOM   802  O  OG1 . THR A 1 103 ? 2.259   11.182  7.343   1.00 18.76 ? 530 THR A OG1 1 
ATOM   803  C  CG2 . THR A 1 103 ? 2.904   13.430  7.898   1.00 18.82 ? 530 THR A CG2 1 
ATOM   804  N  N   . LYS A 1 104 ? 3.997   10.856  5.055   1.00 19.64 ? 531 LYS A N   1 
ATOM   805  C  CA  . LYS A 1 104 ? 3.700   10.906  3.632   1.00 18.31 ? 531 LYS A CA  1 
ATOM   806  C  C   . LYS A 1 104 ? 2.190   10.842  3.439   1.00 18.71 ? 531 LYS A C   1 
ATOM   807  O  O   . LYS A 1 104 ? 1.708   10.864  2.311   1.00 19.47 ? 531 LYS A O   1 
ATOM   808  C  CB  . LYS A 1 104 ? 4.364   9.727   2.908   1.00 19.35 ? 531 LYS A CB  1 
ATOM   809  C  CG  . LYS A 1 104 ? 5.880   9.817   2.843   1.00 21.65 ? 531 LYS A CG  1 
ATOM   810  C  CD  . LYS A 1 104 ? 6.504   8.560   2.236   1.00 21.41 ? 531 LYS A CD  1 
ATOM   811  C  CE  . LYS A 1 104 ? 8.023   8.683   2.205   1.00 26.29 ? 531 LYS A CE  1 
ATOM   812  N  NZ  . LYS A 1 104 ? 8.688   7.489   1.621   1.00 26.83 ? 531 LYS A NZ  1 
ATOM   813  N  N   . PHE A 1 105 ? 1.438   10.760  4.536   1.00 18.77 ? 532 PHE A N   1 
ATOM   814  C  CA  . PHE A 1 105 ? -0.015  10.682  4.413   1.00 17.76 ? 532 PHE A CA  1 
ATOM   815  C  C   . PHE A 1 105 ? -0.608  11.913  3.724   1.00 17.06 ? 532 PHE A C   1 
ATOM   816  O  O   . PHE A 1 105 ? -1.547  11.792  2.940   1.00 17.72 ? 532 PHE A O   1 
ATOM   817  C  CB  . PHE A 1 105 ? -0.674  10.455  5.777   1.00 16.49 ? 532 PHE A CB  1 
ATOM   818  C  CG  . PHE A 1 105 ? -2.138  10.130  5.680   1.00 16.13 ? 532 PHE A CG  1 
ATOM   819  C  CD1 . PHE A 1 105 ? -3.096  11.040  6.110   1.00 16.71 ? 532 PHE A CD1 1 
ATOM   820  C  CD2 . PHE A 1 105 ? -2.560  8.937   5.096   1.00 16.42 ? 532 PHE A CD2 1 
ATOM   821  C  CE1 . PHE A 1 105 ? -4.455  10.770  5.959   1.00 17.58 ? 532 PHE A CE1 1 
ATOM   822  C  CE2 . PHE A 1 105 ? -3.919  8.661   4.937   1.00 15.46 ? 532 PHE A CE2 1 
ATOM   823  C  CZ  . PHE A 1 105 ? -4.865  9.584   5.371   1.00 16.52 ? 532 PHE A CZ  1 
ATOM   824  N  N   . PRO A 1 106 ? -0.078  13.115  4.004   1.00 17.57 ? 533 PRO A N   1 
ATOM   825  C  CA  . PRO A 1 106 ? -0.665  14.267  3.312   1.00 18.40 ? 533 PRO A CA  1 
ATOM   826  C  C   . PRO A 1 106 ? -0.479  14.134  1.795   1.00 17.95 ? 533 PRO A C   1 
ATOM   827  O  O   . PRO A 1 106 ? -1.362  14.493  1.022   1.00 18.80 ? 533 PRO A O   1 
ATOM   828  C  CB  . PRO A 1 106 ? 0.110   15.446  3.898   1.00 18.79 ? 533 PRO A CB  1 
ATOM   829  C  CG  . PRO A 1 106 ? 0.348   14.991  5.318   1.00 19.65 ? 533 PRO A CG  1 
ATOM   830  C  CD  . PRO A 1 106 ? 0.800   13.555  5.104   1.00 16.86 ? 533 PRO A CD  1 
ATOM   831  N  N   . ALA A 1 107 ? 0.673   13.609  1.378   1.00 16.45 ? 534 ALA A N   1 
ATOM   832  C  CA  . ALA A 1 107 ? 0.956   13.419  -0.040  1.00 18.05 ? 534 ALA A CA  1 
ATOM   833  C  C   . ALA A 1 107 ? -0.024  12.403  -0.608  1.00 18.35 ? 534 ALA A C   1 
ATOM   834  O  O   . ALA A 1 107 ? -0.544  12.574  -1.707  1.00 19.89 ? 534 ALA A O   1 
ATOM   835  C  CB  . ALA A 1 107 ? 2.397   12.931  -0.237  1.00 19.90 ? 534 ALA A CB  1 
ATOM   836  N  N   . ILE A 1 108 ? -0.271  11.341  0.151   1.00 17.66 ? 535 ILE A N   1 
ATOM   837  C  CA  . ILE A 1 108 ? -1.208  10.312  -0.275  1.00 17.18 ? 535 ILE A CA  1 
ATOM   838  C  C   . ILE A 1 108 ? -2.591  10.936  -0.456  1.00 18.42 ? 535 ILE A C   1 
ATOM   839  O  O   . ILE A 1 108 ? -3.266  10.691  -1.456  1.00 16.72 ? 535 ILE A O   1 
ATOM   840  C  CB  . ILE A 1 108 ? -1.276  9.163   0.765   1.00 15.79 ? 535 ILE A CB  1 
ATOM   841  C  CG1 . ILE A 1 108 ? 0.018   8.342   0.706   1.00 16.88 ? 535 ILE A CG1 1 
ATOM   842  C  CG2 . ILE A 1 108 ? -2.484  8.286   0.509   1.00 18.87 ? 535 ILE A CG2 1 
ATOM   843  C  CD1 . ILE A 1 108 ? 0.142   7.278   1.800   1.00 15.57 ? 535 ILE A CD1 1 
HETATM 844  N  N   . MSE A 1 109 ? -3.005  11.754  0.508   1.00 16.91 ? 536 MSE A N   1 
HETATM 845  C  CA  . MSE A 1 109 ? -4.298  12.420  0.425   1.00 18.78 ? 536 MSE A CA  1 
HETATM 846  C  C   . MSE A 1 109 ? -4.398  13.288  -0.829  1.00 18.80 ? 536 MSE A C   1 
HETATM 847  O  O   . MSE A 1 109 ? -5.424  13.274  -1.511  1.00 18.47 ? 536 MSE A O   1 
HETATM 848  C  CB  . MSE A 1 109 ? -4.539  13.279  1.668   1.00 20.97 ? 536 MSE A CB  1 
HETATM 849  C  CG  . MSE A 1 109 ? -4.847  12.480  2.920   1.00 26.20 ? 536 MSE A CG  1 
HETATM 850  SE SE  . MSE A 1 109 ? -5.455  13.622  4.351   1.00 41.19 ? 536 MSE A SE  1 
HETATM 851  C  CE  . MSE A 1 109 ? -7.198  14.042  3.631   1.00 33.22 ? 536 MSE A CE  1 
ATOM   852  N  N   . ARG A 1 110 ? -3.340  14.034  -1.137  1.00 18.71 ? 537 ARG A N   1 
ATOM   853  C  CA  . ARG A 1 110 ? -3.340  14.892  -2.322  1.00 20.29 ? 537 ARG A CA  1 
ATOM   854  C  C   . ARG A 1 110 ? -3.531  14.084  -3.599  1.00 20.42 ? 537 ARG A C   1 
ATOM   855  O  O   . ARG A 1 110 ? -4.333  14.451  -4.459  1.00 20.99 ? 537 ARG A O   1 
ATOM   856  C  CB  . ARG A 1 110 ? -2.034  15.689  -2.430  1.00 21.93 ? 537 ARG A CB  1 
ATOM   857  C  CG  . ARG A 1 110 ? -1.800  16.670  -1.297  1.00 24.79 ? 537 ARG A CG  1 
ATOM   858  C  CD  . ARG A 1 110 ? -0.763  17.719  -1.668  1.00 27.31 ? 537 ARG A CD  1 
ATOM   859  N  NE  . ARG A 1 110 ? -0.398  18.535  -0.515  1.00 27.63 ? 537 ARG A NE  1 
ATOM   860  C  CZ  . ARG A 1 110 ? 0.444   18.142  0.434   1.00 29.28 ? 537 ARG A CZ  1 
ATOM   861  N  NH1 . ARG A 1 110 ? 1.014   16.946  0.363   1.00 30.37 ? 537 ARG A NH1 1 
ATOM   862  N  NH2 . ARG A 1 110 ? 0.714   18.940  1.459   1.00 30.01 ? 537 ARG A NH2 1 
ATOM   863  N  N   . ILE A 1 111 ? -2.787  12.989  -3.724  1.00 22.18 ? 538 ILE A N   1 
ATOM   864  C  CA  . ILE A 1 111 ? -2.881  12.133  -4.904  1.00 22.02 ? 538 ILE A CA  1 
ATOM   865  C  C   . ILE A 1 111 ? -4.277  11.528  -5.023  1.00 22.32 ? 538 ILE A C   1 
ATOM   866  O  O   . ILE A 1 111 ? -4.771  11.298  -6.132  1.00 23.22 ? 538 ILE A O   1 
ATOM   867  C  CB  . ILE A 1 111 ? -1.827  11.004  -4.853  1.00 24.30 ? 538 ILE A CB  1 
ATOM   868  C  CG1 . ILE A 1 111 ? -0.422  11.608  -4.921  1.00 27.24 ? 538 ILE A CG1 1 
ATOM   869  C  CG2 . ILE A 1 111 ? -2.044  10.025  -5.999  1.00 23.49 ? 538 ILE A CG2 1 
ATOM   870  C  CD1 . ILE A 1 111 ? -0.149  12.404  -6.182  1.00 29.62 ? 538 ILE A CD1 1 
ATOM   871  N  N   . ALA A 1 112 ? -4.915  11.280  -3.882  1.00 21.06 ? 539 ALA A N   1 
ATOM   872  C  CA  . ALA A 1 112 ? -6.262  10.718  -3.868  1.00 21.67 ? 539 ALA A CA  1 
ATOM   873  C  C   . ALA A 1 112 ? -7.293  11.785  -4.232  1.00 22.56 ? 539 ALA A C   1 
ATOM   874  O  O   . ALA A 1 112 ? -8.477  11.480  -4.388  1.00 23.10 ? 539 ALA A O   1 
ATOM   875  C  CB  . ALA A 1 112 ? -6.580  10.137  -2.495  1.00 20.21 ? 539 ALA A CB  1 
ATOM   876  N  N   . GLY A 1 113 ? -6.842  13.031  -4.350  1.00 23.46 ? 540 GLY A N   1 
ATOM   877  C  CA  . GLY A 1 113 ? -7.745  14.110  -4.716  1.00 25.30 ? 540 GLY A CA  1 
ATOM   878  C  C   . GLY A 1 113 ? -8.254  14.988  -3.585  1.00 26.92 ? 540 GLY A C   1 
ATOM   879  O  O   . GLY A 1 113 ? -9.148  15.811  -3.793  1.00 29.70 ? 540 GLY A O   1 
ATOM   880  N  N   . TYR A 1 114 ? -7.700  14.830  -2.390  1.00 24.44 ? 541 TYR A N   1 
ATOM   881  C  CA  . TYR A 1 114 ? -8.137  15.641  -1.262  1.00 26.24 ? 541 TYR A CA  1 
ATOM   882  C  C   . TYR A 1 114 ? -7.295  16.907  -1.148  1.00 27.47 ? 541 TYR A C   1 
ATOM   883  O  O   . TYR A 1 114 ? -6.091  16.895  -1.400  1.00 27.77 ? 541 TYR A O   1 
ATOM   884  C  CB  . TYR A 1 114 ? -8.055  14.836  0.041   1.00 24.47 ? 541 TYR A CB  1 
ATOM   885  C  CG  . TYR A 1 114 ? -9.003  13.663  0.096   1.00 24.04 ? 541 TYR A CG  1 
ATOM   886  C  CD1 . TYR A 1 114 ? -10.353 13.841  0.392   1.00 25.57 ? 541 TYR A CD1 1 
ATOM   887  C  CD2 . TYR A 1 114 ? -8.554  12.369  -0.174  1.00 22.64 ? 541 TYR A CD2 1 
ATOM   888  C  CE1 . TYR A 1 114 ? -11.234 12.757  0.418   1.00 25.79 ? 541 TYR A CE1 1 
ATOM   889  C  CE2 . TYR A 1 114 ? -9.424  11.285  -0.151  1.00 23.29 ? 541 TYR A CE2 1 
ATOM   890  C  CZ  . TYR A 1 114 ? -10.759 11.485  0.145   1.00 24.79 ? 541 TYR A CZ  1 
ATOM   891  O  OH  . TYR A 1 114 ? -11.617 10.411  0.170   1.00 27.48 ? 541 TYR A OH  1 
ATOM   892  N  N   . ASN A 1 115 ? -7.945  18.006  -0.783  1.00 27.93 ? 542 ASN A N   1 
ATOM   893  C  CA  . ASN A 1 115 ? -7.264  19.283  -0.624  1.00 29.24 ? 542 ASN A CA  1 
ATOM   894  C  C   . ASN A 1 115 ? -6.800  19.363  0.827   1.00 29.23 ? 542 ASN A C   1 
ATOM   895  O  O   . ASN A 1 115 ? -7.277  20.189  1.602   1.00 28.82 ? 542 ASN A O   1 
ATOM   896  C  CB  . ASN A 1 115 ? -8.233  20.424  -0.921  1.00 32.16 ? 542 ASN A CB  1 
ATOM   897  C  CG  . ASN A 1 115 ? -7.525  21.719  -1.225  1.00 35.01 ? 542 ASN A CG  1 
ATOM   898  O  OD1 . ASN A 1 115 ? -6.544  22.073  -0.570  1.00 37.79 ? 542 ASN A OD1 1 
ATOM   899  N  ND2 . ASN A 1 115 ? -8.024  22.442  -2.219  1.00 35.27 ? 542 ASN A ND2 1 
ATOM   900  N  N   . VAL A 1 116 ? -5.864  18.491  1.182   1.00 29.35 ? 543 VAL A N   1 
ATOM   901  C  CA  . VAL A 1 116 ? -5.330  18.409  2.537   1.00 28.71 ? 543 VAL A CA  1 
ATOM   902  C  C   . VAL A 1 116 ? -4.786  19.727  3.087   1.00 29.54 ? 543 VAL A C   1 
ATOM   903  O  O   . VAL A 1 116 ? -4.809  19.954  4.299   1.00 29.83 ? 543 VAL A O   1 
ATOM   904  C  CB  . VAL A 1 116 ? -4.208  17.344  2.610   1.00 30.03 ? 543 VAL A CB  1 
ATOM   905  C  CG1 . VAL A 1 116 ? -3.013  17.792  1.789   1.00 28.65 ? 543 VAL A CG1 1 
ATOM   906  C  CG2 . VAL A 1 116 ? -3.813  17.099  4.053   1.00 28.70 ? 543 VAL A CG2 1 
ATOM   907  N  N   . ASP A 1 117 ? -4.303  20.590  2.200   1.00 27.82 ? 544 ASP A N   1 
ATOM   908  C  CA  . ASP A 1 117 ? -3.739  21.870  2.611   1.00 30.06 ? 544 ASP A CA  1 
ATOM   909  C  C   . ASP A 1 117 ? -4.758  22.847  3.187   1.00 29.11 ? 544 ASP A C   1 
ATOM   910  O  O   . ASP A 1 117 ? -4.383  23.868  3.770   1.00 29.81 ? 544 ASP A O   1 
ATOM   911  C  CB  . ASP A 1 117 ? -2.989  22.504  1.439   1.00 31.75 ? 544 ASP A CB  1 
ATOM   912  C  CG  . ASP A 1 117 ? -1.752  21.709  1.052   1.00 33.84 ? 544 ASP A CG  1 
ATOM   913  O  OD1 . ASP A 1 117 ? -0.892  21.491  1.933   1.00 35.02 ? 544 ASP A OD1 1 
ATOM   914  O  OD2 . ASP A 1 117 ? -1.643  21.298  -0.123  1.00 34.25 ? 544 ASP A OD2 1 
ATOM   915  N  N   . LEU A 1 118 ? -6.041  22.533  3.024   1.00 26.79 ? 545 LEU A N   1 
ATOM   916  C  CA  . LEU A 1 118 ? -7.111  23.365  3.565   1.00 25.95 ? 545 LEU A CA  1 
ATOM   917  C  C   . LEU A 1 118 ? -7.618  22.713  4.843   1.00 27.24 ? 545 LEU A C   1 
ATOM   918  O  O   . LEU A 1 118 ? -8.679  23.064  5.364   1.00 26.80 ? 545 LEU A O   1 
ATOM   919  C  CB  . LEU A 1 118 ? -8.262  23.491  2.563   1.00 25.88 ? 545 LEU A CB  1 
ATOM   920  C  CG  . LEU A 1 118 ? -7.994  24.236  1.254   1.00 25.87 ? 545 LEU A CG  1 
ATOM   921  C  CD1 . LEU A 1 118 ? -9.277  24.279  0.431   1.00 26.96 ? 545 LEU A CD1 1 
ATOM   922  C  CD2 . LEU A 1 118 ? -7.510  25.650  1.553   1.00 26.03 ? 545 LEU A CD2 1 
HETATM 923  N  N   . MSE A 1 119 ? -6.852  21.746  5.342   1.00 25.35 ? 546 MSE A N   1 
HETATM 924  C  CA  . MSE A 1 119 ? -7.217  21.041  6.560   1.00 25.20 ? 546 MSE A CA  1 
HETATM 925  C  C   . MSE A 1 119 ? -6.212  21.316  7.675   1.00 25.54 ? 546 MSE A C   1 
HETATM 926  O  O   . MSE A 1 119 ? -5.018  21.481  7.419   1.00 25.18 ? 546 MSE A O   1 
HETATM 927  C  CB  . MSE A 1 119 ? -7.275  19.538  6.292   1.00 30.11 ? 546 MSE A CB  1 
HETATM 928  C  CG  . MSE A 1 119 ? -8.299  19.132  5.254   1.00 33.01 ? 546 MSE A CG  1 
HETATM 929  SE SE  . MSE A 1 119 ? -8.149  17.254  4.840   1.00 45.65 ? 546 MSE A SE  1 
HETATM 930  C  CE  . MSE A 1 119 ? -8.815  16.542  6.493   1.00 37.05 ? 546 MSE A CE  1 
ATOM   931  N  N   . THR A 1 120 ? -6.701  21.366  8.909   1.00 25.90 ? 547 THR A N   1 
ATOM   932  C  CA  . THR A 1 120 ? -5.834  21.593  10.058  1.00 28.27 ? 547 THR A CA  1 
ATOM   933  C  C   . THR A 1 120 ? -5.191  20.255  10.406  1.00 29.69 ? 547 THR A C   1 
ATOM   934  O  O   . THR A 1 120 ? -5.650  19.207  9.953   1.00 27.35 ? 547 THR A O   1 
ATOM   935  C  CB  . THR A 1 120 ? -6.626  22.079  11.285  1.00 28.84 ? 547 THR A CB  1 
ATOM   936  O  OG1 . THR A 1 120 ? -7.532  21.052  11.708  1.00 30.43 ? 547 THR A OG1 1 
ATOM   937  C  CG2 . THR A 1 120 ? -7.413  23.341  10.949  1.00 30.45 ? 547 THR A CG2 1 
ATOM   938  N  N   . GLU A 1 121 ? -4.135  20.283  11.209  1.00 30.21 ? 548 GLU A N   1 
ATOM   939  C  CA  . GLU A 1 121 ? -3.468  19.045  11.591  1.00 30.80 ? 548 GLU A CA  1 
ATOM   940  C  C   . GLU A 1 121 ? -4.473  18.120  12.275  1.00 29.32 ? 548 GLU A C   1 
ATOM   941  O  O   . GLU A 1 121 ? -4.457  16.908  12.066  1.00 29.68 ? 548 GLU A O   1 
ATOM   942  C  CB  . GLU A 1 121 ? -2.294  19.342  12.527  1.00 33.13 ? 548 GLU A CB  1 
ATOM   943  C  CG  . GLU A 1 121 ? -1.404  18.139  12.805  1.00 37.32 ? 548 GLU A CG  1 
ATOM   944  C  CD  . GLU A 1 121 ? -0.159  18.507  13.586  1.00 40.97 ? 548 GLU A CD  1 
ATOM   945  O  OE1 . GLU A 1 121 ? 0.603   19.377  13.110  1.00 43.47 ? 548 GLU A OE1 1 
ATOM   946  O  OE2 . GLU A 1 121 ? 0.062   17.927  14.672  1.00 43.24 ? 548 GLU A OE2 1 
ATOM   947  N  N   . GLY A 1 122 ? -5.358  18.704  13.078  1.00 28.68 ? 549 GLY A N   1 
ATOM   948  C  CA  . GLY A 1 122 ? -6.366  17.920  13.771  1.00 28.69 ? 549 GLY A CA  1 
ATOM   949  C  C   . GLY A 1 122 ? -7.343  17.242  12.827  1.00 28.95 ? 549 GLY A C   1 
ATOM   950  O  O   . GLY A 1 122 ? -7.764  16.107  13.069  1.00 28.77 ? 549 GLY A O   1 
ATOM   951  N  N   . GLU A 1 123 ? -7.710  17.935  11.753  1.00 26.85 ? 550 GLU A N   1 
ATOM   952  C  CA  . GLU A 1 123 ? -8.639  17.385  10.770  1.00 26.61 ? 550 GLU A CA  1 
ATOM   953  C  C   . GLU A 1 123 ? -7.985  16.255  9.973   1.00 25.34 ? 550 GLU A C   1 
ATOM   954  O  O   . GLU A 1 123 ? -8.639  15.266  9.636   1.00 22.72 ? 550 GLU A O   1 
ATOM   955  C  CB  . GLU A 1 123 ? -9.117  18.488  9.819   1.00 28.70 ? 550 GLU A CB  1 
ATOM   956  C  CG  . GLU A 1 123 ? -9.867  19.622  10.517  1.00 32.34 ? 550 GLU A CG  1 
ATOM   957  C  CD  . GLU A 1 123 ? -10.221 20.764  9.575   1.00 32.53 ? 550 GLU A CD  1 
ATOM   958  O  OE1 . GLU A 1 123 ? -9.325  21.226  8.841   1.00 30.21 ? 550 GLU A OE1 1 
ATOM   959  O  OE2 . GLU A 1 123 ? -11.390 21.205  9.575   1.00 36.79 ? 550 GLU A OE2 1 
ATOM   960  N  N   . ILE A 1 124 ? -6.696  16.399  9.675   1.00 23.80 ? 551 ILE A N   1 
ATOM   961  C  CA  . ILE A 1 124 ? -5.972  15.372  8.928   1.00 23.18 ? 551 ILE A CA  1 
ATOM   962  C  C   . ILE A 1 124 ? -5.863  14.105  9.772   1.00 22.79 ? 551 ILE A C   1 
ATOM   963  O  O   . ILE A 1 124 ? -5.988  12.995  9.261   1.00 21.61 ? 551 ILE A O   1 
ATOM   964  C  CB  . ILE A 1 124 ? -4.548  15.835  8.552   1.00 24.27 ? 551 ILE A CB  1 
ATOM   965  C  CG1 . ILE A 1 124 ? -4.624  17.067  7.647   1.00 26.61 ? 551 ILE A CG1 1 
ATOM   966  C  CG2 . ILE A 1 124 ? -3.800  14.708  7.844   1.00 24.89 ? 551 ILE A CG2 1 
ATOM   967  C  CD1 . ILE A 1 124 ? -3.290  17.729  7.411   1.00 28.25 ? 551 ILE A CD1 1 
ATOM   968  N  N   . LEU A 1 125 ? -5.615  14.276  11.067  1.00 22.05 ? 552 LEU A N   1 
ATOM   969  C  CA  . LEU A 1 125 ? -5.502  13.137  11.967  1.00 21.99 ? 552 LEU A CA  1 
ATOM   970  C  C   . LEU A 1 125 ? -6.841  12.422  12.063  1.00 22.54 ? 552 LEU A C   1 
ATOM   971  O  O   . LEU A 1 125 ? -6.909  11.196  12.005  1.00 21.48 ? 552 LEU A O   1 
ATOM   972  C  CB  . LEU A 1 125 ? -5.057  13.596  13.361  1.00 21.65 ? 552 LEU A CB  1 
ATOM   973  C  CG  . LEU A 1 125 ? -5.026  12.500  14.434  1.00 22.41 ? 552 LEU A CG  1 
ATOM   974  C  CD1 . LEU A 1 125 ? -4.198  11.320  13.947  1.00 21.29 ? 552 LEU A CD1 1 
ATOM   975  C  CD2 . LEU A 1 125 ? -4.463  13.062  15.735  1.00 23.15 ? 552 LEU A CD2 1 
ATOM   976  N  N   . ASN A 1 126 ? -7.913  13.196  12.199  1.00 22.97 ? 553 ASN A N   1 
ATOM   977  C  CA  . ASN A 1 126 ? -9.244  12.622  12.294  1.00 22.99 ? 553 ASN A CA  1 
ATOM   978  C  C   . ASN A 1 126 ? -9.592  11.872  11.005  1.00 21.78 ? 553 ASN A C   1 
ATOM   979  O  O   . ASN A 1 126 ? -10.175 10.788  11.046  1.00 23.55 ? 553 ASN A O   1 
ATOM   980  C  CB  . ASN A 1 126 ? -10.272 13.723  12.567  1.00 24.91 ? 553 ASN A CB  1 
ATOM   981  C  CG  . ASN A 1 126 ? -11.657 13.170  12.805  1.00 27.05 ? 553 ASN A CG  1 
ATOM   982  O  OD1 . ASN A 1 126 ? -11.852 12.311  13.665  1.00 29.50 ? 553 ASN A OD1 1 
ATOM   983  N  ND2 . ASN A 1 126 ? -12.629 13.660  12.045  1.00 28.58 ? 553 ASN A ND2 1 
ATOM   984  N  N   . PHE A 1 127 ? -9.227  12.448  9.863   1.00 20.26 ? 554 PHE A N   1 
ATOM   985  C  CA  . PHE A 1 127 ? -9.489  11.812  8.576   1.00 20.02 ? 554 PHE A CA  1 
ATOM   986  C  C   . PHE A 1 127 ? -8.750  10.480  8.565   1.00 19.54 ? 554 PHE A C   1 
ATOM   987  O  O   . PHE A 1 127 ? -9.334  9.433   8.293   1.00 19.95 ? 554 PHE A O   1 
ATOM   988  C  CB  . PHE A 1 127 ? -8.970  12.680  7.423   1.00 21.38 ? 554 PHE A CB  1 
ATOM   989  C  CG  . PHE A 1 127 ? -9.299  12.137  6.058   1.00 23.87 ? 554 PHE A CG  1 
ATOM   990  C  CD1 . PHE A 1 127 ? -10.508 12.449  5.442   1.00 25.12 ? 554 PHE A CD1 1 
ATOM   991  C  CD2 . PHE A 1 127 ? -8.408  11.298  5.395   1.00 24.54 ? 554 PHE A CD2 1 
ATOM   992  C  CE1 . PHE A 1 127 ? -10.825 11.933  4.186   1.00 26.30 ? 554 PHE A CE1 1 
ATOM   993  C  CE2 . PHE A 1 127 ? -8.714  10.776  4.140   1.00 25.28 ? 554 PHE A CE2 1 
ATOM   994  C  CZ  . PHE A 1 127 ? -9.926  11.095  3.534   1.00 27.69 ? 554 PHE A CZ  1 
ATOM   995  N  N   . PHE A 1 128 ? -7.457  10.533  8.864   1.00 18.64 ? 555 PHE A N   1 
ATOM   996  C  CA  . PHE A 1 128 ? -6.625  9.333   8.890   1.00 19.42 ? 555 PHE A CA  1 
ATOM   997  C  C   . PHE A 1 128 ? -7.218  8.220   9.758   1.00 19.11 ? 555 PHE A C   1 
ATOM   998  O  O   . PHE A 1 128 ? -7.264  7.061   9.348   1.00 17.92 ? 555 PHE A O   1 
ATOM   999  C  CB  . PHE A 1 128 ? -5.222  9.668   9.406   1.00 16.85 ? 555 PHE A CB  1 
ATOM   1000 C  CG  . PHE A 1 128 ? -4.349  8.464   9.583   1.00 16.80 ? 555 PHE A CG  1 
ATOM   1001 C  CD1 . PHE A 1 128 ? -3.758  7.851   8.482   1.00 16.16 ? 555 PHE A CD1 1 
ATOM   1002 C  CD2 . PHE A 1 128 ? -4.180  7.889   10.839  1.00 18.77 ? 555 PHE A CD2 1 
ATOM   1003 C  CE1 . PHE A 1 128 ? -3.021  6.687   8.628   1.00 18.01 ? 555 PHE A CE1 1 
ATOM   1004 C  CE2 . PHE A 1 128 ? -3.445  6.718   10.992  1.00 19.80 ? 555 PHE A CE2 1 
ATOM   1005 C  CZ  . PHE A 1 128 ? -2.866  6.117   9.881   1.00 19.35 ? 555 PHE A CZ  1 
ATOM   1006 N  N   . ASN A 1 129 ? -7.681  8.567   10.955  1.00 18.85 ? 556 ASN A N   1 
ATOM   1007 C  CA  . ASN A 1 129 ? -8.232  7.558   11.853  1.00 21.43 ? 556 ASN A CA  1 
ATOM   1008 C  C   . ASN A 1 129 ? -9.468  6.814   11.352  1.00 21.83 ? 556 ASN A C   1 
ATOM   1009 O  O   . ASN A 1 129 ? -9.823  5.771   11.904  1.00 23.17 ? 556 ASN A O   1 
ATOM   1010 C  CB  . ASN A 1 129 ? -8.527  8.167   13.226  1.00 20.73 ? 556 ASN A CB  1 
ATOM   1011 C  CG  . ASN A 1 129 ? -7.269  8.615   13.948  1.00 20.57 ? 556 ASN A CG  1 
ATOM   1012 O  OD1 . ASN A 1 129 ? -6.179  8.086   13.717  1.00 21.81 ? 556 ASN A OD1 1 
ATOM   1013 N  ND2 . ASN A 1 129 ? -7.417  9.583   14.842  1.00 22.63 ? 556 ASN A ND2 1 
ATOM   1014 N  N   . HIS A 1 130 ? -10.127 7.331   10.320  1.00 21.81 ? 557 HIS A N   1 
ATOM   1015 C  CA  . HIS A 1 130 ? -11.306 6.650   9.790   1.00 23.37 ? 557 HIS A CA  1 
ATOM   1016 C  C   . HIS A 1 130 ? -11.031 5.907   8.488   1.00 21.93 ? 557 HIS A C   1 
ATOM   1017 O  O   . HIS A 1 130 ? -11.954 5.386   7.864   1.00 24.13 ? 557 HIS A O   1 
ATOM   1018 C  CB  . HIS A 1 130 ? -12.452 7.639   9.564   1.00 26.51 ? 557 HIS A CB  1 
ATOM   1019 C  CG  . HIS A 1 130 ? -13.027 8.200   10.828  1.00 31.06 ? 557 HIS A CG  1 
ATOM   1020 N  ND1 . HIS A 1 130 ? -12.404 9.191   11.554  1.00 31.46 ? 557 HIS A ND1 1 
ATOM   1021 C  CD2 . HIS A 1 130 ? -14.166 7.901   11.498  1.00 33.71 ? 557 HIS A CD2 1 
ATOM   1022 C  CE1 . HIS A 1 130 ? -13.134 9.482   12.616  1.00 35.16 ? 557 HIS A CE1 1 
ATOM   1023 N  NE2 . HIS A 1 130 ? -14.207 8.713   12.607  1.00 34.36 ? 557 HIS A NE2 1 
ATOM   1024 N  N   . THR A 1 131 ? -9.766  5.844   8.084   1.00 20.03 ? 558 THR A N   1 
ATOM   1025 C  CA  . THR A 1 131 ? -9.406  5.181   6.828   1.00 18.89 ? 558 THR A CA  1 
ATOM   1026 C  C   . THR A 1 131 ? -9.101  3.700   6.989   1.00 17.94 ? 558 THR A C   1 
ATOM   1027 O  O   . THR A 1 131 ? -8.907  3.205   8.098   1.00 17.69 ? 558 THR A O   1 
ATOM   1028 C  CB  . THR A 1 131 ? -8.153  5.808   6.194   1.00 15.91 ? 558 THR A CB  1 
ATOM   1029 O  OG1 . THR A 1 131 ? -7.025  5.579   7.052   1.00 15.83 ? 558 THR A OG1 1 
ATOM   1030 C  CG2 . THR A 1 131 ? -8.338  7.304   5.999   1.00 19.42 ? 558 THR A CG2 1 
ATOM   1031 N  N   . VAL A 1 132 ? -9.054  3.002   5.861   1.00 16.74 ? 559 VAL A N   1 
ATOM   1032 C  CA  . VAL A 1 132 ? -8.725  1.587   5.862   1.00 16.80 ? 559 VAL A CA  1 
ATOM   1033 C  C   . VAL A 1 132 ? -7.256  1.463   6.276   1.00 17.01 ? 559 VAL A C   1 
ATOM   1034 O  O   . VAL A 1 132 ? -6.865  0.491   6.929   1.00 17.33 ? 559 VAL A O   1 
ATOM   1035 C  CB  . VAL A 1 132 ? -8.951  0.972   4.464   1.00 15.11 ? 559 VAL A CB  1 
ATOM   1036 C  CG1 . VAL A 1 132 ? -8.221  -0.360  4.346   1.00 19.76 ? 559 VAL A CG1 1 
ATOM   1037 C  CG2 . VAL A 1 132 ? -10.445 0.766   4.235   1.00 17.48 ? 559 VAL A CG2 1 
ATOM   1038 N  N   . LEU A 1 133 ? -6.444  2.455   5.908   1.00 16.17 ? 560 LEU A N   1 
ATOM   1039 C  CA  . LEU A 1 133 ? -5.031  2.440   6.281   1.00 15.42 ? 560 LEU A CA  1 
ATOM   1040 C  C   . LEU A 1 133 ? -4.903  2.389   7.801   1.00 16.42 ? 560 LEU A C   1 
ATOM   1041 O  O   . LEU A 1 133 ? -4.031  1.696   8.339   1.00 15.72 ? 560 LEU A O   1 
ATOM   1042 C  CB  . LEU A 1 133 ? -4.304  3.679   5.736   1.00 15.30 ? 560 LEU A CB  1 
ATOM   1043 C  CG  . LEU A 1 133 ? -2.852  3.903   6.184   1.00 15.73 ? 560 LEU A CG  1 
ATOM   1044 C  CD1 . LEU A 1 133 ? -2.002  2.646   5.986   1.00 17.09 ? 560 LEU A CD1 1 
ATOM   1045 C  CD2 . LEU A 1 133 ? -2.268  5.067   5.398   1.00 16.01 ? 560 LEU A CD2 1 
ATOM   1046 N  N   . TYR A 1 134 ? -5.764  3.123   8.500   1.00 15.69 ? 561 TYR A N   1 
ATOM   1047 C  CA  . TYR A 1 134 ? -5.715  3.108   9.959   1.00 17.46 ? 561 TYR A CA  1 
ATOM   1048 C  C   . TYR A 1 134 ? -6.023  1.691   10.435  1.00 17.33 ? 561 TYR A C   1 
ATOM   1049 O  O   . TYR A 1 134 ? -5.317  1.135   11.278  1.00 19.83 ? 561 TYR A O   1 
ATOM   1050 C  CB  . TYR A 1 134 ? -6.750  4.073   10.555  1.00 18.02 ? 561 TYR A CB  1 
ATOM   1051 C  CG  . TYR A 1 134 ? -6.852  3.974   12.065  1.00 19.65 ? 561 TYR A CG  1 
ATOM   1052 C  CD1 . TYR A 1 134 ? -6.094  4.806   12.893  1.00 20.77 ? 561 TYR A CD1 1 
ATOM   1053 C  CD2 . TYR A 1 134 ? -7.673  3.020   12.664  1.00 21.22 ? 561 TYR A CD2 1 
ATOM   1054 C  CE1 . TYR A 1 134 ? -6.149  4.686   14.283  1.00 22.96 ? 561 TYR A CE1 1 
ATOM   1055 C  CE2 . TYR A 1 134 ? -7.737  2.890   14.052  1.00 23.89 ? 561 TYR A CE2 1 
ATOM   1056 C  CZ  . TYR A 1 134 ? -6.972  3.727   14.852  1.00 23.58 ? 561 TYR A CZ  1 
ATOM   1057 O  OH  . TYR A 1 134 ? -7.040  3.608   16.221  1.00 29.12 ? 561 TYR A OH  1 
ATOM   1058 N  N   . ARG A 1 135 ? -7.084  1.106   9.889   1.00 17.38 ? 562 ARG A N   1 
ATOM   1059 C  CA  . ARG A 1 135 ? -7.479  -0.242  10.274  1.00 19.22 ? 562 ARG A CA  1 
ATOM   1060 C  C   . ARG A 1 135 ? -6.430  -1.288  9.930   1.00 18.28 ? 562 ARG A C   1 
ATOM   1061 O  O   . ARG A 1 135 ? -6.387  -2.351  10.546  1.00 16.32 ? 562 ARG A O   1 
ATOM   1062 C  CB  . ARG A 1 135 ? -8.827  -0.590  9.650   1.00 21.80 ? 562 ARG A CB  1 
ATOM   1063 C  CG  . ARG A 1 135 ? -9.997  -0.129  10.511  1.00 26.43 ? 562 ARG A CG  1 
ATOM   1064 C  CD  . ARG A 1 135 ? -11.281 -0.096  9.723   1.00 30.23 ? 562 ARG A CD  1 
ATOM   1065 N  NE  . ARG A 1 135 ? -11.351 1.093   8.884   1.00 34.85 ? 562 ARG A NE  1 
ATOM   1066 C  CZ  . ARG A 1 135 ? -12.284 1.301   7.965   1.00 34.78 ? 562 ARG A CZ  1 
ATOM   1067 N  NH1 . ARG A 1 135 ? -13.231 0.394   7.761   1.00 37.34 ? 562 ARG A NH1 1 
ATOM   1068 N  NH2 . ARG A 1 135 ? -12.273 2.417   7.254   1.00 37.28 ? 562 ARG A NH2 1 
ATOM   1069 N  N   . LEU A 1 136 ? -5.586  -0.995  8.947   1.00 15.75 ? 563 LEU A N   1 
ATOM   1070 C  CA  . LEU A 1 136 ? -4.521  -1.925  8.594   1.00 15.83 ? 563 LEU A CA  1 
ATOM   1071 C  C   . LEU A 1 136 ? -3.352  -1.758  9.560   1.00 15.42 ? 563 LEU A C   1 
ATOM   1072 O  O   . LEU A 1 136 ? -3.075  -2.627  10.390  1.00 17.17 ? 563 LEU A O   1 
ATOM   1073 C  CB  . LEU A 1 136 ? -4.020  -1.677  7.161   1.00 15.64 ? 563 LEU A CB  1 
ATOM   1074 C  CG  . LEU A 1 136 ? -4.928  -2.100  6.004   1.00 15.91 ? 563 LEU A CG  1 
ATOM   1075 C  CD1 . LEU A 1 136 ? -4.434  -1.509  4.698   1.00 15.00 ? 563 LEU A CD1 1 
ATOM   1076 C  CD2 . LEU A 1 136 ? -4.942  -3.618  5.920   1.00 14.38 ? 563 LEU A CD2 1 
ATOM   1077 N  N   . HIS A 1 137 ? -2.683  -0.616  9.467   1.00 17.07 ? 564 HIS A N   1 
ATOM   1078 C  CA  . HIS A 1 137 ? -1.501  -0.354  10.274  1.00 17.15 ? 564 HIS A CA  1 
ATOM   1079 C  C   . HIS A 1 137 ? -1.682  -0.171  11.778  1.00 17.99 ? 564 HIS A C   1 
ATOM   1080 O  O   . HIS A 1 137 ? -0.879  -0.682  12.560  1.00 20.47 ? 564 HIS A O   1 
ATOM   1081 C  CB  . HIS A 1 137 ? -0.767  0.865   9.716   1.00 16.30 ? 564 HIS A CB  1 
ATOM   1082 C  CG  . HIS A 1 137 ? 0.683   0.911   10.076  1.00 14.97 ? 564 HIS A CG  1 
ATOM   1083 N  ND1 . HIS A 1 137 ? 1.632   0.145   9.434   1.00 16.34 ? 564 HIS A ND1 1 
ATOM   1084 C  CD2 . HIS A 1 137 ? 1.347   1.622   11.018  1.00 16.42 ? 564 HIS A CD2 1 
ATOM   1085 C  CE1 . HIS A 1 137 ? 2.818   0.384   9.964   1.00 18.17 ? 564 HIS A CE1 1 
ATOM   1086 N  NE2 . HIS A 1 137 ? 2.672   1.276   10.927  1.00 18.32 ? 564 HIS A NE2 1 
HETATM 1087 N  N   . MSE A 1 138 ? -2.711  0.563   12.186  1.00 19.84 ? 565 MSE A N   1 
HETATM 1088 C  CA  . MSE A 1 138 ? -2.929  0.808   13.612  1.00 22.96 ? 565 MSE A CA  1 
HETATM 1089 C  C   . MSE A 1 138 ? -3.590  -0.350  14.348  1.00 22.66 ? 565 MSE A C   1 
HETATM 1090 O  O   . MSE A 1 138 ? -3.369  -0.522  15.545  1.00 24.84 ? 565 MSE A O   1 
HETATM 1091 C  CB  . MSE A 1 138 ? -3.781  2.065   13.828  1.00 26.69 ? 565 MSE A CB  1 
HETATM 1092 C  CG  . MSE A 1 138 ? -3.336  3.300   13.069  1.00 33.56 ? 565 MSE A CG  1 
HETATM 1093 SE SE  . MSE A 1 138 ? -1.451  3.636   13.056  1.00 44.43 ? 565 MSE A SE  1 
HETATM 1094 C  CE  . MSE A 1 138 ? -1.230  3.593   11.166  1.00 43.33 ? 565 MSE A CE  1 
ATOM   1095 N  N   . GLU A 1 139 ? -4.390  -1.147  13.641  1.00 22.38 ? 566 GLU A N   1 
ATOM   1096 C  CA  . GLU A 1 139 ? -5.087  -2.265  14.276  1.00 22.58 ? 566 GLU A CA  1 
ATOM   1097 C  C   . GLU A 1 139 ? -4.701  -3.633  13.726  1.00 22.21 ? 566 GLU A C   1 
ATOM   1098 O  O   . GLU A 1 139 ? -5.349  -4.625  14.045  1.00 22.83 ? 566 GLU A O   1 
ATOM   1099 C  CB  . GLU A 1 139 ? -6.602  -2.103  14.123  1.00 23.27 ? 566 GLU A CB  1 
ATOM   1100 C  CG  . GLU A 1 139 ? -7.151  -0.768  14.574  1.00 26.81 ? 566 GLU A CG  1 
ATOM   1101 C  CD  . GLU A 1 139 ? -8.667  -0.741  14.590  1.00 27.53 ? 566 GLU A CD  1 
ATOM   1102 O  OE1 . GLU A 1 139 ? -9.289  -1.352  13.693  1.00 26.86 ? 566 GLU A OE1 1 
ATOM   1103 O  OE2 . GLU A 1 139 ? -9.239  -0.098  15.497  1.00 31.42 ? 566 GLU A OE2 1 
ATOM   1104 N  N   . ASN A 1 140 ? -3.653  -3.682  12.907  1.00 20.51 ? 567 ASN A N   1 
ATOM   1105 C  CA  . ASN A 1 140 ? -3.194  -4.933  12.305  1.00 19.10 ? 567 ASN A CA  1 
ATOM   1106 C  C   . ASN A 1 140 ? -4.302  -5.720  11.604  1.00 18.29 ? 567 ASN A C   1 
ATOM   1107 O  O   . ASN A 1 140 ? -4.300  -6.949  11.604  1.00 17.70 ? 567 ASN A O   1 
ATOM   1108 C  CB  . ASN A 1 140 ? -2.504  -5.817  13.356  1.00 22.35 ? 567 ASN A CB  1 
ATOM   1109 C  CG  . ASN A 1 140 ? -1.143  -5.285  13.763  1.00 22.79 ? 567 ASN A CG  1 
ATOM   1110 O  OD1 . ASN A 1 140 ? -0.484  -4.582  12.998  1.00 23.40 ? 567 ASN A OD1 1 
ATOM   1111 N  ND2 . ASN A 1 140 ? -0.705  -5.635  14.967  1.00 25.78 ? 567 ASN A ND2 1 
ATOM   1112 N  N   . ALA A 1 141 ? -5.242  -4.998  10.999  1.00 17.97 ? 568 ALA A N   1 
ATOM   1113 C  CA  . ALA A 1 141 ? -6.356  -5.596  10.266  1.00 18.91 ? 568 ALA A CA  1 
ATOM   1114 C  C   . ALA A 1 141 ? -7.263  -6.475  11.119  1.00 20.78 ? 568 ALA A C   1 
ATOM   1115 O  O   . ALA A 1 141 ? -7.983  -7.324  10.594  1.00 18.97 ? 568 ALA A O   1 
ATOM   1116 C  CB  . ALA A 1 141 ? -5.820  -6.406  9.071   1.00 18.29 ? 568 ALA A CB  1 
ATOM   1117 N  N   . GLU A 1 142 ? -7.244  -6.270  12.429  1.00 20.61 ? 569 GLU A N   1 
ATOM   1118 C  CA  . GLU A 1 142 ? -8.080  -7.075  13.313  1.00 22.90 ? 569 GLU A CA  1 
ATOM   1119 C  C   . GLU A 1 142 ? -9.557  -6.902  12.992  1.00 23.21 ? 569 GLU A C   1 
ATOM   1120 O  O   . GLU A 1 142 ? -10.346 -7.835  13.150  1.00 25.20 ? 569 GLU A O   1 
ATOM   1121 C  CB  . GLU A 1 142 ? -7.813  -6.702  14.765  1.00 24.39 ? 569 GLU A CB  1 
ATOM   1122 N  N   . ASN A 1 143 ? -9.929  -5.709  12.537  1.00 22.91 ? 570 ASN A N   1 
ATOM   1123 C  CA  . ASN A 1 143 ? -11.316 -5.412  12.208  1.00 24.90 ? 570 ASN A CA  1 
ATOM   1124 C  C   . ASN A 1 143 ? -11.589 -5.370  10.713  1.00 23.77 ? 570 ASN A C   1 
ATOM   1125 O  O   . ASN A 1 143 ? -12.559 -4.759  10.270  1.00 23.75 ? 570 ASN A O   1 
ATOM   1126 C  CB  . ASN A 1 143 ? -11.726 -4.085  12.847  1.00 26.49 ? 570 ASN A CB  1 
ATOM   1127 C  CG  . ASN A 1 143 ? -11.560 -4.095  14.343  1.00 31.64 ? 570 ASN A CG  1 
ATOM   1128 O  OD1 . ASN A 1 143 ? -11.832 -5.099  14.996  1.00 36.06 ? 570 ASN A OD1 1 
ATOM   1129 N  ND2 . ASN A 1 143 ? -11.109 -2.978  14.902  1.00 35.08 ? 570 ASN A ND2 1 
ATOM   1130 N  N   . LEU A 1 144 ? -10.723 -6.014  9.937   1.00 21.86 ? 571 LEU A N   1 
ATOM   1131 C  CA  . LEU A 1 144 ? -10.882 -6.077  8.488   1.00 20.94 ? 571 LEU A CA  1 
ATOM   1132 C  C   . LEU A 1 144 ? -11.095 -7.539  8.113   1.00 22.10 ? 571 LEU A C   1 
ATOM   1133 O  O   . LEU A 1 144 ? -10.357 -8.408  8.565   1.00 24.40 ? 571 LEU A O   1 
ATOM   1134 C  CB  . LEU A 1 144 ? -9.638  -5.536  7.790   1.00 21.14 ? 571 LEU A CB  1 
ATOM   1135 C  CG  . LEU A 1 144 ? -9.357  -4.043  7.974   1.00 21.02 ? 571 LEU A CG  1 
ATOM   1136 C  CD1 . LEU A 1 144 ? -8.045  -3.683  7.298   1.00 21.63 ? 571 LEU A CD1 1 
ATOM   1137 C  CD2 . LEU A 1 144 ? -10.495 -3.232  7.394   1.00 22.00 ? 571 LEU A CD2 1 
ATOM   1138 N  N   . THR A 1 145 ? -12.099 -7.810  7.287   1.00 22.09 ? 572 THR A N   1 
ATOM   1139 C  CA  . THR A 1 145 ? -12.390 -9.188  6.900   1.00 22.66 ? 572 THR A CA  1 
ATOM   1140 C  C   . THR A 1 145 ? -11.644 -9.680  5.663   1.00 21.25 ? 572 THR A C   1 
ATOM   1141 O  O   . THR A 1 145 ? -11.505 -10.885 5.466   1.00 20.51 ? 572 THR A O   1 
ATOM   1142 C  CB  . THR A 1 145 ? -13.901 -9.391  6.645   1.00 24.69 ? 572 THR A CB  1 
ATOM   1143 O  OG1 . THR A 1 145 ? -14.283 -8.711  5.446   1.00 29.19 ? 572 THR A OG1 1 
ATOM   1144 C  CG2 . THR A 1 145 ? -14.714 -8.839  7.810   1.00 27.18 ? 572 THR A CG2 1 
ATOM   1145 N  N   . HIS A 1 146 ? -11.156 -8.759  4.839   1.00 19.97 ? 573 HIS A N   1 
ATOM   1146 C  CA  . HIS A 1 146 ? -10.468 -9.142  3.610   1.00 19.88 ? 573 HIS A CA  1 
ATOM   1147 C  C   . HIS A 1 146 ? -8.952  -8.985  3.626   1.00 18.49 ? 573 HIS A C   1 
ATOM   1148 O  O   . HIS A 1 146 ? -8.302  -9.164  2.598   1.00 19.85 ? 573 HIS A O   1 
ATOM   1149 C  CB  . HIS A 1 146 ? -11.033 -8.347  2.431   1.00 23.54 ? 573 HIS A CB  1 
ATOM   1150 C  CG  . HIS A 1 146 ? -12.500 -8.547  2.216   1.00 28.08 ? 573 HIS A CG  1 
ATOM   1151 N  ND1 . HIS A 1 146 ? -13.037 -9.750  1.813   1.00 30.86 ? 573 HIS A ND1 1 
ATOM   1152 C  CD2 . HIS A 1 146 ? -13.547 -7.701  2.370   1.00 30.06 ? 573 HIS A CD2 1 
ATOM   1153 C  CE1 . HIS A 1 146 ? -14.350 -9.639  1.726   1.00 31.33 ? 573 HIS A CE1 1 
ATOM   1154 N  NE2 . HIS A 1 146 ? -14.685 -8.404  2.059   1.00 33.22 ? 573 HIS A NE2 1 
ATOM   1155 N  N   . PHE A 1 147 ? -8.389  -8.664  4.785   1.00 17.92 ? 574 PHE A N   1 
ATOM   1156 C  CA  . PHE A 1 147 ? -6.947  -8.472  4.891   1.00 15.95 ? 574 PHE A CA  1 
ATOM   1157 C  C   . PHE A 1 147 ? -6.387  -9.138  6.134   1.00 17.11 ? 574 PHE A C   1 
ATOM   1158 O  O   . PHE A 1 147 ? -6.964  -9.038  7.214   1.00 18.65 ? 574 PHE A O   1 
ATOM   1159 C  CB  . PHE A 1 147 ? -6.633  -6.973  4.921   1.00 17.71 ? 574 PHE A CB  1 
ATOM   1160 C  CG  . PHE A 1 147 ? -7.150  -6.233  3.726   1.00 15.90 ? 574 PHE A CG  1 
ATOM   1161 C  CD1 . PHE A 1 147 ? -6.419  -6.195  2.549   1.00 15.98 ? 574 PHE A CD1 1 
ATOM   1162 C  CD2 . PHE A 1 147 ? -8.398  -5.618  3.760   1.00 17.32 ? 574 PHE A CD2 1 
ATOM   1163 C  CE1 . PHE A 1 147 ? -6.921  -5.557  1.417   1.00 17.37 ? 574 PHE A CE1 1 
ATOM   1164 C  CE2 . PHE A 1 147 ? -8.909  -4.980  2.638   1.00 17.50 ? 574 PHE A CE2 1 
ATOM   1165 C  CZ  . PHE A 1 147 ? -8.171  -4.948  1.461   1.00 16.95 ? 574 PHE A CZ  1 
ATOM   1166 N  N   . ARG A 1 148 ? -5.258  -9.819  5.969   1.00 16.64 ? 575 ARG A N   1 
ATOM   1167 C  CA  . ARG A 1 148 ? -4.608  -10.514 7.070   1.00 17.42 ? 575 ARG A CA  1 
ATOM   1168 C  C   . ARG A 1 148 ? -3.128  -10.136 7.188   1.00 16.15 ? 575 ARG A C   1 
ATOM   1169 O  O   . ARG A 1 148 ? -2.383  -10.209 6.213   1.00 15.52 ? 575 ARG A O   1 
ATOM   1170 C  CB  . ARG A 1 148 ? -4.735  -12.030 6.852   1.00 17.20 ? 575 ARG A CB  1 
ATOM   1171 C  CG  . ARG A 1 148 ? -3.985  -12.890 7.854   1.00 20.70 ? 575 ARG A CG  1 
ATOM   1172 C  CD  . ARG A 1 148 ? -4.137  -14.374 7.521   1.00 25.33 ? 575 ARG A CD  1 
ATOM   1173 N  NE  . ARG A 1 148 ? -3.478  -15.217 8.516   1.00 26.60 ? 575 ARG A NE  1 
ATOM   1174 C  CZ  . ARG A 1 148 ? -3.449  -16.546 8.476   1.00 28.44 ? 575 ARG A CZ  1 
ATOM   1175 N  NH1 . ARG A 1 148 ? -4.041  -17.199 7.484   1.00 26.50 ? 575 ARG A NH1 1 
ATOM   1176 N  NH2 . ARG A 1 148 ? -2.822  -17.220 9.430   1.00 28.33 ? 575 ARG A NH2 1 
ATOM   1177 N  N   . LEU A 1 149 ? -2.703  -9.723  8.379   1.00 16.31 ? 576 LEU A N   1 
ATOM   1178 C  CA  . LEU A 1 149 ? -1.297  -9.390  8.587   1.00 16.22 ? 576 LEU A CA  1 
ATOM   1179 C  C   . LEU A 1 149 ? -0.522  -10.706 8.556   1.00 16.98 ? 576 LEU A C   1 
ATOM   1180 O  O   . LEU A 1 149 ? -0.810  -11.619 9.338   1.00 17.78 ? 576 LEU A O   1 
ATOM   1181 C  CB  . LEU A 1 149 ? -1.096  -8.707  9.943   1.00 16.65 ? 576 LEU A CB  1 
ATOM   1182 C  CG  . LEU A 1 149 ? 0.350   -8.372  10.309  1.00 16.28 ? 576 LEU A CG  1 
ATOM   1183 C  CD1 . LEU A 1 149 ? 0.919   -7.346  9.331   1.00 19.18 ? 576 LEU A CD1 1 
ATOM   1184 C  CD2 . LEU A 1 149 ? 0.395   -7.822  11.731  1.00 21.82 ? 576 LEU A CD2 1 
ATOM   1185 N  N   . VAL A 1 150 ? 0.451   -10.811 7.655   1.00 15.67 ? 577 VAL A N   1 
ATOM   1186 C  CA  . VAL A 1 150 ? 1.233   -12.037 7.534   1.00 18.39 ? 577 VAL A CA  1 
ATOM   1187 C  C   . VAL A 1 150 ? 2.729   -11.910 7.793   1.00 18.95 ? 577 VAL A C   1 
ATOM   1188 O  O   . VAL A 1 150 ? 3.403   -12.918 8.019   1.00 20.16 ? 577 VAL A O   1 
ATOM   1189 C  CB  . VAL A 1 150 ? 1.051   -12.689 6.141   1.00 19.32 ? 577 VAL A CB  1 
ATOM   1190 C  CG1 . VAL A 1 150 ? -0.383  -13.152 5.973   1.00 19.92 ? 577 VAL A CG1 1 
ATOM   1191 C  CG2 . VAL A 1 150 ? 1.430   -11.706 5.043   1.00 18.94 ? 577 VAL A CG2 1 
ATOM   1192 N  N   . LYS A 1 151 ? 3.260   -10.693 7.764   1.00 18.35 ? 578 LYS A N   1 
ATOM   1193 C  CA  . LYS A 1 151 ? 4.689   -10.524 7.996   1.00 19.17 ? 578 LYS A CA  1 
ATOM   1194 C  C   . LYS A 1 151 ? 5.015   -9.096  8.401   1.00 20.32 ? 578 LYS A C   1 
ATOM   1195 O  O   . LYS A 1 151 ? 4.310   -8.160  8.027   1.00 18.95 ? 578 LYS A O   1 
ATOM   1196 C  CB  . LYS A 1 151 ? 5.471   -10.897 6.728   1.00 20.14 ? 578 LYS A CB  1 
ATOM   1197 C  CG  . LYS A 1 151 ? 6.860   -11.477 6.975   1.00 25.32 ? 578 LYS A CG  1 
ATOM   1198 C  CD  . LYS A 1 151 ? 6.781   -12.878 7.577   1.00 23.91 ? 578 LYS A CD  1 
ATOM   1199 C  CE  . LYS A 1 151 ? 8.169   -13.412 7.887   1.00 27.37 ? 578 LYS A CE  1 
ATOM   1200 N  NZ  . LYS A 1 151 ? 8.132   -14.802 8.423   1.00 26.67 ? 578 LYS A NZ  1 
ATOM   1201 N  N   . GLU A 1 152 ? 6.088   -8.939  9.168   1.00 20.38 ? 579 GLU A N   1 
ATOM   1202 C  CA  . GLU A 1 152 ? 6.524   -7.628  9.627   1.00 22.77 ? 579 GLU A CA  1 
ATOM   1203 C  C   . GLU A 1 152 ? 8.042   -7.545  9.638   1.00 23.41 ? 579 GLU A C   1 
ATOM   1204 O  O   . GLU A 1 152 ? 8.725   -8.490  10.033  1.00 24.93 ? 579 GLU A O   1 
ATOM   1205 C  CB  . GLU A 1 152 ? 6.002   -7.348  11.035  1.00 24.36 ? 579 GLU A CB  1 
ATOM   1206 C  CG  . GLU A 1 152 ? 4.526   -7.024  11.110  1.00 31.22 ? 579 GLU A CG  1 
ATOM   1207 C  CD  . GLU A 1 152 ? 4.106   -6.608  12.503  1.00 35.14 ? 579 GLU A CD  1 
ATOM   1208 O  OE1 . GLU A 1 152 ? 4.150   -7.456  13.415  1.00 40.28 ? 579 GLU A OE1 1 
ATOM   1209 O  OE2 . GLU A 1 152 ? 3.739   -5.429  12.689  1.00 39.21 ? 579 GLU A OE2 1 
ATOM   1210 N  N   . PHE A 1 153 ? 8.560   -6.405  9.199   1.00 23.50 ? 580 PHE A N   1 
ATOM   1211 C  CA  . PHE A 1 153 ? 9.997   -6.158  9.160   1.00 23.24 ? 580 PHE A CA  1 
ATOM   1212 C  C   . PHE A 1 153 ? 10.152  -4.753  9.714   1.00 23.43 ? 580 PHE A C   1 
ATOM   1213 O  O   . PHE A 1 153 ? 10.024  -3.774  8.985   1.00 23.56 ? 580 PHE A O   1 
ATOM   1214 C  CB  . PHE A 1 153 ? 10.501  -6.227  7.716   1.00 24.03 ? 580 PHE A CB  1 
ATOM   1215 C  CG  . PHE A 1 153 ? 10.410  -7.599  7.109   1.00 24.60 ? 580 PHE A CG  1 
ATOM   1216 C  CD1 . PHE A 1 153 ? 11.402  -8.547  7.341   1.00 26.96 ? 580 PHE A CD1 1 
ATOM   1217 C  CD2 . PHE A 1 153 ? 9.318   -7.953  6.322   1.00 24.15 ? 580 PHE A CD2 1 
ATOM   1218 C  CE1 . PHE A 1 153 ? 11.309  -9.831  6.799   1.00 27.62 ? 580 PHE A CE1 1 
ATOM   1219 C  CE2 . PHE A 1 153 ? 9.214   -9.234  5.775   1.00 25.05 ? 580 PHE A CE2 1 
ATOM   1220 C  CZ  . PHE A 1 153 ? 10.212  -10.173 6.015   1.00 26.44 ? 580 PHE A CZ  1 
ATOM   1221 N  N   . GLY A 1 154 ? 10.418  -4.654  11.013  1.00 24.02 ? 581 GLY A N   1 
ATOM   1222 C  CA  . GLY A 1 154 ? 10.521  -3.345  11.628  1.00 23.92 ? 581 GLY A CA  1 
ATOM   1223 C  C   . GLY A 1 154 ? 9.087   -2.853  11.711  1.00 22.97 ? 581 GLY A C   1 
ATOM   1224 O  O   . GLY A 1 154 ? 8.234   -3.538  12.274  1.00 23.86 ? 581 GLY A O   1 
ATOM   1225 N  N   . ASP A 1 155 ? 8.800   -1.687  11.142  1.00 22.10 ? 582 ASP A N   1 
ATOM   1226 C  CA  . ASP A 1 155 ? 7.433   -1.181  11.164  1.00 21.30 ? 582 ASP A CA  1 
ATOM   1227 C  C   . ASP A 1 155 ? 6.769   -1.364  9.804   1.00 21.53 ? 582 ASP A C   1 
ATOM   1228 O  O   . ASP A 1 155 ? 5.669   -0.868  9.567   1.00 20.33 ? 582 ASP A O   1 
ATOM   1229 C  CB  . ASP A 1 155 ? 7.386   0.293   11.578  1.00 23.60 ? 582 ASP A CB  1 
ATOM   1230 C  CG  . ASP A 1 155 ? 8.261   1.173   10.717  1.00 25.47 ? 582 ASP A CG  1 
ATOM   1231 O  OD1 . ASP A 1 155 ? 9.496   1.125   10.885  1.00 28.42 ? 582 ASP A OD1 1 
ATOM   1232 O  OD2 . ASP A 1 155 ? 7.714   1.910   9.869   1.00 24.74 ? 582 ASP A OD2 1 
ATOM   1233 N  N   . VAL A 1 156 ? 7.449   -2.074  8.910   1.00 19.11 ? 583 VAL A N   1 
ATOM   1234 C  CA  . VAL A 1 156 ? 6.899   -2.358  7.590   1.00 18.70 ? 583 VAL A CA  1 
ATOM   1235 C  C   . VAL A 1 156 ? 6.005   -3.581  7.782   1.00 19.02 ? 583 VAL A C   1 
ATOM   1236 O  O   . VAL A 1 156 ? 6.479   -4.639  8.201   1.00 21.34 ? 583 VAL A O   1 
ATOM   1237 C  CB  . VAL A 1 156 ? 8.009   -2.692  6.565   1.00 17.44 ? 583 VAL A CB  1 
ATOM   1238 C  CG1 . VAL A 1 156 ? 7.395   -2.945  5.193   1.00 19.07 ? 583 VAL A CG1 1 
ATOM   1239 C  CG2 . VAL A 1 156 ? 9.006   -1.554  6.484   1.00 18.41 ? 583 VAL A CG2 1 
ATOM   1240 N  N   . LYS A 1 157 ? 4.716   -3.434  7.490   1.00 17.60 ? 584 LYS A N   1 
ATOM   1241 C  CA  . LYS A 1 157 ? 3.770   -4.533  7.662   1.00 17.38 ? 584 LYS A CA  1 
ATOM   1242 C  C   . LYS A 1 157 ? 3.249   -5.039  6.323   1.00 17.78 ? 584 LYS A C   1 
ATOM   1243 O  O   . LYS A 1 157 ? 2.852   -4.251  5.469   1.00 17.95 ? 584 LYS A O   1 
ATOM   1244 C  CB  . LYS A 1 157 ? 2.590   -4.085  8.531   1.00 16.74 ? 584 LYS A CB  1 
ATOM   1245 C  CG  . LYS A 1 157 ? 2.987   -3.602  9.916   1.00 14.98 ? 584 LYS A CG  1 
ATOM   1246 C  CD  . LYS A 1 157 ? 1.775   -3.255  10.763  1.00 17.63 ? 584 LYS A CD  1 
ATOM   1247 C  CE  . LYS A 1 157 ? 2.208   -2.715  12.126  1.00 21.08 ? 584 LYS A CE  1 
ATOM   1248 N  NZ  . LYS A 1 157 ? 1.061   -2.422  13.021  1.00 23.03 ? 584 LYS A NZ  1 
ATOM   1249 N  N   . ILE A 1 158 ? 3.258   -6.359  6.149   1.00 14.79 ? 585 ILE A N   1 
ATOM   1250 C  CA  . ILE A 1 158 ? 2.778   -6.975  4.917   1.00 16.60 ? 585 ILE A CA  1 
ATOM   1251 C  C   . ILE A 1 158 ? 1.446   -7.665  5.183   1.00 15.60 ? 585 ILE A C   1 
ATOM   1252 O  O   . ILE A 1 158 ? 1.349   -8.536  6.046   1.00 14.60 ? 585 ILE A O   1 
ATOM   1253 C  CB  . ILE A 1 158 ? 3.788   -8.013  4.372   1.00 15.74 ? 585 ILE A CB  1 
ATOM   1254 C  CG1 . ILE A 1 158 ? 5.115   -7.321  4.047   1.00 16.51 ? 585 ILE A CG1 1 
ATOM   1255 C  CG2 . ILE A 1 158 ? 3.234   -8.675  3.110   1.00 18.09 ? 585 ILE A CG2 1 
ATOM   1256 C  CD1 . ILE A 1 158 ? 6.196   -8.263  3.572   1.00 14.97 ? 585 ILE A CD1 1 
ATOM   1257 N  N   . PHE A 1 159 ? 0.423   -7.254  4.443   1.00 13.95 ? 586 PHE A N   1 
ATOM   1258 C  CA  . PHE A 1 159 ? -0.914  -7.817  4.576   1.00 13.84 ? 586 PHE A CA  1 
ATOM   1259 C  C   . PHE A 1 159 ? -1.242  -8.614  3.324   1.00 16.02 ? 586 PHE A C   1 
ATOM   1260 O  O   . PHE A 1 159 ? -0.921  -8.195  2.215   1.00 15.55 ? 586 PHE A O   1 
ATOM   1261 C  CB  . PHE A 1 159 ? -1.944  -6.696  4.729   1.00 14.20 ? 586 PHE A CB  1 
ATOM   1262 C  CG  . PHE A 1 159 ? -1.777  -5.882  5.983   1.00 12.55 ? 586 PHE A CG  1 
ATOM   1263 C  CD1 . PHE A 1 159 ? -2.445  -6.233  7.149   1.00 14.62 ? 586 PHE A CD1 1 
ATOM   1264 C  CD2 . PHE A 1 159 ? -0.943  -4.768  5.995   1.00 14.68 ? 586 PHE A CD2 1 
ATOM   1265 C  CE1 . PHE A 1 159 ? -2.292  -5.489  8.310   1.00 15.31 ? 586 PHE A CE1 1 
ATOM   1266 C  CE2 . PHE A 1 159 ? -0.779  -4.015  7.153   1.00 15.27 ? 586 PHE A CE2 1 
ATOM   1267 C  CZ  . PHE A 1 159 ? -1.453  -4.374  8.312   1.00 15.29 ? 586 PHE A CZ  1 
ATOM   1268 N  N   . GLU A 1 160 ? -1.870  -9.769  3.501   1.00 14.51 ? 587 GLU A N   1 
ATOM   1269 C  CA  . GLU A 1 160 ? -2.257  -10.569 2.352   1.00 15.21 ? 587 GLU A CA  1 
ATOM   1270 C  C   . GLU A 1 160 ? -3.746  -10.360 2.125   1.00 16.47 ? 587 GLU A C   1 
ATOM   1271 O  O   . GLU A 1 160 ? -4.532  -10.298 3.073   1.00 16.55 ? 587 GLU A O   1 
ATOM   1272 C  CB  . GLU A 1 160 ? -1.961  -12.052 2.600   1.00 18.11 ? 587 GLU A CB  1 
ATOM   1273 C  CG  . GLU A 1 160 ? -2.304  -12.956 1.421   1.00 22.21 ? 587 GLU A CG  1 
ATOM   1274 C  CD  . GLU A 1 160 ? -1.716  -14.350 1.565   1.00 25.46 ? 587 GLU A CD  1 
ATOM   1275 O  OE1 . GLU A 1 160 ? -1.805  -14.920 2.672   1.00 25.95 ? 587 GLU A OE1 1 
ATOM   1276 O  OE2 . GLU A 1 160 ? -1.174  -14.879 0.570   1.00 27.17 ? 587 GLU A OE2 1 
ATOM   1277 N  N   . VAL A 1 161 ? -4.128  -10.218 0.865   1.00 14.32 ? 588 VAL A N   1 
ATOM   1278 C  CA  . VAL A 1 161 ? -5.528  -10.038 0.521   1.00 16.53 ? 588 VAL A CA  1 
ATOM   1279 C  C   . VAL A 1 161 ? -6.198  -11.408 0.604   1.00 17.20 ? 588 VAL A C   1 
ATOM   1280 O  O   . VAL A 1 161 ? -5.767  -12.356 -0.048  1.00 18.50 ? 588 VAL A O   1 
ATOM   1281 C  CB  . VAL A 1 161 ? -5.669  -9.484  -0.905  1.00 16.75 ? 588 VAL A CB  1 
ATOM   1282 C  CG1 . VAL A 1 161 ? -7.137  -9.323  -1.261  1.00 16.96 ? 588 VAL A CG1 1 
ATOM   1283 C  CG2 . VAL A 1 161 ? -4.951  -8.153  -0.999  1.00 16.33 ? 588 VAL A CG2 1 
ATOM   1284 N  N   . VAL A 1 162 ? -7.245  -11.506 1.415   1.00 16.99 ? 589 VAL A N   1 
ATOM   1285 C  CA  . VAL A 1 162 ? -7.962  -12.763 1.591   1.00 18.79 ? 589 VAL A CA  1 
ATOM   1286 C  C   . VAL A 1 162 ? -8.876  -13.019 0.403   1.00 20.36 ? 589 VAL A C   1 
ATOM   1287 O  O   . VAL A 1 162 ? -9.817  -12.266 0.162   1.00 19.97 ? 589 VAL A O   1 
ATOM   1288 C  CB  . VAL A 1 162 ? -8.809  -12.737 2.880   1.00 19.24 ? 589 VAL A CB  1 
ATOM   1289 C  CG1 . VAL A 1 162 ? -9.518  -14.066 3.069   1.00 22.33 ? 589 VAL A CG1 1 
ATOM   1290 C  CG2 . VAL A 1 162 ? -7.922  -12.437 4.073   1.00 18.55 ? 589 VAL A CG2 1 
ATOM   1291 N  N   . GLY A 1 163 ? -8.588  -14.083 -0.338  1.00 21.44 ? 590 GLY A N   1 
ATOM   1292 C  CA  . GLY A 1 163 ? -9.401  -14.416 -1.490  1.00 22.82 ? 590 GLY A CA  1 
ATOM   1293 C  C   . GLY A 1 163 ? -8.796  -13.960 -2.801  1.00 24.57 ? 590 GLY A C   1 
ATOM   1294 O  O   . GLY A 1 163 ? -9.471  -13.961 -3.828  1.00 25.34 ? 590 GLY A O   1 
ATOM   1295 N  N   . SER A 1 164 ? -7.523  -13.574 -2.779  1.00 23.36 ? 591 SER A N   1 
ATOM   1296 C  CA  . SER A 1 164 ? -6.853  -13.125 -3.992  1.00 24.12 ? 591 SER A CA  1 
ATOM   1297 C  C   . SER A 1 164 ? -6.375  -14.305 -4.834  1.00 25.94 ? 591 SER A C   1 
ATOM   1298 O  O   . SER A 1 164 ? -5.780  -14.056 -5.902  1.00 26.66 ? 591 SER A O   1 
ATOM   1299 C  CB  . SER A 1 164 ? -5.668  -12.223 -3.642  1.00 24.00 ? 591 SER A CB  1 
ATOM   1300 O  OG  . SER A 1 164 ? -4.754  -12.882 -2.788  1.00 23.66 ? 591 SER A OG  1 
ATOM   1301 O  OXT . SER A 1 164 ? -6.609  -15.461 -4.424  1.00 23.84 ? 591 SER A OXT 1 
HETATM 1302 O  O   . HOH B 2 .   ? 8.310   4.045   8.310   1.00 20.04 ? 1   HOH A O   1 
HETATM 1303 O  O   . HOH B 2 .   ? -0.260  0.577   -6.100  1.00 19.46 ? 2   HOH A O   1 
HETATM 1304 O  O   . HOH B 2 .   ? 3.692   7.388   -14.444 1.00 22.07 ? 3   HOH A O   1 
HETATM 1305 O  O   . HOH B 2 .   ? -10.990 21.483  4.097   1.00 20.28 ? 4   HOH A O   1 
HETATM 1306 O  O   . HOH B 2 .   ? -6.737  -8.956  -5.060  1.00 23.95 ? 5   HOH A O   1 
HETATM 1307 O  O   . HOH B 2 .   ? 4.460   9.410   10.494  1.00 25.71 ? 6   HOH A O   1 
HETATM 1308 O  O   . HOH B 2 .   ? -8.700  -3.353  11.804  1.00 21.88 ? 7   HOH A O   1 
HETATM 1309 O  O   . HOH B 2 .   ? 3.407   1.522   1.446   1.00 24.70 ? 8   HOH A O   1 
HETATM 1310 O  O   . HOH B 2 .   ? -3.578  7.228   14.438  1.00 28.16 ? 9   HOH A O   1 
HETATM 1311 O  O   . HOH B 2 .   ? 7.112   -5.181  -11.531 1.00 25.46 ? 10  HOH A O   1 
HETATM 1312 O  O   . HOH B 2 .   ? 3.379   14.174  2.857   1.00 26.37 ? 11  HOH A O   1 
HETATM 1313 O  O   . HOH B 2 .   ? 7.885   10.805  5.707   1.00 32.80 ? 12  HOH A O   1 
HETATM 1314 O  O   . HOH B 2 .   ? -4.612  -9.379  10.545  1.00 24.29 ? 13  HOH A O   1 
HETATM 1315 O  O   . HOH B 2 .   ? 2.734   3.910   -5.378  1.00 26.03 ? 14  HOH A O   1 
HETATM 1316 O  O   . HOH B 2 .   ? 5.227   10.730  -0.718  1.00 25.01 ? 15  HOH A O   1 
HETATM 1317 O  O   . HOH B 2 .   ? -8.207  15.228  15.486  1.00 36.17 ? 16  HOH A O   1 
HETATM 1318 O  O   . HOH B 2 .   ? 3.298   3.490   -8.044  1.00 32.77 ? 17  HOH A O   1 
HETATM 1319 O  O   . HOH B 2 .   ? 10.899  -0.306  9.420   1.00 34.99 ? 18  HOH A O   1 
HETATM 1320 O  O   . HOH B 2 .   ? 7.454   6.346   -0.624  1.00 24.22 ? 19  HOH A O   1 
HETATM 1321 O  O   . HOH B 2 .   ? -11.030 5.691   -2.067  1.00 29.06 ? 20  HOH A O   1 
HETATM 1322 O  O   . HOH B 2 .   ? 0.557   -3.143  -13.868 1.00 24.93 ? 21  HOH A O   1 
HETATM 1323 O  O   . HOH B 2 .   ? -10.906 3.431   11.103  1.00 33.86 ? 22  HOH A O   1 
HETATM 1324 O  O   . HOH B 2 .   ? 8.061   9.996   -6.090  1.00 31.70 ? 23  HOH A O   1 
HETATM 1325 O  O   . HOH B 2 .   ? -10.138 19.775  2.116   1.00 27.14 ? 24  HOH A O   1 
HETATM 1326 O  O   . HOH B 2 .   ? -11.287 15.250  8.963   1.00 34.70 ? 25  HOH A O   1 
HETATM 1327 O  O   . HOH B 2 .   ? 1.615   -15.011 1.950   1.00 32.24 ? 26  HOH A O   1 
HETATM 1328 O  O   . HOH B 2 .   ? -13.055 -4.792  -8.303  1.00 32.98 ? 27  HOH A O   1 
HETATM 1329 O  O   . HOH B 2 .   ? -8.868  -0.046  -15.435 1.00 49.90 ? 28  HOH A O   1 
HETATM 1330 O  O   . HOH B 2 .   ? -10.267 8.095   -1.363  1.00 28.59 ? 29  HOH A O   1 
HETATM 1331 O  O   . HOH B 2 .   ? 8.547   6.384   -16.018 1.00 39.03 ? 30  HOH A O   1 
HETATM 1332 O  O   . HOH B 2 .   ? -15.501 -0.644  6.338   1.00 30.36 ? 31  HOH A O   1 
HETATM 1333 O  O   . HOH B 2 .   ? 9.939   -11.019 10.282  1.00 43.03 ? 32  HOH A O   1 
HETATM 1334 O  O   . HOH B 2 .   ? -12.892 -13.105 6.133   1.00 30.21 ? 33  HOH A O   1 
HETATM 1335 O  O   . HOH B 2 .   ? 8.637   -5.512  14.178  1.00 33.27 ? 34  HOH A O   1 
HETATM 1336 O  O   . HOH B 2 .   ? 6.716   14.945  6.609   1.00 29.33 ? 35  HOH A O   1 
HETATM 1337 O  O   . HOH B 2 .   ? 6.481   15.863  15.389  1.00 38.13 ? 36  HOH A O   1 
HETATM 1338 O  O   . HOH B 2 .   ? -10.150 10.711  15.306  1.00 32.63 ? 37  HOH A O   1 
HETATM 1339 O  O   . HOH B 2 .   ? 11.309  4.914   4.945   1.00 33.71 ? 38  HOH A O   1 
HETATM 1340 O  O   . HOH B 2 .   ? 9.722   8.604   5.398   1.00 29.26 ? 39  HOH A O   1 
HETATM 1341 O  O   . HOH B 2 .   ? -5.425  9.895   17.219  1.00 32.81 ? 40  HOH A O   1 
HETATM 1342 O  O   . HOH B 2 .   ? -7.273  11.120  -7.510  1.00 34.94 ? 41  HOH A O   1 
HETATM 1343 O  O   . HOH B 2 .   ? -17.258 -1.882  3.661   1.00 34.29 ? 42  HOH A O   1 
HETATM 1344 O  O   . HOH B 2 .   ? 8.651   -15.581 1.418   1.00 33.36 ? 43  HOH A O   1 
HETATM 1345 O  O   . HOH B 2 .   ? 3.486   7.342   -4.793  1.00 37.93 ? 44  HOH A O   1 
HETATM 1346 O  O   . HOH B 2 .   ? 16.400  3.803   -4.903  1.00 36.92 ? 45  HOH A O   1 
HETATM 1347 O  O   . HOH B 2 .   ? 11.437  1.300   7.433   1.00 32.76 ? 46  HOH A O   1 
HETATM 1348 O  O   . HOH B 2 .   ? -2.122  -17.717 0.753   1.00 30.50 ? 47  HOH A O   1 
HETATM 1349 O  O   . HOH B 2 .   ? 13.733  -11.107 3.223   1.00 37.84 ? 48  HOH A O   1 
HETATM 1350 O  O   . HOH B 2 .   ? 3.400   0.305   -8.172  1.00 31.75 ? 49  HOH A O   1 
HETATM 1351 O  O   . HOH B 2 .   ? 5.924   -3.568  -13.283 1.00 34.45 ? 50  HOH A O   1 
HETATM 1352 O  O   . HOH B 2 .   ? -2.214  -16.480 4.647   1.00 35.22 ? 51  HOH A O   1 
HETATM 1353 O  O   . HOH B 2 .   ? 7.691   -16.689 6.396   1.00 40.95 ? 52  HOH A O   1 
HETATM 1354 O  O   . HOH B 2 .   ? 16.418  1.723   -3.038  1.00 34.17 ? 53  HOH A O   1 
HETATM 1355 O  O   . HOH B 2 .   ? 0.967   16.716  8.921   1.00 38.07 ? 54  HOH A O   1 
HETATM 1356 O  O   . HOH B 2 .   ? -1.563  15.260  14.761  1.00 35.63 ? 55  HOH A O   1 
HETATM 1357 O  O   . HOH B 2 .   ? 12.305  3.614   2.704   1.00 36.81 ? 56  HOH A O   1 
HETATM 1358 O  O   . HOH B 2 .   ? -0.215  12.828  14.768  1.00 36.26 ? 57  HOH A O   1 
HETATM 1359 O  O   . HOH B 2 .   ? -8.127  1.554   17.448  1.00 38.95 ? 58  HOH A O   1 
HETATM 1360 O  O   . HOH B 2 .   ? 9.767   3.896   1.560   1.00 28.57 ? 59  HOH A O   1 
HETATM 1361 O  O   . HOH B 2 .   ? 3.890   -6.100  -16.007 1.00 32.09 ? 60  HOH A O   1 
HETATM 1362 O  O   . HOH B 2 .   ? 5.707   3.325   1.693   1.00 33.82 ? 61  HOH A O   1 
HETATM 1363 O  O   . HOH B 2 .   ? 4.087   -10.758 -22.480 1.00 34.54 ? 62  HOH A O   1 
HETATM 1364 O  O   . HOH B 2 .   ? -5.775  -8.010  -12.246 1.00 35.62 ? 63  HOH A O   1 
HETATM 1365 O  O   . HOH B 2 .   ? 9.636   4.195   -2.170  1.00 34.95 ? 64  HOH A O   1 
HETATM 1366 O  O   . HOH B 2 .   ? 18.104  1.047   6.400   1.00 38.42 ? 65  HOH A O   1 
HETATM 1367 O  O   . HOH B 2 .   ? 3.172   16.690  2.210   1.00 36.59 ? 66  HOH A O   1 
HETATM 1368 O  O   . HOH B 2 .   ? -19.063 0.754   1.244   1.00 44.46 ? 67  HOH A O   1 
HETATM 1369 O  O   . HOH B 2 .   ? 9.005   4.829   12.841  1.00 53.70 ? 68  HOH A O   1 
HETATM 1370 O  O   . HOH B 2 .   ? 5.713   12.957  0.979   1.00 30.11 ? 69  HOH A O   1 
HETATM 1371 O  O   . HOH B 2 .   ? 7.107   8.951   -1.709  1.00 30.50 ? 70  HOH A O   1 
HETATM 1372 O  O   . HOH B 2 .   ? -9.619  17.549  16.346  1.00 52.74 ? 71  HOH A O   1 
HETATM 1373 O  O   . HOH B 2 .   ? -12.277 17.680  7.862   1.00 38.34 ? 72  HOH A O   1 
HETATM 1374 O  O   . HOH B 2 .   ? -12.447 -7.055  -9.949  1.00 32.88 ? 73  HOH A O   1 
HETATM 1375 O  O   . HOH B 2 .   ? -15.242 -5.838  -7.094  1.00 41.30 ? 74  HOH A O   1 
HETATM 1376 O  O   . HOH B 2 .   ? -14.909 -6.341  -4.373  1.00 35.43 ? 75  HOH A O   1 
HETATM 1377 O  O   . HOH B 2 .   ? -17.287 1.836   6.885   1.00 44.72 ? 76  HOH A O   1 
HETATM 1378 O  O   . HOH B 2 .   ? 10.622  -8.868  12.431  1.00 42.56 ? 77  HOH A O   1 
HETATM 1379 O  O   . HOH B 2 .   ? -6.625  -10.492 -11.745 1.00 39.02 ? 78  HOH A O   1 
HETATM 1380 O  O   . HOH B 2 .   ? 8.776   6.439   9.919   1.00 38.67 ? 79  HOH A O   1 
HETATM 1381 O  O   . HOH B 2 .   ? 17.475  5.386   3.577   1.00 43.81 ? 80  HOH A O   1 
HETATM 1382 O  O   . HOH B 2 .   ? 19.543  7.317   0.391   1.00 33.96 ? 81  HOH A O   1 
HETATM 1383 O  O   . HOH B 2 .   ? -5.225  4.448   -11.533 1.00 25.41 ? 82  HOH A O   1 
HETATM 1384 O  O   . HOH B 2 .   ? -7.997  2.985   -8.726  1.00 45.09 ? 83  HOH A O   1 
HETATM 1385 O  O   . HOH B 2 .   ? -14.511 5.057   8.578   1.00 35.42 ? 84  HOH A O   1 
HETATM 1386 O  O   . HOH B 2 .   ? 0.858   -15.424 -5.949  1.00 38.52 ? 85  HOH A O   1 
HETATM 1387 O  O   . HOH B 2 .   ? -13.652 20.421  10.596  1.00 53.29 ? 86  HOH A O   1 
HETATM 1388 O  O   . HOH B 2 .   ? -15.637 12.763  12.569  1.00 50.64 ? 87  HOH A O   1 
HETATM 1389 O  O   . HOH B 2 .   ? -10.708 17.857  -0.428  1.00 33.04 ? 88  HOH A O   1 
HETATM 1390 O  O   . HOH B 2 .   ? 2.594   -4.737  -13.673 1.00 41.94 ? 89  HOH A O   1 
HETATM 1391 O  O   . HOH B 2 .   ? 15.664  -0.731  8.320   1.00 34.86 ? 90  HOH A O   1 
HETATM 1392 O  O   . HOH B 2 .   ? -13.242 1.710   -4.780  1.00 36.38 ? 91  HOH A O   1 
HETATM 1393 O  O   . HOH B 2 .   ? 9.384   3.224   6.067   1.00 34.96 ? 92  HOH A O   1 
HETATM 1394 O  O   . HOH B 2 .   ? 2.566   -0.962  -6.174  1.00 41.76 ? 93  HOH A O   1 
HETATM 1395 O  O   . HOH B 2 .   ? 6.729   7.661   11.302  1.00 34.15 ? 94  HOH A O   1 
HETATM 1396 O  O   . HOH B 2 .   ? -11.934 4.942   -4.762  1.00 42.44 ? 95  HOH A O   1 
HETATM 1397 O  O   . HOH B 2 .   ? 8.400   2.712   -0.366  1.00 41.24 ? 96  HOH A O   1 
HETATM 1398 O  O   . HOH B 2 .   ? -8.618  -10.142 -9.023  1.00 37.21 ? 97  HOH A O   1 
HETATM 1399 O  O   . HOH B 2 .   ? 3.372   -15.431 8.593   1.00 38.37 ? 98  HOH A O   1 
HETATM 1400 O  O   . HOH B 2 .   ? -3.453  5.882   16.793  1.00 35.22 ? 99  HOH A O   1 
HETATM 1401 O  O   . HOH B 2 .   ? 7.649   12.792  3.938   1.00 43.20 ? 100 HOH A O   1 
HETATM 1402 O  O   . HOH B 2 .   ? -13.582 -2.345  9.411   1.00 35.31 ? 101 HOH A O   1 
HETATM 1403 O  O   . HOH B 2 .   ? 11.842  8.787   3.296   1.00 37.16 ? 102 HOH A O   1 
HETATM 1404 O  O   . HOH B 2 .   ? -3.851  16.656  16.353  1.00 46.01 ? 103 HOH A O   1 
HETATM 1405 O  O   . HOH B 2 .   ? -6.254  16.222  17.253  1.00 41.17 ? 104 HOH A O   1 
HETATM 1406 O  O   . HOH B 2 .   ? -15.944 -4.472  -2.678  1.00 38.43 ? 105 HOH A O   1 
HETATM 1407 O  O   . HOH B 2 .   ? -8.650  12.726  16.708  1.00 42.90 ? 106 HOH A O   1 
HETATM 1408 O  O   . HOH B 2 .   ? -10.019 -10.114 11.922  1.00 38.65 ? 107 HOH A O   1 
HETATM 1409 O  O   . HOH B 2 .   ? 17.275  6.030   -4.026  1.00 36.81 ? 108 HOH A O   1 
HETATM 1410 O  O   . HOH B 2 .   ? 3.568   -8.669  -16.982 1.00 45.26 ? 109 HOH A O   1 
HETATM 1411 O  O   . HOH B 2 .   ? -16.987 8.702   13.687  1.00 50.95 ? 110 HOH A O   1 
HETATM 1412 O  O   . HOH B 2 .   ? -5.059  21.025  14.489  1.00 43.00 ? 111 HOH A O   1 
HETATM 1413 O  O   . HOH B 2 .   ? -17.380 -4.177  -6.962  1.00 46.63 ? 112 HOH A O   1 
HETATM 1414 O  O   . HOH B 2 .   ? -10.021 5.095   14.634  1.00 32.37 ? 113 HOH A O   1 
HETATM 1415 O  O   . HOH B 2 .   ? -7.319  20.400  -3.819  1.00 39.87 ? 114 HOH A O   1 
HETATM 1416 O  O   . HOH B 2 .   ? 3.859   0.719   14.457  1.00 44.79 ? 115 HOH A O   1 
HETATM 1417 O  O   . HOH B 2 .   ? -5.438  -12.031 -7.475  1.00 39.44 ? 116 HOH A O   1 
HETATM 1418 O  O   . HOH B 2 .   ? 4.477   -16.796 6.009   1.00 46.62 ? 117 HOH A O   1 
HETATM 1419 O  O   . HOH B 2 .   ? 1.454   14.125  -3.460  1.00 35.00 ? 118 HOH A O   1 
HETATM 1420 O  O   . HOH B 2 .   ? 19.256  0.846   3.241   1.00 51.99 ? 119 HOH A O   1 
HETATM 1421 O  O   . HOH B 2 .   ? 13.731  -1.530  12.105  1.00 46.30 ? 120 HOH A O   1 
HETATM 1422 O  O   . HOH B 2 .   ? 7.666   0.472   -1.383  1.00 42.59 ? 121 HOH A O   1 
HETATM 1423 O  O   . HOH B 2 .   ? 4.733   -10.957 -9.409  1.00 33.76 ? 122 HOH A O   1 
HETATM 1424 O  O   . HOH B 2 .   ? 6.952   -12.196 -9.601  1.00 40.62 ? 123 HOH A O   1 
HETATM 1425 O  O   . HOH B 2 .   ? -16.033 7.429   8.363   1.00 37.66 ? 124 HOH A O   1 
HETATM 1426 O  O   . HOH B 2 .   ? -14.728 -3.915  7.487   1.00 39.58 ? 125 HOH A O   1 
HETATM 1427 O  O   . HOH B 2 .   ? -15.872 2.078   -3.906  1.00 44.17 ? 126 HOH A O   1 
HETATM 1428 O  O   . HOH B 2 .   ? -12.225 6.369   14.815  1.00 55.65 ? 127 HOH A O   1 
HETATM 1429 O  O   . HOH B 2 .   ? -8.667  6.427   17.230  1.00 41.48 ? 128 HOH A O   1 
HETATM 1430 O  O   . HOH B 2 .   ? -1.533  8.695   14.860  1.00 50.41 ? 129 HOH A O   1 
HETATM 1431 O  O   . HOH B 2 .   ? -0.558  22.020  13.732  1.00 44.83 ? 130 HOH A O   1 
HETATM 1432 O  O   . HOH B 2 .   ? 0.253   -16.250 8.861   1.00 36.20 ? 131 HOH A O   1 
HETATM 1433 O  O   . HOH B 2 .   ? 11.135  -6.577  13.375  1.00 43.45 ? 132 HOH A O   1 
HETATM 1434 O  O   . HOH B 2 .   ? -15.198 13.031  9.715   1.00 54.24 ? 133 HOH A O   1 
HETATM 1435 O  O   . HOH B 2 .   ? -14.600 4.342   1.069   1.00 36.47 ? 134 HOH A O   1 
HETATM 1436 O  O   . HOH B 2 .   ? -13.561 5.247   -1.079  1.00 43.23 ? 135 HOH A O   1 
HETATM 1437 O  O   . HOH B 2 .   ? 6.239   9.290   -4.218  1.00 46.83 ? 136 HOH A O   1 
HETATM 1438 O  O   . HOH B 2 .   ? 2.556   14.123  15.578  1.00 40.84 ? 137 HOH A O   1 
HETATM 1439 O  O   . HOH B 2 .   ? -0.345  -16.627 6.432   1.00 45.15 ? 138 HOH A O   1 
HETATM 1440 O  O   . HOH B 2 .   ? 2.941   -16.390 3.699   1.00 46.32 ? 139 HOH A O   1 
HETATM 1441 O  O   . HOH B 2 .   ? 18.520  6.206   -6.469  1.00 35.47 ? 140 HOH A O   1 
HETATM 1442 O  O   . HOH B 2 .   ? 16.585  -3.137  -10.999 1.00 39.60 ? 141 HOH A O   1 
HETATM 1443 O  O   . HOH B 2 .   ? -1.541  11.095  16.248  1.00 45.03 ? 142 HOH A O   1 
HETATM 1444 O  O   . HOH B 2 .   ? -4.144  3.495   17.628  1.00 41.44 ? 143 HOH A O   1 
HETATM 1445 O  O   . HOH B 2 .   ? -5.427  16.972  -4.608  1.00 36.85 ? 144 HOH A O   1 
HETATM 1446 O  O   . HOH B 2 .   ? 18.935  1.176   -2.895  1.00 44.73 ? 145 HOH A O   1 
HETATM 1447 O  O   . HOH B 2 .   ? -2.720  0.903   -12.027 1.00 35.76 ? 146 HOH A O   1 
HETATM 1448 O  O   . HOH B 2 .   ? 4.074   9.722   -5.752  1.00 49.97 ? 147 HOH A O   1 
HETATM 1449 O  O   . HOH B 2 .   ? 5.863   -20.156 -15.791 1.00 48.52 ? 148 HOH A O   1 
HETATM 1450 O  O   . HOH B 2 .   ? 11.031  9.153   0.092   1.00 40.81 ? 149 HOH A O   1 
HETATM 1451 O  O   . HOH B 2 .   ? 5.710   -2.142  14.552  1.00 39.38 ? 150 HOH A O   1 
HETATM 1452 O  O   . HOH B 2 .   ? -12.339 -10.240 10.805  1.00 49.18 ? 151 HOH A O   1 
HETATM 1453 O  O   . HOH B 2 .   ? -14.238 -8.029  11.458  1.00 44.43 ? 152 HOH A O   1 
HETATM 1454 O  O   . HOH B 2 .   ? -6.473  0.547   -15.842 1.00 44.87 ? 153 HOH A O   1 
HETATM 1455 O  O   . HOH B 2 .   ? -5.224  3.205   -14.248 1.00 35.05 ? 154 HOH A O   1 
# 
